data_9E9L
# 
_entry.id   9E9L 
# 
_audit_conform.dict_name       mmcif_pdbx.dic 
_audit_conform.dict_version    5.409 
_audit_conform.dict_location   http://mmcif.pdb.org/dictionaries/ascii/mmcif_pdbx.dic 
# 
loop_
_database_2.database_id 
_database_2.database_code 
_database_2.pdbx_database_accession 
_database_2.pdbx_DOI 
PDB   9E9L         pdb_00009e9l 10.2210/pdb9e9l/pdb 
WWPDB D_1000289837 ?            ?                   
# 
loop_
_pdbx_audit_revision_history.ordinal 
_pdbx_audit_revision_history.data_content_type 
_pdbx_audit_revision_history.major_revision 
_pdbx_audit_revision_history.minor_revision 
_pdbx_audit_revision_history.revision_date 
_pdbx_audit_revision_history.part_number 
1 'Structure model' 1 0 2024-12-11 ? 
2 'Structure model' 1 1 2025-12-24 ? 
3 'Structure model' 1 2 2025-12-31 ? 
# 
_pdbx_audit_revision_details.ordinal             1 
_pdbx_audit_revision_details.revision_ordinal    1 
_pdbx_audit_revision_details.data_content_type   'Structure model' 
_pdbx_audit_revision_details.provider            repository 
_pdbx_audit_revision_details.type                'Initial release' 
_pdbx_audit_revision_details.description         ? 
_pdbx_audit_revision_details.details             ? 
# 
loop_
_pdbx_audit_revision_group.ordinal 
_pdbx_audit_revision_group.revision_ordinal 
_pdbx_audit_revision_group.data_content_type 
_pdbx_audit_revision_group.group 
1 2 'Structure model' 'Database references' 
2 3 'Structure model' 'Database references' 
# 
loop_
_pdbx_audit_revision_category.ordinal 
_pdbx_audit_revision_category.revision_ordinal 
_pdbx_audit_revision_category.data_content_type 
_pdbx_audit_revision_category.category 
1 2 'Structure model' citation        
2 2 'Structure model' citation_author 
3 3 'Structure model' citation        
4 3 'Structure model' citation_author 
# 
loop_
_pdbx_audit_revision_item.ordinal 
_pdbx_audit_revision_item.revision_ordinal 
_pdbx_audit_revision_item.data_content_type 
_pdbx_audit_revision_item.item 
1 2 'Structure model' '_citation.country'              
2 2 'Structure model' '_citation.journal_abbrev'       
3 2 'Structure model' '_citation.journal_id_CSD'       
4 2 'Structure model' '_citation.journal_id_ISSN'      
5 2 'Structure model' '_citation.pdbx_database_id_DOI' 
6 2 'Structure model' '_citation.title'                
7 2 'Structure model' '_citation.year'                 
# 
_pdbx_database_status.status_code                     REL 
_pdbx_database_status.status_code_sf                  REL 
_pdbx_database_status.status_code_mr                  ? 
_pdbx_database_status.entry_id                        9E9L 
_pdbx_database_status.recvd_initial_deposition_date   2024-11-08 
_pdbx_database_status.SG_entry                        N 
_pdbx_database_status.deposit_site                    RCSB 
_pdbx_database_status.process_site                    RCSB 
_pdbx_database_status.status_code_cs                  ? 
_pdbx_database_status.status_code_nmr_data            ? 
_pdbx_database_status.methods_development_category    ? 
_pdbx_database_status.pdb_format_compatible           Y 
# 
_pdbx_contact_author.id                 3 
_pdbx_contact_author.email              sean.johnson@usu.edu 
_pdbx_contact_author.name_first         Sean 
_pdbx_contact_author.name_last          Johnson 
_pdbx_contact_author.name_mi            J 
_pdbx_contact_author.role               'principal investigator/group leader' 
_pdbx_contact_author.identifier_ORCID   0000-0001-7992-2494 
# 
loop_
_audit_author.name 
_audit_author.pdbx_ordinal 
_audit_author.identifier_ORCID 
'Denson, J.M.'  1 0000-0001-9616-6969 
'Shen, R.'      2 0000-0003-2670-1035 
'Hengge, A.C.'  3 0000-0002-5696-2087 
'Johnson, S.J.' 4 0000-0001-7992-2494 
# 
loop_
_citation.abstract 
_citation.abstract_id_CAS 
_citation.book_id_ISBN 
_citation.book_publisher 
_citation.book_publisher_city 
_citation.book_title 
_citation.coordinate_linkage 
_citation.country 
_citation.database_id_Medline 
_citation.details 
_citation.id 
_citation.journal_abbrev 
_citation.journal_id_ASTM 
_citation.journal_id_CSD 
_citation.journal_id_ISSN 
_citation.journal_full 
_citation.journal_issue 
_citation.journal_volume 
_citation.language 
_citation.page_first 
_citation.page_last 
_citation.title 
_citation.year 
_citation.database_id_CSD 
_citation.pdbx_database_id_DOI 
_citation.pdbx_database_id_PubMed 
_citation.pdbx_database_id_patent 
_citation.unpublished_flag 
? ? ? ? ? ? ? US ? ? primary Biorxiv   ? ? 2692-8205 ? ? ? ? ? ? 
'Conformational Dynamics and Catalytic Backups in a Hyper-Thermostable Engineered Archaeal Protein Tyrosine Phosphatase.' 2025 ? 
10.1101/2025.03.26.645524 40196513 ? ? 
? ? ? ? ? ? ? US ? ? 1       'Jacs Au' ? ? 2691-3704 ? ? ? ? ? ? 
'Conformational Dynamics and Catalytic Backups in a Hyper-thermostable Engineered Archaeal Protein Tyrosine Phosphatase'  2025 ? 
10.1021/jacsau.5c00756    ?        ? ? 
# 
loop_
_citation_author.citation_id 
_citation_author.name 
_citation_author.ordinal 
_citation_author.identifier_ORCID 
primary 'Yehorova, D.'       1  0000-0002-4091-4945 
primary 'Alansson, N.'       2  0000-0002-7815-9527 
primary 'Shen, R.'           3  0000-0003-2670-1035 
primary 'Denson, J.M.'       4  0000-0001-9616-6969 
primary 'Robinson, M.'       5  0000-0003-3092-3650 
primary 'Risso, V.A.'        6  0000-0001-8262-8843 
primary 'Molina, N.R.'       7  0000-0002-6775-0725 
primary 'Loria, J.P.'        8  ?                   
primary 'Gaucher, E.A.'      9  0000-0001-6836-0828 
primary 'Sanchez-Ruiz, J.M.' 10 0000-0002-8989-0024 
primary 'Hengge, A.C.'       11 0000-0002-5696-2087 
primary 'Johnson, S.J.'      12 0000-0001-7992-2494 
primary 'Kamerlin, S.C.L.'   13 0000-0002-3190-1173 
1       'Yehorova, D.'       14 ?                   
1       'Alansson, N.'       15 ?                   
1       'Shen, R.'           16 ?                   
1       'Denson, J.M.'       17 ?                   
1       'Robinson, M.'       18 ?                   
1       'Risso, V.A.'        19 ?                   
1       'Ramirez Molina, N.' 20 ?                   
1       'Loria, J.P.'        21 ?                   
1       'Gaucher, E.A.'      22 ?                   
1       'Sanchez-Ruiz, J.M.' 23 ?                   
1       'Hengge, A.C.'       24 ?                   
1       'Johnson, S.J.'      25 ?                   
1       'Kamerlin, S.C.L.'   26 ?                   
# 
loop_
_entity.id 
_entity.type 
_entity.src_method 
_entity.pdbx_description 
_entity.formula_weight 
_entity.pdbx_number_of_molecules 
_entity.pdbx_ec 
_entity.pdbx_mutation 
_entity.pdbx_fragment 
_entity.details 
1 polymer     man ShufPTP        17429.184 1  ? ? ? ? 
2 non-polymer syn 'SULFATE ION'  96.063    2  ? ? ? ? 
3 non-polymer syn 'VANADATE ION' 114.939   1  ? ? ? ? 
4 non-polymer syn GLYCEROL       92.094    1  ? ? ? ? 
5 water       nat water          18.015    18 ? ? ? ? 
# 
_entity_poly.entity_id                      1 
_entity_poly.type                           'polypeptide(L)' 
_entity_poly.nstd_linkage                   no 
_entity_poly.nstd_monomer                   yes 
_entity_poly.pdbx_seq_one_letter_code       
;MWPSARFVDDNVAFSRMPTERELDEVAKDFDAVVVLVEEYELPYSLEEWKKRGVEVLHSPIPDFTAPSLEQLLEILRWIE
ARVREGKKVLIH(CSO)MGGLGRSGTVAVAWLMYSKGLPLREALRRVRSLRPGAVETYEQMEVLKELEKFLRSR
;
_entity_poly.pdbx_seq_one_letter_code_can   
;MWPSARFVDDNVAFSRMPTERELDEVAKDFDAVVVLVEEYELPYSLEEWKKRGVEVLHSPIPDFTAPSLEQLLEILRWIE
ARVREGKKVLIHCMGGLGRSGTVAVAWLMYSKGLPLREALRRVRSLRPGAVETYEQMEVLKELEKFLRSR
;
_entity_poly.pdbx_strand_id                 A 
_entity_poly.pdbx_target_identifier         ? 
# 
loop_
_pdbx_entity_nonpoly.entity_id 
_pdbx_entity_nonpoly.name 
_pdbx_entity_nonpoly.comp_id 
2 'SULFATE ION'  SO4 
3 'VANADATE ION' VO4 
4 GLYCEROL       GOL 
5 water          HOH 
# 
loop_
_entity_poly_seq.entity_id 
_entity_poly_seq.num 
_entity_poly_seq.mon_id 
_entity_poly_seq.hetero 
1 1   MET n 
1 2   TRP n 
1 3   PRO n 
1 4   SER n 
1 5   ALA n 
1 6   ARG n 
1 7   PHE n 
1 8   VAL n 
1 9   ASP n 
1 10  ASP n 
1 11  ASN n 
1 12  VAL n 
1 13  ALA n 
1 14  PHE n 
1 15  SER n 
1 16  ARG n 
1 17  MET n 
1 18  PRO n 
1 19  THR n 
1 20  GLU n 
1 21  ARG n 
1 22  GLU n 
1 23  LEU n 
1 24  ASP n 
1 25  GLU n 
1 26  VAL n 
1 27  ALA n 
1 28  LYS n 
1 29  ASP n 
1 30  PHE n 
1 31  ASP n 
1 32  ALA n 
1 33  VAL n 
1 34  VAL n 
1 35  VAL n 
1 36  LEU n 
1 37  VAL n 
1 38  GLU n 
1 39  GLU n 
1 40  TYR n 
1 41  GLU n 
1 42  LEU n 
1 43  PRO n 
1 44  TYR n 
1 45  SER n 
1 46  LEU n 
1 47  GLU n 
1 48  GLU n 
1 49  TRP n 
1 50  LYS n 
1 51  LYS n 
1 52  ARG n 
1 53  GLY n 
1 54  VAL n 
1 55  GLU n 
1 56  VAL n 
1 57  LEU n 
1 58  HIS n 
1 59  SER n 
1 60  PRO n 
1 61  ILE n 
1 62  PRO n 
1 63  ASP n 
1 64  PHE n 
1 65  THR n 
1 66  ALA n 
1 67  PRO n 
1 68  SER n 
1 69  LEU n 
1 70  GLU n 
1 71  GLN n 
1 72  LEU n 
1 73  LEU n 
1 74  GLU n 
1 75  ILE n 
1 76  LEU n 
1 77  ARG n 
1 78  TRP n 
1 79  ILE n 
1 80  GLU n 
1 81  ALA n 
1 82  ARG n 
1 83  VAL n 
1 84  ARG n 
1 85  GLU n 
1 86  GLY n 
1 87  LYS n 
1 88  LYS n 
1 89  VAL n 
1 90  LEU n 
1 91  ILE n 
1 92  HIS n 
1 93  CSO n 
1 94  MET n 
1 95  GLY n 
1 96  GLY n 
1 97  LEU n 
1 98  GLY n 
1 99  ARG n 
1 100 SER n 
1 101 GLY n 
1 102 THR n 
1 103 VAL n 
1 104 ALA n 
1 105 VAL n 
1 106 ALA n 
1 107 TRP n 
1 108 LEU n 
1 109 MET n 
1 110 TYR n 
1 111 SER n 
1 112 LYS n 
1 113 GLY n 
1 114 LEU n 
1 115 PRO n 
1 116 LEU n 
1 117 ARG n 
1 118 GLU n 
1 119 ALA n 
1 120 LEU n 
1 121 ARG n 
1 122 ARG n 
1 123 VAL n 
1 124 ARG n 
1 125 SER n 
1 126 LEU n 
1 127 ARG n 
1 128 PRO n 
1 129 GLY n 
1 130 ALA n 
1 131 VAL n 
1 132 GLU n 
1 133 THR n 
1 134 TYR n 
1 135 GLU n 
1 136 GLN n 
1 137 MET n 
1 138 GLU n 
1 139 VAL n 
1 140 LEU n 
1 141 LYS n 
1 142 GLU n 
1 143 LEU n 
1 144 GLU n 
1 145 LYS n 
1 146 PHE n 
1 147 LEU n 
1 148 ARG n 
1 149 SER n 
1 150 ARG n 
# 
_entity_src_gen.entity_id                          1 
_entity_src_gen.pdbx_src_id                        1 
_entity_src_gen.pdbx_alt_source_flag               sample 
_entity_src_gen.pdbx_seq_type                      'Biological sequence' 
_entity_src_gen.pdbx_beg_seq_num                   1 
_entity_src_gen.pdbx_end_seq_num                   150 
_entity_src_gen.gene_src_common_name               ? 
_entity_src_gen.gene_src_genus                     ? 
_entity_src_gen.pdbx_gene_src_gene                 ? 
_entity_src_gen.gene_src_species                   ? 
_entity_src_gen.gene_src_strain                    ? 
_entity_src_gen.gene_src_tissue                    ? 
_entity_src_gen.gene_src_tissue_fraction           ? 
_entity_src_gen.gene_src_details                   ? 
_entity_src_gen.pdbx_gene_src_fragment             ? 
_entity_src_gen.pdbx_gene_src_scientific_name      'synthetic construct' 
_entity_src_gen.pdbx_gene_src_ncbi_taxonomy_id     32630 
_entity_src_gen.pdbx_gene_src_variant              ? 
_entity_src_gen.pdbx_gene_src_cell_line            ? 
_entity_src_gen.pdbx_gene_src_atcc                 ? 
_entity_src_gen.pdbx_gene_src_organ                ? 
_entity_src_gen.pdbx_gene_src_organelle            ? 
_entity_src_gen.pdbx_gene_src_cell                 ? 
_entity_src_gen.pdbx_gene_src_cellular_location    ? 
_entity_src_gen.host_org_common_name               ? 
_entity_src_gen.pdbx_host_org_scientific_name      'Escherichia coli' 
_entity_src_gen.pdbx_host_org_ncbi_taxonomy_id     562 
_entity_src_gen.host_org_genus                     ? 
_entity_src_gen.pdbx_host_org_gene                 ? 
_entity_src_gen.pdbx_host_org_organ                ? 
_entity_src_gen.host_org_species                   ? 
_entity_src_gen.pdbx_host_org_tissue               ? 
_entity_src_gen.pdbx_host_org_tissue_fraction      ? 
_entity_src_gen.pdbx_host_org_strain               ? 
_entity_src_gen.pdbx_host_org_variant              ? 
_entity_src_gen.pdbx_host_org_cell_line            ? 
_entity_src_gen.pdbx_host_org_atcc                 ? 
_entity_src_gen.pdbx_host_org_culture_collection   ? 
_entity_src_gen.pdbx_host_org_cell                 ? 
_entity_src_gen.pdbx_host_org_organelle            ? 
_entity_src_gen.pdbx_host_org_cellular_location    ? 
_entity_src_gen.pdbx_host_org_vector_type          ? 
_entity_src_gen.pdbx_host_org_vector               ? 
_entity_src_gen.host_org_details                   ? 
_entity_src_gen.expression_system_id               ? 
_entity_src_gen.plasmid_name                       ? 
_entity_src_gen.plasmid_details                    ? 
_entity_src_gen.pdbx_description                   ? 
# 
loop_
_chem_comp.id 
_chem_comp.type 
_chem_comp.mon_nstd_flag 
_chem_comp.name 
_chem_comp.pdbx_synonyms 
_chem_comp.formula 
_chem_comp.formula_weight 
ALA 'L-peptide linking' y ALANINE           ?                               'C3 H7 N O2'     89.093  
ARG 'L-peptide linking' y ARGININE          ?                               'C6 H15 N4 O2 1' 175.209 
ASN 'L-peptide linking' y ASPARAGINE        ?                               'C4 H8 N2 O3'    132.118 
ASP 'L-peptide linking' y 'ASPARTIC ACID'   ?                               'C4 H7 N O4'     133.103 
CSO 'L-peptide linking' n S-HYDROXYCYSTEINE ?                               'C3 H7 N O3 S'   137.158 
GLN 'L-peptide linking' y GLUTAMINE         ?                               'C5 H10 N2 O3'   146.144 
GLU 'L-peptide linking' y 'GLUTAMIC ACID'   ?                               'C5 H9 N O4'     147.129 
GLY 'peptide linking'   y GLYCINE           ?                               'C2 H5 N O2'     75.067  
GOL non-polymer         . GLYCEROL          'GLYCERIN; PROPANE-1,2,3-TRIOL' 'C3 H8 O3'       92.094  
HIS 'L-peptide linking' y HISTIDINE         ?                               'C6 H10 N3 O2 1' 156.162 
HOH non-polymer         . WATER             ?                               'H2 O'           18.015  
ILE 'L-peptide linking' y ISOLEUCINE        ?                               'C6 H13 N O2'    131.173 
LEU 'L-peptide linking' y LEUCINE           ?                               'C6 H13 N O2'    131.173 
LYS 'L-peptide linking' y LYSINE            ?                               'C6 H15 N2 O2 1' 147.195 
MET 'L-peptide linking' y METHIONINE        ?                               'C5 H11 N O2 S'  149.211 
PHE 'L-peptide linking' y PHENYLALANINE     ?                               'C9 H11 N O2'    165.189 
PRO 'L-peptide linking' y PROLINE           ?                               'C5 H9 N O2'     115.130 
SER 'L-peptide linking' y SERINE            ?                               'C3 H7 N O3'     105.093 
SO4 non-polymer         . 'SULFATE ION'     ?                               'O4 S -2'        96.063  
THR 'L-peptide linking' y THREONINE         ?                               'C4 H9 N O3'     119.119 
TRP 'L-peptide linking' y TRYPTOPHAN        ?                               'C11 H12 N2 O2'  204.225 
TYR 'L-peptide linking' y TYROSINE          ?                               'C9 H11 N O3'    181.189 
VAL 'L-peptide linking' y VALINE            ?                               'C5 H11 N O2'    117.146 
VO4 non-polymer         . 'VANADATE ION'    ?                               'O4 V -3'        114.939 
# 
loop_
_pdbx_poly_seq_scheme.asym_id 
_pdbx_poly_seq_scheme.entity_id 
_pdbx_poly_seq_scheme.seq_id 
_pdbx_poly_seq_scheme.mon_id 
_pdbx_poly_seq_scheme.ndb_seq_num 
_pdbx_poly_seq_scheme.pdb_seq_num 
_pdbx_poly_seq_scheme.auth_seq_num 
_pdbx_poly_seq_scheme.pdb_mon_id 
_pdbx_poly_seq_scheme.auth_mon_id 
_pdbx_poly_seq_scheme.pdb_strand_id 
_pdbx_poly_seq_scheme.pdb_ins_code 
_pdbx_poly_seq_scheme.hetero 
A 1 1   MET 1   1   1   MET MET A . n 
A 1 2   TRP 2   2   2   TRP TRP A . n 
A 1 3   PRO 3   3   3   PRO PRO A . n 
A 1 4   SER 4   4   4   SER SER A . n 
A 1 5   ALA 5   5   5   ALA ALA A . n 
A 1 6   ARG 6   6   6   ARG ARG A . n 
A 1 7   PHE 7   7   7   PHE PHE A . n 
A 1 8   VAL 8   8   8   VAL VAL A . n 
A 1 9   ASP 9   9   9   ASP ASP A . n 
A 1 10  ASP 10  10  10  ASP ASP A . n 
A 1 11  ASN 11  11  11  ASN ASN A . n 
A 1 12  VAL 12  12  12  VAL VAL A . n 
A 1 13  ALA 13  13  13  ALA ALA A . n 
A 1 14  PHE 14  14  14  PHE PHE A . n 
A 1 15  SER 15  15  15  SER SER A . n 
A 1 16  ARG 16  16  16  ARG ARG A . n 
A 1 17  MET 17  17  17  MET MET A . n 
A 1 18  PRO 18  18  18  PRO PRO A . n 
A 1 19  THR 19  19  19  THR THR A . n 
A 1 20  GLU 20  20  20  GLU GLU A . n 
A 1 21  ARG 21  21  21  ARG ARG A . n 
A 1 22  GLU 22  22  22  GLU GLU A . n 
A 1 23  LEU 23  23  23  LEU LEU A . n 
A 1 24  ASP 24  24  24  ASP ASP A . n 
A 1 25  GLU 25  25  25  GLU GLU A . n 
A 1 26  VAL 26  26  26  VAL VAL A . n 
A 1 27  ALA 27  27  27  ALA ALA A . n 
A 1 28  LYS 28  28  28  LYS LYS A . n 
A 1 29  ASP 29  29  29  ASP ASP A . n 
A 1 30  PHE 30  30  30  PHE PHE A . n 
A 1 31  ASP 31  31  31  ASP ASP A . n 
A 1 32  ALA 32  32  32  ALA ALA A . n 
A 1 33  VAL 33  33  33  VAL VAL A . n 
A 1 34  VAL 34  34  34  VAL VAL A . n 
A 1 35  VAL 35  35  35  VAL VAL A . n 
A 1 36  LEU 36  36  36  LEU LEU A . n 
A 1 37  VAL 37  37  37  VAL VAL A . n 
A 1 38  GLU 38  38  38  GLU GLU A . n 
A 1 39  GLU 39  39  39  GLU GLU A . n 
A 1 40  TYR 40  40  40  TYR TYR A . n 
A 1 41  GLU 41  41  41  GLU GLU A . n 
A 1 42  LEU 42  42  42  LEU LEU A . n 
A 1 43  PRO 43  43  43  PRO PRO A . n 
A 1 44  TYR 44  44  44  TYR TYR A . n 
A 1 45  SER 45  45  45  SER SER A . n 
A 1 46  LEU 46  46  46  LEU LEU A . n 
A 1 47  GLU 47  47  47  GLU GLU A . n 
A 1 48  GLU 48  48  48  GLU GLU A . n 
A 1 49  TRP 49  49  49  TRP TRP A . n 
A 1 50  LYS 50  50  50  LYS LYS A . n 
A 1 51  LYS 51  51  51  LYS LYS A . n 
A 1 52  ARG 52  52  52  ARG ARG A . n 
A 1 53  GLY 53  53  53  GLY GLY A . n 
A 1 54  VAL 54  54  54  VAL VAL A . n 
A 1 55  GLU 55  55  55  GLU GLU A . n 
A 1 56  VAL 56  56  56  VAL VAL A . n 
A 1 57  LEU 57  57  57  LEU LEU A . n 
A 1 58  HIS 58  58  58  HIS HIS A . n 
A 1 59  SER 59  59  59  SER SER A . n 
A 1 60  PRO 60  60  60  PRO PRO A . n 
A 1 61  ILE 61  61  61  ILE ILE A . n 
A 1 62  PRO 62  62  62  PRO PRO A . n 
A 1 63  ASP 63  63  63  ASP ASP A . n 
A 1 64  PHE 64  64  64  PHE PHE A . n 
A 1 65  THR 65  65  65  THR THR A . n 
A 1 66  ALA 66  66  66  ALA ALA A . n 
A 1 67  PRO 67  67  67  PRO PRO A . n 
A 1 68  SER 68  68  68  SER SER A . n 
A 1 69  LEU 69  69  69  LEU LEU A . n 
A 1 70  GLU 70  70  70  GLU GLU A . n 
A 1 71  GLN 71  71  71  GLN GLN A . n 
A 1 72  LEU 72  72  72  LEU LEU A . n 
A 1 73  LEU 73  73  73  LEU LEU A . n 
A 1 74  GLU 74  74  74  GLU GLU A . n 
A 1 75  ILE 75  75  75  ILE ILE A . n 
A 1 76  LEU 76  76  76  LEU LEU A . n 
A 1 77  ARG 77  77  77  ARG ARG A . n 
A 1 78  TRP 78  78  78  TRP TRP A . n 
A 1 79  ILE 79  79  79  ILE ILE A . n 
A 1 80  GLU 80  80  80  GLU GLU A . n 
A 1 81  ALA 81  81  81  ALA ALA A . n 
A 1 82  ARG 82  82  82  ARG ARG A . n 
A 1 83  VAL 83  83  83  VAL VAL A . n 
A 1 84  ARG 84  84  84  ARG ARG A . n 
A 1 85  GLU 85  85  85  GLU GLU A . n 
A 1 86  GLY 86  86  86  GLY GLY A . n 
A 1 87  LYS 87  87  87  LYS LYS A . n 
A 1 88  LYS 88  88  88  LYS LYS A . n 
A 1 89  VAL 89  89  89  VAL VAL A . n 
A 1 90  LEU 90  90  90  LEU LEU A . n 
A 1 91  ILE 91  91  91  ILE ILE A . n 
A 1 92  HIS 92  92  92  HIS HIS A . n 
A 1 93  CSO 93  93  93  CSO CSO A . n 
A 1 94  MET 94  94  94  MET MET A . n 
A 1 95  GLY 95  95  95  GLY GLY A . n 
A 1 96  GLY 96  96  96  GLY GLY A . n 
A 1 97  LEU 97  97  97  LEU LEU A . n 
A 1 98  GLY 98  98  98  GLY GLY A . n 
A 1 99  ARG 99  99  99  ARG ARG A . n 
A 1 100 SER 100 100 100 SER SER A . n 
A 1 101 GLY 101 101 101 GLY GLY A . n 
A 1 102 THR 102 102 102 THR THR A . n 
A 1 103 VAL 103 103 103 VAL VAL A . n 
A 1 104 ALA 104 104 104 ALA ALA A . n 
A 1 105 VAL 105 105 105 VAL VAL A . n 
A 1 106 ALA 106 106 106 ALA ALA A . n 
A 1 107 TRP 107 107 107 TRP TRP A . n 
A 1 108 LEU 108 108 108 LEU LEU A . n 
A 1 109 MET 109 109 109 MET MET A . n 
A 1 110 TYR 110 110 110 TYR TYR A . n 
A 1 111 SER 111 111 111 SER SER A . n 
A 1 112 LYS 112 112 112 LYS LYS A . n 
A 1 113 GLY 113 113 113 GLY GLY A . n 
A 1 114 LEU 114 114 114 LEU LEU A . n 
A 1 115 PRO 115 115 115 PRO PRO A . n 
A 1 116 LEU 116 116 116 LEU LEU A . n 
A 1 117 ARG 117 117 117 ARG ARG A . n 
A 1 118 GLU 118 118 118 GLU GLU A . n 
A 1 119 ALA 119 119 119 ALA ALA A . n 
A 1 120 LEU 120 120 120 LEU LEU A . n 
A 1 121 ARG 121 121 121 ARG ARG A . n 
A 1 122 ARG 122 122 122 ARG ARG A . n 
A 1 123 VAL 123 123 123 VAL VAL A . n 
A 1 124 ARG 124 124 124 ARG ARG A . n 
A 1 125 SER 125 125 125 SER SER A . n 
A 1 126 LEU 126 126 126 LEU LEU A . n 
A 1 127 ARG 127 127 127 ARG ARG A . n 
A 1 128 PRO 128 128 128 PRO PRO A . n 
A 1 129 GLY 129 129 129 GLY GLY A . n 
A 1 130 ALA 130 130 130 ALA ALA A . n 
A 1 131 VAL 131 131 131 VAL VAL A . n 
A 1 132 GLU 132 132 132 GLU GLU A . n 
A 1 133 THR 133 133 133 THR THR A . n 
A 1 134 TYR 134 134 134 TYR TYR A . n 
A 1 135 GLU 135 135 135 GLU GLU A . n 
A 1 136 GLN 136 136 136 GLN GLN A . n 
A 1 137 MET 137 137 137 MET MET A . n 
A 1 138 GLU 138 138 138 GLU GLU A . n 
A 1 139 VAL 139 139 139 VAL VAL A . n 
A 1 140 LEU 140 140 140 LEU LEU A . n 
A 1 141 LYS 141 141 141 LYS LYS A . n 
A 1 142 GLU 142 142 142 GLU GLU A . n 
A 1 143 LEU 143 143 143 LEU LEU A . n 
A 1 144 GLU 144 144 144 GLU GLU A . n 
A 1 145 LYS 145 145 145 LYS LYS A . n 
A 1 146 PHE 146 146 146 PHE PHE A . n 
A 1 147 LEU 147 147 147 LEU LEU A . n 
A 1 148 ARG 148 148 148 ARG ARG A . n 
A 1 149 SER 149 149 149 SER SER A . n 
A 1 150 ARG 150 150 ?   ?   ?   A . n 
# 
loop_
_pdbx_entity_instance_feature.ordinal 
_pdbx_entity_instance_feature.comp_id 
_pdbx_entity_instance_feature.asym_id 
_pdbx_entity_instance_feature.seq_num 
_pdbx_entity_instance_feature.auth_comp_id 
_pdbx_entity_instance_feature.auth_asym_id 
_pdbx_entity_instance_feature.auth_seq_num 
_pdbx_entity_instance_feature.feature_type 
_pdbx_entity_instance_feature.details 
1 VO4 ? ? VO4 ? ? 'SUBJECT OF INVESTIGATION' ? 
2 CSO ? ? CSO ? ? 'SUBJECT OF INVESTIGATION' ? 
# 
loop_
_pdbx_nonpoly_scheme.asym_id 
_pdbx_nonpoly_scheme.entity_id 
_pdbx_nonpoly_scheme.mon_id 
_pdbx_nonpoly_scheme.ndb_seq_num 
_pdbx_nonpoly_scheme.pdb_seq_num 
_pdbx_nonpoly_scheme.auth_seq_num 
_pdbx_nonpoly_scheme.pdb_mon_id 
_pdbx_nonpoly_scheme.auth_mon_id 
_pdbx_nonpoly_scheme.pdb_strand_id 
_pdbx_nonpoly_scheme.pdb_ins_code 
B 2 SO4 1  201 1  SO4 SO4 A . 
C 2 SO4 1  202 2  SO4 SO4 A . 
D 3 VO4 1  203 3  VO4 VO4 A . 
E 4 GOL 1  204 4  GOL GOL A . 
F 5 HOH 1  301 11 HOH HOH A . 
F 5 HOH 2  302 9  HOH HOH A . 
F 5 HOH 3  303 15 HOH HOH A . 
F 5 HOH 4  304 1  HOH HOH A . 
F 5 HOH 5  305 4  HOH HOH A . 
F 5 HOH 6  306 3  HOH HOH A . 
F 5 HOH 7  307 10 HOH HOH A . 
F 5 HOH 8  308 2  HOH HOH A . 
F 5 HOH 9  309 8  HOH HOH A . 
F 5 HOH 10 310 5  HOH HOH A . 
F 5 HOH 11 311 13 HOH HOH A . 
F 5 HOH 12 312 17 HOH HOH A . 
F 5 HOH 13 313 7  HOH HOH A . 
F 5 HOH 14 314 6  HOH HOH A . 
F 5 HOH 15 315 19 HOH HOH A . 
F 5 HOH 16 316 18 HOH HOH A . 
F 5 HOH 17 317 16 HOH HOH A . 
F 5 HOH 18 318 14 HOH HOH A . 
# 
loop_
_pdbx_unobs_or_zero_occ_atoms.id 
_pdbx_unobs_or_zero_occ_atoms.PDB_model_num 
_pdbx_unobs_or_zero_occ_atoms.polymer_flag 
_pdbx_unobs_or_zero_occ_atoms.occupancy_flag 
_pdbx_unobs_or_zero_occ_atoms.auth_asym_id 
_pdbx_unobs_or_zero_occ_atoms.auth_comp_id 
_pdbx_unobs_or_zero_occ_atoms.auth_seq_id 
_pdbx_unobs_or_zero_occ_atoms.PDB_ins_code 
_pdbx_unobs_or_zero_occ_atoms.auth_atom_id 
_pdbx_unobs_or_zero_occ_atoms.label_alt_id 
_pdbx_unobs_or_zero_occ_atoms.label_asym_id 
_pdbx_unobs_or_zero_occ_atoms.label_comp_id 
_pdbx_unobs_or_zero_occ_atoms.label_seq_id 
_pdbx_unobs_or_zero_occ_atoms.label_atom_id 
1  1 Y 1 A ARG 21  ? CG  ? A ARG 21  CG  
2  1 Y 1 A ARG 21  ? CD  ? A ARG 21  CD  
3  1 Y 1 A ARG 21  ? NE  ? A ARG 21  NE  
4  1 Y 1 A ARG 21  ? CZ  ? A ARG 21  CZ  
5  1 Y 1 A ARG 21  ? NH1 ? A ARG 21  NH1 
6  1 Y 1 A ARG 21  ? NH2 ? A ARG 21  NH2 
7  1 Y 1 A GLU 39  ? OE1 ? A GLU 39  OE1 
8  1 Y 1 A TYR 40  ? OH  ? A TYR 40  OH  
9  1 Y 1 A GLU 70  ? CG  ? A GLU 70  CG  
10 1 Y 1 A GLU 70  ? CD  ? A GLU 70  CD  
11 1 Y 1 A GLU 70  ? OE1 ? A GLU 70  OE1 
12 1 Y 1 A GLU 70  ? OE2 ? A GLU 70  OE2 
13 1 Y 1 A ARG 77  ? CD  ? A ARG 77  CD  
14 1 Y 1 A ARG 77  ? NE  ? A ARG 77  NE  
15 1 Y 1 A ARG 77  ? CZ  ? A ARG 77  CZ  
16 1 Y 1 A ARG 77  ? NH1 ? A ARG 77  NH1 
17 1 Y 1 A ARG 77  ? NH2 ? A ARG 77  NH2 
18 1 Y 1 A GLU 132 ? OE1 ? A GLU 132 OE1 
19 1 Y 1 A GLU 132 ? OE2 ? A GLU 132 OE2 
20 1 Y 1 A LYS 145 ? CG  ? A LYS 145 CG  
21 1 Y 1 A LYS 145 ? CD  ? A LYS 145 CD  
22 1 Y 1 A LYS 145 ? CE  ? A LYS 145 CE  
23 1 Y 1 A LYS 145 ? NZ  ? A LYS 145 NZ  
# 
loop_
_software.citation_id 
_software.classification 
_software.compiler_name 
_software.compiler_version 
_software.contact_author 
_software.contact_author_email 
_software.date 
_software.description 
_software.dependencies 
_software.hardware 
_software.language 
_software.location 
_software.mods 
_software.name 
_software.os 
_software.os_version 
_software.type 
_software.version 
_software.pdbx_ordinal 
? 'data extraction' ? ? ? ? ? ? ? ? ? ? ? PDB_EXTRACT ? ? ? .           1 
? refinement        ? ? ? ? ? ? ? ? ? ? ? PHENIX      ? ? ? 1.20.1_4487 2 
? 'data scaling'    ? ? ? ? ? ? ? ? ? ? ? HKL-3000    ? ? ? .           3 
? 'data reduction'  ? ? ? ? ? ? ? ? ? ? ? HKL-3000    ? ? ? .           4 
? phasing           ? ? ? ? ? ? ? ? ? ? ? PHASER      ? ? ? .           5 
# 
_cell.angle_alpha                  90.000 
_cell.angle_alpha_esd              ? 
_cell.angle_beta                   90.000 
_cell.angle_beta_esd               ? 
_cell.angle_gamma                  120.000 
_cell.angle_gamma_esd              ? 
_cell.entry_id                     9E9L 
_cell.details                      ? 
_cell.formula_units_Z              ? 
_cell.length_a                     85.718 
_cell.length_a_esd                 ? 
_cell.length_b                     85.718 
_cell.length_b_esd                 ? 
_cell.length_c                     32.374 
_cell.length_c_esd                 ? 
_cell.volume                       206001.818 
_cell.volume_esd                   ? 
_cell.Z_PDB                        6 
_cell.reciprocal_angle_alpha       ? 
_cell.reciprocal_angle_beta        ? 
_cell.reciprocal_angle_gamma       ? 
_cell.reciprocal_angle_alpha_esd   ? 
_cell.reciprocal_angle_beta_esd    ? 
_cell.reciprocal_angle_gamma_esd   ? 
_cell.reciprocal_length_a          ? 
_cell.reciprocal_length_b          ? 
_cell.reciprocal_length_c          ? 
_cell.reciprocal_length_a_esd      ? 
_cell.reciprocal_length_b_esd      ? 
_cell.reciprocal_length_c_esd      ? 
_cell.pdbx_unique_axis             ? 
_cell.pdbx_esd_method              ? 
# 
_symmetry.entry_id                         9E9L 
_symmetry.cell_setting                     ? 
_symmetry.Int_Tables_number                169 
_symmetry.space_group_name_Hall            'P 61' 
_symmetry.space_group_name_H-M             'P 61' 
_symmetry.pdbx_full_space_group_name_H-M   ? 
# 
_exptl.absorpt_coefficient_mu     ? 
_exptl.absorpt_correction_T_max   ? 
_exptl.absorpt_correction_T_min   ? 
_exptl.absorpt_correction_type    ? 
_exptl.absorpt_process_details    ? 
_exptl.entry_id                   9E9L 
_exptl.crystals_number            1 
_exptl.details                    ? 
_exptl.method                     'X-RAY DIFFRACTION' 
_exptl.method_details             ? 
# 
_exptl_crystal.colour                       ? 
_exptl_crystal.density_diffrn               ? 
_exptl_crystal.density_Matthews             2.03 
_exptl_crystal.density_method               ? 
_exptl_crystal.density_percent_sol          39.6 
_exptl_crystal.description                  ? 
_exptl_crystal.F_000                        ? 
_exptl_crystal.id                           1 
_exptl_crystal.preparation                  ? 
_exptl_crystal.size_max                     ? 
_exptl_crystal.size_mid                     ? 
_exptl_crystal.size_min                     ? 
_exptl_crystal.size_rad                     ? 
_exptl_crystal.colour_lustre                ? 
_exptl_crystal.colour_modifier              ? 
_exptl_crystal.colour_primary               ? 
_exptl_crystal.density_meas                 ? 
_exptl_crystal.density_meas_esd             ? 
_exptl_crystal.density_meas_gt              ? 
_exptl_crystal.density_meas_lt              ? 
_exptl_crystal.density_meas_temp            ? 
_exptl_crystal.density_meas_temp_esd        ? 
_exptl_crystal.density_meas_temp_gt         ? 
_exptl_crystal.density_meas_temp_lt         ? 
_exptl_crystal.pdbx_crystal_image_url       ? 
_exptl_crystal.pdbx_crystal_image_format    ? 
_exptl_crystal.pdbx_mosaicity               ? 
_exptl_crystal.pdbx_mosaicity_esd           ? 
_exptl_crystal.pdbx_mosaic_method           ? 
_exptl_crystal.pdbx_mosaic_block_size       ? 
_exptl_crystal.pdbx_mosaic_block_size_esd   ? 
# 
_exptl_crystal_grow.apparatus       ? 
_exptl_crystal_grow.atmosphere      ? 
_exptl_crystal_grow.crystal_id      1 
_exptl_crystal_grow.details         ? 
_exptl_crystal_grow.method          'VAPOR DIFFUSION, HANGING DROP' 
_exptl_crystal_grow.method_ref      ? 
_exptl_crystal_grow.pH              10.5 
_exptl_crystal_grow.pressure        ? 
_exptl_crystal_grow.pressure_esd    ? 
_exptl_crystal_grow.seeding         ? 
_exptl_crystal_grow.seeding_ref     ? 
_exptl_crystal_grow.temp_details    ? 
_exptl_crystal_grow.temp_esd        ? 
_exptl_crystal_grow.time            ? 
_exptl_crystal_grow.pdbx_details    
;8 mg/mL protein, 0.1 M CAPS, 30% PEG 400, 5 mM sodium metavanadate at a 1:1:0.2 protein/well/additive screen. The additive screen contains 0.2 M (NH4)2SO4, 20-30% PEG 4000, and 10-35% glycerol.
;
_exptl_crystal_grow.pdbx_pH_range   ? 
_exptl_crystal_grow.temp            298.15 
# 
_diffrn.ambient_environment              ? 
_diffrn.ambient_temp                     100 
_diffrn.ambient_temp_details             ? 
_diffrn.ambient_temp_esd                 ? 
_diffrn.crystal_id                       1 
_diffrn.crystal_support                  ? 
_diffrn.crystal_treatment                ? 
_diffrn.details                          ? 
_diffrn.id                               1 
_diffrn.ambient_pressure                 ? 
_diffrn.ambient_pressure_esd             ? 
_diffrn.ambient_pressure_gt              ? 
_diffrn.ambient_pressure_lt              ? 
_diffrn.ambient_temp_gt                  ? 
_diffrn.ambient_temp_lt                  ? 
_diffrn.pdbx_serial_crystal_experiment   N 
# 
_diffrn_detector.details                      ? 
_diffrn_detector.detector                     PIXEL 
_diffrn_detector.diffrn_id                    1 
_diffrn_detector.type                         'DECTRIS PILATUS3 6M' 
_diffrn_detector.area_resol_mean              ? 
_diffrn_detector.dtime                        ? 
_diffrn_detector.pdbx_frames_total            ? 
_diffrn_detector.pdbx_collection_time_total   ? 
_diffrn_detector.pdbx_collection_date         2021-05-15 
_diffrn_detector.pdbx_frequency               ? 
_diffrn_detector.id                           ? 
_diffrn_detector.number_of_axes               ? 
# 
_diffrn_radiation.collimation                      ? 
_diffrn_radiation.diffrn_id                        1 
_diffrn_radiation.filter_edge                      ? 
_diffrn_radiation.inhomogeneity                    ? 
_diffrn_radiation.monochromator                    M 
_diffrn_radiation.polarisn_norm                    ? 
_diffrn_radiation.polarisn_ratio                   ? 
_diffrn_radiation.probe                            ? 
_diffrn_radiation.type                             ? 
_diffrn_radiation.xray_symbol                      ? 
_diffrn_radiation.wavelength_id                    1 
_diffrn_radiation.pdbx_monochromatic_or_laue_m_l   M 
_diffrn_radiation.pdbx_wavelength_list             ? 
_diffrn_radiation.pdbx_wavelength                  ? 
_diffrn_radiation.pdbx_diffrn_protocol             'SINGLE WAVELENGTH' 
_diffrn_radiation.pdbx_analyzer                    ? 
_diffrn_radiation.pdbx_scattering_type             x-ray 
# 
_diffrn_radiation_wavelength.id           1 
_diffrn_radiation_wavelength.wavelength   0.97946 
_diffrn_radiation_wavelength.wt           1.0 
# 
_diffrn_source.current                     ? 
_diffrn_source.details                     ? 
_diffrn_source.diffrn_id                   1 
_diffrn_source.power                       ? 
_diffrn_source.size                        ? 
_diffrn_source.source                      SYNCHROTRON 
_diffrn_source.target                      ? 
_diffrn_source.type                        'SSRL BEAMLINE BL9-2' 
_diffrn_source.voltage                     ? 
_diffrn_source.take-off_angle              ? 
_diffrn_source.pdbx_wavelength_list        0.97946 
_diffrn_source.pdbx_wavelength             ? 
_diffrn_source.pdbx_synchrotron_beamline   BL9-2 
_diffrn_source.pdbx_synchrotron_site       SSRL 
# 
_reflns.B_iso_Wilson_estimate                          34.12 
_reflns.entry_id                                       9E9L 
_reflns.data_reduction_details                         ? 
_reflns.data_reduction_method                          ? 
_reflns.d_resolution_high                              2.10 
_reflns.d_resolution_low                               50.00 
_reflns.details                                        ? 
_reflns.limit_h_max                                    ? 
_reflns.limit_h_min                                    ? 
_reflns.limit_k_max                                    ? 
_reflns.limit_k_min                                    ? 
_reflns.limit_l_max                                    ? 
_reflns.limit_l_min                                    ? 
_reflns.number_all                                     ? 
_reflns.number_obs                                     7921 
_reflns.observed_criterion                             ? 
_reflns.observed_criterion_F_max                       ? 
_reflns.observed_criterion_F_min                       ? 
_reflns.observed_criterion_I_max                       ? 
_reflns.observed_criterion_I_min                       ? 
_reflns.observed_criterion_sigma_F                     ? 
_reflns.observed_criterion_sigma_I                     ? 
_reflns.percent_possible_obs                           97.4 
_reflns.R_free_details                                 ? 
_reflns.Rmerge_F_all                                   ? 
_reflns.Rmerge_F_obs                                   ? 
_reflns.Friedel_coverage                               ? 
_reflns.number_gt                                      ? 
_reflns.threshold_expression                           ? 
_reflns.pdbx_redundancy                                14.2 
_reflns.pdbx_netI_over_av_sigmaI                       ? 
_reflns.pdbx_netI_over_sigmaI                          11.0 
_reflns.pdbx_res_netI_over_av_sigmaI_2                 ? 
_reflns.pdbx_res_netI_over_sigmaI_2                    ? 
_reflns.pdbx_chi_squared                               0.993 
_reflns.pdbx_scaling_rejects                           ? 
_reflns.pdbx_d_res_high_opt                            ? 
_reflns.pdbx_d_res_low_opt                             ? 
_reflns.pdbx_d_res_opt_method                          ? 
_reflns.phase_calculation_details                      ? 
_reflns.pdbx_Rrim_I_all                                0.180 
_reflns.pdbx_Rpim_I_all                                0.046 
_reflns.pdbx_d_opt                                     ? 
_reflns.pdbx_number_measured_all                       112232 
_reflns.pdbx_diffrn_id                                 1 
_reflns.pdbx_ordinal                                   1 
_reflns.pdbx_CC_half                                   0.993 
_reflns.pdbx_CC_star                                   0.998 
_reflns.pdbx_R_split                                   ? 
_reflns.pdbx_Rmerge_I_obs                              0.174 
_reflns.pdbx_Rmerge_I_all                              ? 
_reflns.pdbx_Rsym_value                                ? 
_reflns.pdbx_CC_split_method                           ? 
_reflns.pdbx_aniso_diffraction_limit_axis_1_ortho[1]   ? 
_reflns.pdbx_aniso_diffraction_limit_axis_1_ortho[2]   ? 
_reflns.pdbx_aniso_diffraction_limit_axis_1_ortho[3]   ? 
_reflns.pdbx_aniso_diffraction_limit_axis_2_ortho[1]   ? 
_reflns.pdbx_aniso_diffraction_limit_axis_2_ortho[2]   ? 
_reflns.pdbx_aniso_diffraction_limit_axis_2_ortho[3]   ? 
_reflns.pdbx_aniso_diffraction_limit_axis_3_ortho[1]   ? 
_reflns.pdbx_aniso_diffraction_limit_axis_3_ortho[2]   ? 
_reflns.pdbx_aniso_diffraction_limit_axis_3_ortho[3]   ? 
_reflns.pdbx_aniso_diffraction_limit_1                 ? 
_reflns.pdbx_aniso_diffraction_limit_2                 ? 
_reflns.pdbx_aniso_diffraction_limit_3                 ? 
_reflns.pdbx_aniso_B_tensor_eigenvector_1_ortho[1]     ? 
_reflns.pdbx_aniso_B_tensor_eigenvector_1_ortho[2]     ? 
_reflns.pdbx_aniso_B_tensor_eigenvector_1_ortho[3]     ? 
_reflns.pdbx_aniso_B_tensor_eigenvector_2_ortho[1]     ? 
_reflns.pdbx_aniso_B_tensor_eigenvector_2_ortho[2]     ? 
_reflns.pdbx_aniso_B_tensor_eigenvector_2_ortho[3]     ? 
_reflns.pdbx_aniso_B_tensor_eigenvector_3_ortho[1]     ? 
_reflns.pdbx_aniso_B_tensor_eigenvector_3_ortho[2]     ? 
_reflns.pdbx_aniso_B_tensor_eigenvector_3_ortho[3]     ? 
_reflns.pdbx_aniso_B_tensor_eigenvalue_1               ? 
_reflns.pdbx_aniso_B_tensor_eigenvalue_2               ? 
_reflns.pdbx_aniso_B_tensor_eigenvalue_3               ? 
_reflns.pdbx_orthogonalization_convention              ? 
_reflns.pdbx_percent_possible_ellipsoidal              ? 
_reflns.pdbx_percent_possible_spherical                ? 
_reflns.pdbx_percent_possible_ellipsoidal_anomalous    ? 
_reflns.pdbx_percent_possible_spherical_anomalous      ? 
_reflns.pdbx_redundancy_anomalous                      ? 
_reflns.pdbx_CC_half_anomalous                         ? 
_reflns.pdbx_absDiff_over_sigma_anomalous              ? 
_reflns.pdbx_percent_possible_anomalous                ? 
_reflns.pdbx_observed_signal_threshold                 ? 
_reflns.pdbx_signal_type                               ? 
_reflns.pdbx_signal_details                            ? 
_reflns.pdbx_signal_software_id                        ? 
# 
loop_
_reflns_shell.d_res_high 
_reflns_shell.d_res_low 
_reflns_shell.meanI_over_sigI_all 
_reflns_shell.meanI_over_sigI_obs 
_reflns_shell.number_measured_all 
_reflns_shell.number_measured_obs 
_reflns_shell.number_possible 
_reflns_shell.number_unique_all 
_reflns_shell.number_unique_obs 
_reflns_shell.percent_possible_obs 
_reflns_shell.Rmerge_F_all 
_reflns_shell.Rmerge_F_obs 
_reflns_shell.meanI_over_sigI_gt 
_reflns_shell.meanI_over_uI_all 
_reflns_shell.meanI_over_uI_gt 
_reflns_shell.number_measured_gt 
_reflns_shell.number_unique_gt 
_reflns_shell.percent_possible_gt 
_reflns_shell.Rmerge_F_gt 
_reflns_shell.Rmerge_I_gt 
_reflns_shell.pdbx_redundancy 
_reflns_shell.pdbx_chi_squared 
_reflns_shell.pdbx_netI_over_sigmaI_all 
_reflns_shell.pdbx_netI_over_sigmaI_obs 
_reflns_shell.pdbx_Rrim_I_all 
_reflns_shell.pdbx_Rpim_I_all 
_reflns_shell.pdbx_rejects 
_reflns_shell.pdbx_ordinal 
_reflns_shell.pdbx_diffrn_id 
_reflns_shell.pdbx_CC_half 
_reflns_shell.pdbx_CC_star 
_reflns_shell.pdbx_R_split 
_reflns_shell.percent_possible_all 
_reflns_shell.Rmerge_I_all 
_reflns_shell.Rmerge_I_obs 
_reflns_shell.pdbx_Rsym_value 
_reflns_shell.pdbx_percent_possible_ellipsoidal 
_reflns_shell.pdbx_percent_possible_spherical 
_reflns_shell.pdbx_percent_possible_ellipsoidal_anomalous 
_reflns_shell.pdbx_percent_possible_spherical_anomalous 
_reflns_shell.pdbx_redundancy_anomalous 
_reflns_shell.pdbx_CC_half_anomalous 
_reflns_shell.pdbx_absDiff_over_sigma_anomalous 
_reflns_shell.pdbx_percent_possible_anomalous 
2.10 2.18  ? ? ? ? ? ? 694 ? ? ? ? ? ? ? ? ? ? ? 11.1 1.023 ? ? 0.469 0.125 ? 1  1 0.942 0.985 ? 86.1  ? 0.451 ? ? ? ? ? ? ? ? ? 
2.18 2.26  ? ? ? ? ? ? 751 ? ? ? ? ? ? ? ? ? ? ? 11.6 0.965 ? ? 0.422 0.112 ? 2  1 0.956 0.989 ? 93.9  ? 0.406 ? ? ? ? ? ? ? ? ? 
2.26 2.37  ? ? ? ? ? ? 755 ? ? ? ? ? ? ? ? ? ? ? 12.4 0.970 ? ? 0.375 0.097 ? 3  1 0.969 0.992 ? 94.8  ? 0.362 ? ? ? ? ? ? ? ? ? 
2.37 2.49  ? ? ? ? ? ? 813 ? ? ? ? ? ? ? ? ? ? ? 12.0 1.008 ? ? 0.359 0.095 ? 4  1 0.971 0.993 ? 98.9  ? 0.345 ? ? ? ? ? ? ? ? ? 
2.49 2.65  ? ? ? ? ? ? 795 ? ? ? ? ? ? ? ? ? ? ? 14.8 0.998 ? ? 0.307 0.077 ? 5  1 0.977 0.994 ? 100.0 ? 0.297 ? ? ? ? ? ? ? ? ? 
2.65 2.85  ? ? ? ? ? ? 802 ? ? ? ? ? ? ? ? ? ? ? 15.8 0.973 ? ? 0.274 0.068 ? 6  1 0.984 0.996 ? 100.0 ? 0.265 ? ? ? ? ? ? ? ? ? 
2.85 3.14  ? ? ? ? ? ? 807 ? ? ? ? ? ? ? ? ? ? ? 15.9 0.978 ? ? 0.232 0.057 ? 7  1 0.983 0.996 ? 100.0 ? 0.225 ? ? ? ? ? ? ? ? ? 
3.14 3.59  ? ? ? ? ? ? 830 ? ? ? ? ? ? ? ? ? ? ? 15.6 0.992 ? ? 0.191 0.048 ? 8  1 0.991 0.998 ? 100.0 ? 0.184 ? ? ? ? ? ? ? ? ? 
3.59 4.52  ? ? ? ? ? ? 814 ? ? ? ? ? ? ? ? ? ? ? 16.1 1.028 ? ? 0.156 0.039 ? 9  1 0.989 0.997 ? 100.0 ? 0.150 ? ? ? ? ? ? ? ? ? 
4.52 50.00 ? ? ? ? ? ? 860 ? ? ? ? ? ? ? ? ? ? ? 15.6 0.993 ? ? 0.147 0.038 ? 10 1 0.988 0.997 ? 100.0 ? 0.142 ? ? ? ? ? ? ? ? ? 
# 
_refine.aniso_B[1][1]                            ? 
_refine.aniso_B[1][2]                            ? 
_refine.aniso_B[1][3]                            ? 
_refine.aniso_B[2][2]                            ? 
_refine.aniso_B[2][3]                            ? 
_refine.aniso_B[3][3]                            ? 
_refine.B_iso_max                                ? 
_refine.B_iso_mean                               37.38 
_refine.B_iso_min                                ? 
_refine.correlation_coeff_Fo_to_Fc               ? 
_refine.correlation_coeff_Fo_to_Fc_free          ? 
_refine.details                                  ? 
_refine.diff_density_max                         ? 
_refine.diff_density_max_esd                     ? 
_refine.diff_density_min                         ? 
_refine.diff_density_min_esd                     ? 
_refine.diff_density_rms                         ? 
_refine.diff_density_rms_esd                     ? 
_refine.entry_id                                 9E9L 
_refine.pdbx_refine_id                           'X-RAY DIFFRACTION' 
_refine.ls_abs_structure_details                 ? 
_refine.ls_abs_structure_Flack                   ? 
_refine.ls_abs_structure_Flack_esd               ? 
_refine.ls_abs_structure_Rogers                  ? 
_refine.ls_abs_structure_Rogers_esd              ? 
_refine.ls_d_res_high                            2.10 
_refine.ls_d_res_low                             37.12 
_refine.ls_extinction_coef                       ? 
_refine.ls_extinction_coef_esd                   ? 
_refine.ls_extinction_expression                 ? 
_refine.ls_extinction_method                     ? 
_refine.ls_goodness_of_fit_all                   ? 
_refine.ls_goodness_of_fit_all_esd               ? 
_refine.ls_goodness_of_fit_obs                   ? 
_refine.ls_goodness_of_fit_obs_esd               ? 
_refine.ls_hydrogen_treatment                    ? 
_refine.ls_matrix_type                           ? 
_refine.ls_number_constraints                    ? 
_refine.ls_number_parameters                     ? 
_refine.ls_number_reflns_all                     ? 
_refine.ls_number_reflns_obs                     7893 
_refine.ls_number_reflns_R_free                  392 
_refine.ls_number_reflns_R_work                  7501 
_refine.ls_number_restraints                     ? 
_refine.ls_percent_reflns_obs                    96.93 
_refine.ls_percent_reflns_R_free                 4.97 
_refine.ls_R_factor_all                          ? 
_refine.ls_R_factor_obs                          0.1857 
_refine.ls_R_factor_R_free                       0.2238 
_refine.ls_R_factor_R_free_error                 ? 
_refine.ls_R_factor_R_free_error_details         ? 
_refine.ls_R_factor_R_work                       0.1836 
_refine.ls_R_Fsqd_factor_obs                     ? 
_refine.ls_R_I_factor_obs                        ? 
_refine.ls_redundancy_reflns_all                 ? 
_refine.ls_redundancy_reflns_obs                 ? 
_refine.ls_restrained_S_all                      ? 
_refine.ls_restrained_S_obs                      ? 
_refine.ls_shift_over_esd_max                    ? 
_refine.ls_shift_over_esd_mean                   ? 
_refine.ls_structure_factor_coef                 ? 
_refine.ls_weighting_details                     ? 
_refine.ls_weighting_scheme                      ? 
_refine.ls_wR_factor_all                         ? 
_refine.ls_wR_factor_obs                         ? 
_refine.ls_wR_factor_R_free                      ? 
_refine.ls_wR_factor_R_work                      ? 
_refine.occupancy_max                            ? 
_refine.occupancy_min                            ? 
_refine.solvent_model_details                    'FLAT BULK SOLVENT MODEL' 
_refine.solvent_model_param_bsol                 ? 
_refine.solvent_model_param_ksol                 ? 
_refine.pdbx_R_complete                          ? 
_refine.ls_R_factor_gt                           ? 
_refine.ls_goodness_of_fit_gt                    ? 
_refine.ls_goodness_of_fit_ref                   ? 
_refine.ls_shift_over_su_max                     ? 
_refine.ls_shift_over_su_max_lt                  ? 
_refine.ls_shift_over_su_mean                    ? 
_refine.ls_shift_over_su_mean_lt                 ? 
_refine.pdbx_ls_sigma_I                          ? 
_refine.pdbx_ls_sigma_F                          1.35 
_refine.pdbx_ls_sigma_Fsqd                       ? 
_refine.pdbx_data_cutoff_high_absF               ? 
_refine.pdbx_data_cutoff_high_rms_absF           ? 
_refine.pdbx_data_cutoff_low_absF                ? 
_refine.pdbx_isotropic_thermal_model             ? 
_refine.pdbx_ls_cross_valid_method               'FREE R-VALUE' 
_refine.pdbx_method_to_determine_struct          'MOLECULAR REPLACEMENT' 
_refine.pdbx_starting_model                      ? 
_refine.pdbx_stereochemistry_target_values       'GeoStd + Monomer Library + CDL v1.2' 
_refine.pdbx_R_Free_selection_details            ? 
_refine.pdbx_stereochem_target_val_spec_case     ? 
_refine.pdbx_overall_ESU_R                       ? 
_refine.pdbx_overall_ESU_R_Free                  ? 
_refine.pdbx_solvent_vdw_probe_radii             1.1000 
_refine.pdbx_solvent_ion_probe_radii             ? 
_refine.pdbx_solvent_shrinkage_radii             0.9000 
_refine.pdbx_real_space_R                        ? 
_refine.pdbx_density_correlation                 ? 
_refine.pdbx_pd_number_of_powder_patterns        ? 
_refine.pdbx_pd_number_of_points                 ? 
_refine.pdbx_pd_meas_number_of_points            ? 
_refine.pdbx_pd_proc_ls_prof_R_factor            ? 
_refine.pdbx_pd_proc_ls_prof_wR_factor           ? 
_refine.pdbx_pd_Marquardt_correlation_coeff      ? 
_refine.pdbx_pd_Fsqrd_R_factor                   ? 
_refine.pdbx_pd_ls_matrix_band_width             ? 
_refine.pdbx_overall_phase_error                 29.8607 
_refine.pdbx_overall_SU_R_free_Cruickshank_DPI   ? 
_refine.pdbx_overall_SU_R_free_Blow_DPI          ? 
_refine.pdbx_overall_SU_R_Blow_DPI               ? 
_refine.pdbx_TLS_residual_ADP_flag               ? 
_refine.pdbx_diffrn_id                           1 
_refine.overall_SU_B                             ? 
_refine.overall_SU_ML                            0.1977 
_refine.overall_SU_R_Cruickshank_DPI             ? 
_refine.overall_SU_R_free                        ? 
_refine.overall_FOM_free_R_set                   ? 
_refine.overall_FOM_work_R_set                   ? 
_refine.pdbx_average_fsc_overall                 ? 
_refine.pdbx_average_fsc_work                    ? 
_refine.pdbx_average_fsc_free                    ? 
# 
_refine_hist.pdbx_refine_id                   'X-RAY DIFFRACTION' 
_refine_hist.cycle_id                         LAST 
_refine_hist.details                          ? 
_refine_hist.d_res_high                       2.10 
_refine_hist.d_res_low                        37.12 
_refine_hist.number_atoms_solvent             18 
_refine_hist.number_atoms_total               1229 
_refine_hist.number_reflns_all                ? 
_refine_hist.number_reflns_obs                ? 
_refine_hist.number_reflns_R_free             ? 
_refine_hist.number_reflns_R_work             ? 
_refine_hist.R_factor_all                     ? 
_refine_hist.R_factor_obs                     ? 
_refine_hist.R_factor_R_free                  ? 
_refine_hist.R_factor_R_work                  ? 
_refine_hist.pdbx_number_residues_total       ? 
_refine_hist.pdbx_B_iso_mean_ligand           ? 
_refine_hist.pdbx_B_iso_mean_solvent          ? 
_refine_hist.pdbx_number_atoms_protein        1190 
_refine_hist.pdbx_number_atoms_nucleic_acid   0 
_refine_hist.pdbx_number_atoms_ligand         21 
_refine_hist.pdbx_number_atoms_lipid          ? 
_refine_hist.pdbx_number_atoms_carb           ? 
_refine_hist.pdbx_pseudo_atom_details         ? 
# 
loop_
_refine_ls_restr.pdbx_refine_id 
_refine_ls_restr.criterion 
_refine_ls_restr.dev_ideal 
_refine_ls_restr.dev_ideal_target 
_refine_ls_restr.number 
_refine_ls_restr.rejects 
_refine_ls_restr.type 
_refine_ls_restr.weight 
_refine_ls_restr.pdbx_restraint_function 
'X-RAY DIFFRACTION' ? 0.0084  ? 1233 ? f_bond_d           ? ? 
'X-RAY DIFFRACTION' ? 1.0514  ? 1668 ? f_angle_d          ? ? 
'X-RAY DIFFRACTION' ? 0.0524  ? 185  ? f_chiral_restr     ? ? 
'X-RAY DIFFRACTION' ? 0.0075  ? 208  ? f_plane_restr      ? ? 
'X-RAY DIFFRACTION' ? 15.5930 ? 460  ? f_dihedral_angle_d ? ? 
# 
loop_
_refine_ls_shell.pdbx_refine_id 
_refine_ls_shell.d_res_high 
_refine_ls_shell.d_res_low 
_refine_ls_shell.number_reflns_all 
_refine_ls_shell.number_reflns_obs 
_refine_ls_shell.number_reflns_R_free 
_refine_ls_shell.number_reflns_R_work 
_refine_ls_shell.percent_reflns_obs 
_refine_ls_shell.percent_reflns_R_free 
_refine_ls_shell.R_factor_all 
_refine_ls_shell.R_factor_obs 
_refine_ls_shell.R_factor_R_free_error 
_refine_ls_shell.R_factor_R_work 
_refine_ls_shell.redundancy_reflns_all 
_refine_ls_shell.redundancy_reflns_obs 
_refine_ls_shell.wR_factor_all 
_refine_ls_shell.wR_factor_obs 
_refine_ls_shell.wR_factor_R_free 
_refine_ls_shell.wR_factor_R_work 
_refine_ls_shell.pdbx_R_complete 
_refine_ls_shell.pdbx_total_number_of_bins_used 
_refine_ls_shell.pdbx_phase_error 
_refine_ls_shell.pdbx_fsc_work 
_refine_ls_shell.pdbx_fsc_free 
_refine_ls_shell.R_factor_R_free 
'X-RAY DIFFRACTION' 2.10 2.40  . . 119 2317 91.13 . . . . 0.2079 . . . . . . . . . . . 0.2511 
'X-RAY DIFFRACTION' 2.40 3.03  . . 136 2551 99.59 . . . . 0.2148 . . . . . . . . . . . 0.2537 
'X-RAY DIFFRACTION' 3.03 37.12 . . 137 2633 99.93 . . . . 0.1681 . . . . . . . . . . . 0.2081 
# 
_struct.entry_id                     9E9L 
_struct.title                        
'Vanadate-bound Putative Ancestral Protein Tyrosine Phosphatase ShufPTP - Intermediate p-loop Conformation' 
_struct.pdbx_model_details           ? 
_struct.pdbx_formula_weight          ? 
_struct.pdbx_formula_weight_method   ? 
_struct.pdbx_model_type_details      ? 
_struct.pdbx_CASP_flag               N 
# 
_struct_keywords.entry_id        9E9L 
_struct_keywords.text            'phosphatase, inhibitor, ASR, CSO, Oxidized Cystine, HYDROLASE' 
_struct_keywords.pdbx_keywords   HYDROLASE 
# 
loop_
_struct_asym.id 
_struct_asym.pdbx_blank_PDB_chainid_flag 
_struct_asym.pdbx_modified 
_struct_asym.entity_id 
_struct_asym.details 
A N N 1 ? 
B N N 2 ? 
C N N 2 ? 
D N N 3 ? 
E N N 4 ? 
F N N 5 ? 
# 
_struct_ref.id                         1 
_struct_ref.db_name                    PDB 
_struct_ref.db_code                    9E9L 
_struct_ref.pdbx_db_accession          9E9L 
_struct_ref.pdbx_db_isoform            ? 
_struct_ref.entity_id                  1 
_struct_ref.pdbx_seq_one_letter_code   ? 
_struct_ref.pdbx_align_begin           1 
# 
_struct_ref_seq.align_id                      1 
_struct_ref_seq.ref_id                        1 
_struct_ref_seq.pdbx_PDB_id_code              9E9L 
_struct_ref_seq.pdbx_strand_id                A 
_struct_ref_seq.seq_align_beg                 1 
_struct_ref_seq.pdbx_seq_align_beg_ins_code   ? 
_struct_ref_seq.seq_align_end                 150 
_struct_ref_seq.pdbx_seq_align_end_ins_code   ? 
_struct_ref_seq.pdbx_db_accession             9E9L 
_struct_ref_seq.db_align_beg                  1 
_struct_ref_seq.pdbx_db_align_beg_ins_code    ? 
_struct_ref_seq.db_align_end                  150 
_struct_ref_seq.pdbx_db_align_end_ins_code    ? 
_struct_ref_seq.pdbx_auth_seq_align_beg       1 
_struct_ref_seq.pdbx_auth_seq_align_end       150 
# 
_pdbx_struct_assembly.id                   1 
_pdbx_struct_assembly.details              author_defined_assembly 
_pdbx_struct_assembly.method_details       ? 
_pdbx_struct_assembly.oligomeric_details   monomeric 
_pdbx_struct_assembly.oligomeric_count     1 
# 
_pdbx_struct_assembly_gen.assembly_id       1 
_pdbx_struct_assembly_gen.oper_expression   1 
_pdbx_struct_assembly_gen.asym_id_list      A,B,C,D,E,F 
# 
_pdbx_struct_assembly_auth_evidence.id                     1 
_pdbx_struct_assembly_auth_evidence.assembly_id            1 
_pdbx_struct_assembly_auth_evidence.experimental_support   'gel filtration' 
_pdbx_struct_assembly_auth_evidence.details                ? 
# 
_pdbx_struct_oper_list.id                   1 
_pdbx_struct_oper_list.type                 'identity operation' 
_pdbx_struct_oper_list.name                 1_555 
_pdbx_struct_oper_list.symmetry_operation   x,y,z 
_pdbx_struct_oper_list.matrix[1][1]         1.0000000000 
_pdbx_struct_oper_list.matrix[1][2]         0.0000000000 
_pdbx_struct_oper_list.matrix[1][3]         0.0000000000 
_pdbx_struct_oper_list.vector[1]            0.0000000000 
_pdbx_struct_oper_list.matrix[2][1]         0.0000000000 
_pdbx_struct_oper_list.matrix[2][2]         1.0000000000 
_pdbx_struct_oper_list.matrix[2][3]         0.0000000000 
_pdbx_struct_oper_list.vector[2]            0.0000000000 
_pdbx_struct_oper_list.matrix[3][1]         0.0000000000 
_pdbx_struct_oper_list.matrix[3][2]         0.0000000000 
_pdbx_struct_oper_list.matrix[3][3]         1.0000000000 
_pdbx_struct_oper_list.vector[3]            0.0000000000 
# 
loop_
_struct_conf.conf_type_id 
_struct_conf.id 
_struct_conf.pdbx_PDB_helix_id 
_struct_conf.beg_label_comp_id 
_struct_conf.beg_label_asym_id 
_struct_conf.beg_label_seq_id 
_struct_conf.pdbx_beg_PDB_ins_code 
_struct_conf.end_label_comp_id 
_struct_conf.end_label_asym_id 
_struct_conf.end_label_seq_id 
_struct_conf.pdbx_end_PDB_ins_code 
_struct_conf.beg_auth_comp_id 
_struct_conf.beg_auth_asym_id 
_struct_conf.beg_auth_seq_id 
_struct_conf.end_auth_comp_id 
_struct_conf.end_auth_asym_id 
_struct_conf.end_auth_seq_id 
_struct_conf.pdbx_PDB_helix_class 
_struct_conf.details 
_struct_conf.pdbx_PDB_helix_length 
HELX_P HELX_P1 AA1 THR A 19  ? ARG A 21  ? THR A 19  ARG A 21  5 ? 3  
HELX_P HELX_P2 AA2 GLU A 22  ? PHE A 30  ? GLU A 22  PHE A 30  1 ? 9  
HELX_P HELX_P3 AA3 GLU A 38  ? LEU A 42  ? GLU A 38  LEU A 42  5 ? 5  
HELX_P HELX_P4 AA4 LEU A 46  ? LYS A 51  ? LEU A 46  LYS A 51  1 ? 6  
HELX_P HELX_P5 AA5 SER A 68  ? GLU A 85  ? SER A 68  GLU A 85  1 ? 18 
HELX_P HELX_P6 AA6 LEU A 97  ? GLY A 113 ? LEU A 97  GLY A 113 1 ? 17 
HELX_P HELX_P7 AA7 PRO A 115 ? ARG A 127 ? PRO A 115 ARG A 127 1 ? 13 
HELX_P HELX_P8 AA8 THR A 133 ? ARG A 148 ? THR A 133 ARG A 148 1 ? 16 
# 
_struct_conf_type.id          HELX_P 
_struct_conf_type.criteria    ? 
_struct_conf_type.reference   ? 
# 
loop_
_struct_conn.id 
_struct_conn.conn_type_id 
_struct_conn.pdbx_leaving_atom_flag 
_struct_conn.pdbx_PDB_id 
_struct_conn.ptnr1_label_asym_id 
_struct_conn.ptnr1_label_comp_id 
_struct_conn.ptnr1_label_seq_id 
_struct_conn.ptnr1_label_atom_id 
_struct_conn.pdbx_ptnr1_label_alt_id 
_struct_conn.pdbx_ptnr1_PDB_ins_code 
_struct_conn.pdbx_ptnr1_standard_comp_id 
_struct_conn.ptnr1_symmetry 
_struct_conn.ptnr2_label_asym_id 
_struct_conn.ptnr2_label_comp_id 
_struct_conn.ptnr2_label_seq_id 
_struct_conn.ptnr2_label_atom_id 
_struct_conn.pdbx_ptnr2_label_alt_id 
_struct_conn.pdbx_ptnr2_PDB_ins_code 
_struct_conn.ptnr1_auth_asym_id 
_struct_conn.ptnr1_auth_comp_id 
_struct_conn.ptnr1_auth_seq_id 
_struct_conn.ptnr2_auth_asym_id 
_struct_conn.ptnr2_auth_comp_id 
_struct_conn.ptnr2_auth_seq_id 
_struct_conn.ptnr2_symmetry 
_struct_conn.pdbx_ptnr3_label_atom_id 
_struct_conn.pdbx_ptnr3_label_seq_id 
_struct_conn.pdbx_ptnr3_label_comp_id 
_struct_conn.pdbx_ptnr3_label_asym_id 
_struct_conn.pdbx_ptnr3_label_alt_id 
_struct_conn.pdbx_ptnr3_PDB_ins_code 
_struct_conn.details 
_struct_conn.pdbx_dist_value 
_struct_conn.pdbx_value_order 
_struct_conn.pdbx_role 
covale1 covale both ? A HIS 92 C ? ? ? 1_555 A CSO 93 N ? ? A HIS 92 A CSO 93 1_555 ? ? ? ? ? ? ? 1.340 ? ? 
covale2 covale both ? A CSO 93 C ? ? ? 1_555 A MET 94 N ? ? A CSO 93 A MET 94 1_555 ? ? ? ? ? ? ? 1.324 ? ? 
# 
_struct_conn_type.id          covale 
_struct_conn_type.criteria    ? 
_struct_conn_type.reference   ? 
# 
_pdbx_modification_feature.ordinal                            1 
_pdbx_modification_feature.label_comp_id                      CSO 
_pdbx_modification_feature.label_asym_id                      A 
_pdbx_modification_feature.label_seq_id                       93 
_pdbx_modification_feature.label_alt_id                       ? 
_pdbx_modification_feature.modified_residue_label_comp_id     . 
_pdbx_modification_feature.modified_residue_label_asym_id     . 
_pdbx_modification_feature.modified_residue_label_seq_id      . 
_pdbx_modification_feature.modified_residue_label_alt_id      . 
_pdbx_modification_feature.auth_comp_id                       CSO 
_pdbx_modification_feature.auth_asym_id                       A 
_pdbx_modification_feature.auth_seq_id                        93 
_pdbx_modification_feature.PDB_ins_code                       ? 
_pdbx_modification_feature.symmetry                           1_555 
_pdbx_modification_feature.modified_residue_auth_comp_id      . 
_pdbx_modification_feature.modified_residue_auth_asym_id      . 
_pdbx_modification_feature.modified_residue_auth_seq_id       . 
_pdbx_modification_feature.modified_residue_PDB_ins_code      . 
_pdbx_modification_feature.modified_residue_symmetry          . 
_pdbx_modification_feature.comp_id_linking_atom               . 
_pdbx_modification_feature.modified_residue_id_linking_atom   . 
_pdbx_modification_feature.modified_residue_id                CYS 
_pdbx_modification_feature.ref_pcm_id                         1 
_pdbx_modification_feature.ref_comp_id                        CSO 
_pdbx_modification_feature.type                               Hydroxylation 
_pdbx_modification_feature.category                           'Named protein modification' 
# 
_struct_sheet.id               AA1 
_struct_sheet.type             ? 
_struct_sheet.number_strands   5 
_struct_sheet.details          ? 
# 
loop_
_struct_sheet_order.sheet_id 
_struct_sheet_order.range_id_1 
_struct_sheet_order.range_id_2 
_struct_sheet_order.offset 
_struct_sheet_order.sense 
AA1 1 2 ? anti-parallel 
AA1 2 3 ? parallel      
AA1 3 4 ? parallel      
AA1 4 5 ? parallel      
# 
loop_
_struct_sheet_range.sheet_id 
_struct_sheet_range.id 
_struct_sheet_range.beg_label_comp_id 
_struct_sheet_range.beg_label_asym_id 
_struct_sheet_range.beg_label_seq_id 
_struct_sheet_range.pdbx_beg_PDB_ins_code 
_struct_sheet_range.end_label_comp_id 
_struct_sheet_range.end_label_asym_id 
_struct_sheet_range.end_label_seq_id 
_struct_sheet_range.pdbx_end_PDB_ins_code 
_struct_sheet_range.beg_auth_comp_id 
_struct_sheet_range.beg_auth_asym_id 
_struct_sheet_range.beg_auth_seq_id 
_struct_sheet_range.end_auth_comp_id 
_struct_sheet_range.end_auth_asym_id 
_struct_sheet_range.end_auth_seq_id 
AA1 1 ARG A 6  ? PHE A 7  ? ARG A 6  PHE A 7  
AA1 2 VAL A 12 ? SER A 15 ? VAL A 12 SER A 15 
AA1 3 VAL A 89 ? HIS A 92 ? VAL A 89 HIS A 92 
AA1 4 ALA A 32 ? VAL A 35 ? ALA A 32 VAL A 35 
AA1 5 GLU A 55 ? HIS A 58 ? GLU A 55 HIS A 58 
# 
loop_
_pdbx_struct_sheet_hbond.sheet_id 
_pdbx_struct_sheet_hbond.range_id_1 
_pdbx_struct_sheet_hbond.range_id_2 
_pdbx_struct_sheet_hbond.range_1_label_atom_id 
_pdbx_struct_sheet_hbond.range_1_label_comp_id 
_pdbx_struct_sheet_hbond.range_1_label_asym_id 
_pdbx_struct_sheet_hbond.range_1_label_seq_id 
_pdbx_struct_sheet_hbond.range_1_PDB_ins_code 
_pdbx_struct_sheet_hbond.range_1_auth_atom_id 
_pdbx_struct_sheet_hbond.range_1_auth_comp_id 
_pdbx_struct_sheet_hbond.range_1_auth_asym_id 
_pdbx_struct_sheet_hbond.range_1_auth_seq_id 
_pdbx_struct_sheet_hbond.range_2_label_atom_id 
_pdbx_struct_sheet_hbond.range_2_label_comp_id 
_pdbx_struct_sheet_hbond.range_2_label_asym_id 
_pdbx_struct_sheet_hbond.range_2_label_seq_id 
_pdbx_struct_sheet_hbond.range_2_PDB_ins_code 
_pdbx_struct_sheet_hbond.range_2_auth_atom_id 
_pdbx_struct_sheet_hbond.range_2_auth_comp_id 
_pdbx_struct_sheet_hbond.range_2_auth_asym_id 
_pdbx_struct_sheet_hbond.range_2_auth_seq_id 
AA1 1 2 N ARG A 6  ? N ARG A 6  O PHE A 14 ? O PHE A 14 
AA1 2 3 N ALA A 13 ? N ALA A 13 O ILE A 91 ? O ILE A 91 
AA1 3 4 O LEU A 90 ? O LEU A 90 N VAL A 34 ? N VAL A 34 
AA1 4 5 N VAL A 35 ? N VAL A 35 O LEU A 57 ? O LEU A 57 
# 
_pdbx_entry_details.entry_id                   9E9L 
_pdbx_entry_details.nonpolymer_details         ? 
_pdbx_entry_details.sequence_details           ? 
_pdbx_entry_details.compound_details           ? 
_pdbx_entry_details.source_details             ? 
_pdbx_entry_details.has_ligand_of_interest     Y 
_pdbx_entry_details.has_protein_modification   Y 
# 
loop_
_pdbx_validate_torsion.id 
_pdbx_validate_torsion.PDB_model_num 
_pdbx_validate_torsion.auth_comp_id 
_pdbx_validate_torsion.auth_asym_id 
_pdbx_validate_torsion.auth_seq_id 
_pdbx_validate_torsion.PDB_ins_code 
_pdbx_validate_torsion.label_alt_id 
_pdbx_validate_torsion.phi 
_pdbx_validate_torsion.psi 
1 1 CSO A 93  ? ? -118.67 -124.80 
2 1 MET A 94  ? ? -94.80  -119.02 
3 1 VAL A 131 ? ? 59.25   93.45   
# 
loop_
_space_group_symop.id 
_space_group_symop.operation_xyz 
1 x,y,z         
2 x-y,x,z+1/6   
3 y,-x+y,z+5/6  
4 -y,x-y,z+1/3  
5 -x+y,-x,z+2/3 
6 -x,-y,z+1/2   
# 
_pdbx_unobs_or_zero_occ_residues.id               1 
_pdbx_unobs_or_zero_occ_residues.PDB_model_num    1 
_pdbx_unobs_or_zero_occ_residues.polymer_flag     Y 
_pdbx_unobs_or_zero_occ_residues.occupancy_flag   1 
_pdbx_unobs_or_zero_occ_residues.auth_asym_id     A 
_pdbx_unobs_or_zero_occ_residues.auth_comp_id     ARG 
_pdbx_unobs_or_zero_occ_residues.auth_seq_id      150 
_pdbx_unobs_or_zero_occ_residues.PDB_ins_code     ? 
_pdbx_unobs_or_zero_occ_residues.label_asym_id    A 
_pdbx_unobs_or_zero_occ_residues.label_comp_id    ARG 
_pdbx_unobs_or_zero_occ_residues.label_seq_id     150 
# 
loop_
_chem_comp_atom.comp_id 
_chem_comp_atom.atom_id 
_chem_comp_atom.type_symbol 
_chem_comp_atom.pdbx_aromatic_flag 
_chem_comp_atom.pdbx_stereo_config 
_chem_comp_atom.pdbx_ordinal 
ALA N    N N N 1   
ALA CA   C N S 2   
ALA C    C N N 3   
ALA O    O N N 4   
ALA CB   C N N 5   
ALA OXT  O N N 6   
ALA H    H N N 7   
ALA H2   H N N 8   
ALA HA   H N N 9   
ALA HB1  H N N 10  
ALA HB2  H N N 11  
ALA HB3  H N N 12  
ALA HXT  H N N 13  
ARG N    N N N 14  
ARG CA   C N S 15  
ARG C    C N N 16  
ARG O    O N N 17  
ARG CB   C N N 18  
ARG CG   C N N 19  
ARG CD   C N N 20  
ARG NE   N N N 21  
ARG CZ   C N N 22  
ARG NH1  N N N 23  
ARG NH2  N N N 24  
ARG OXT  O N N 25  
ARG H    H N N 26  
ARG H2   H N N 27  
ARG HA   H N N 28  
ARG HB2  H N N 29  
ARG HB3  H N N 30  
ARG HG2  H N N 31  
ARG HG3  H N N 32  
ARG HD2  H N N 33  
ARG HD3  H N N 34  
ARG HE   H N N 35  
ARG HH11 H N N 36  
ARG HH12 H N N 37  
ARG HH21 H N N 38  
ARG HH22 H N N 39  
ARG HXT  H N N 40  
ASN N    N N N 41  
ASN CA   C N S 42  
ASN C    C N N 43  
ASN O    O N N 44  
ASN CB   C N N 45  
ASN CG   C N N 46  
ASN OD1  O N N 47  
ASN ND2  N N N 48  
ASN OXT  O N N 49  
ASN H    H N N 50  
ASN H2   H N N 51  
ASN HA   H N N 52  
ASN HB2  H N N 53  
ASN HB3  H N N 54  
ASN HD21 H N N 55  
ASN HD22 H N N 56  
ASN HXT  H N N 57  
ASP N    N N N 58  
ASP CA   C N S 59  
ASP C    C N N 60  
ASP O    O N N 61  
ASP CB   C N N 62  
ASP CG   C N N 63  
ASP OD1  O N N 64  
ASP OD2  O N N 65  
ASP OXT  O N N 66  
ASP H    H N N 67  
ASP H2   H N N 68  
ASP HA   H N N 69  
ASP HB2  H N N 70  
ASP HB3  H N N 71  
ASP HD2  H N N 72  
ASP HXT  H N N 73  
CSO N    N N N 74  
CSO CA   C N R 75  
CSO CB   C N N 76  
CSO SG   S N N 77  
CSO C    C N N 78  
CSO O    O N N 79  
CSO OXT  O N N 80  
CSO OD   O N N 81  
CSO H    H N N 82  
CSO H2   H N N 83  
CSO HA   H N N 84  
CSO HB2  H N N 85  
CSO HB3  H N N 86  
CSO HXT  H N N 87  
CSO HD   H N N 88  
GLN N    N N N 89  
GLN CA   C N S 90  
GLN C    C N N 91  
GLN O    O N N 92  
GLN CB   C N N 93  
GLN CG   C N N 94  
GLN CD   C N N 95  
GLN OE1  O N N 96  
GLN NE2  N N N 97  
GLN OXT  O N N 98  
GLN H    H N N 99  
GLN H2   H N N 100 
GLN HA   H N N 101 
GLN HB2  H N N 102 
GLN HB3  H N N 103 
GLN HG2  H N N 104 
GLN HG3  H N N 105 
GLN HE21 H N N 106 
GLN HE22 H N N 107 
GLN HXT  H N N 108 
GLU N    N N N 109 
GLU CA   C N S 110 
GLU C    C N N 111 
GLU O    O N N 112 
GLU CB   C N N 113 
GLU CG   C N N 114 
GLU CD   C N N 115 
GLU OE1  O N N 116 
GLU OE2  O N N 117 
GLU OXT  O N N 118 
GLU H    H N N 119 
GLU H2   H N N 120 
GLU HA   H N N 121 
GLU HB2  H N N 122 
GLU HB3  H N N 123 
GLU HG2  H N N 124 
GLU HG3  H N N 125 
GLU HE2  H N N 126 
GLU HXT  H N N 127 
GLY N    N N N 128 
GLY CA   C N N 129 
GLY C    C N N 130 
GLY O    O N N 131 
GLY OXT  O N N 132 
GLY H    H N N 133 
GLY H2   H N N 134 
GLY HA2  H N N 135 
GLY HA3  H N N 136 
GLY HXT  H N N 137 
GOL C1   C N N 138 
GOL O1   O N N 139 
GOL C2   C N N 140 
GOL O2   O N N 141 
GOL C3   C N N 142 
GOL O3   O N N 143 
GOL H11  H N N 144 
GOL H12  H N N 145 
GOL HO1  H N N 146 
GOL H2   H N N 147 
GOL HO2  H N N 148 
GOL H31  H N N 149 
GOL H32  H N N 150 
GOL HO3  H N N 151 
HIS N    N N N 152 
HIS CA   C N S 153 
HIS C    C N N 154 
HIS O    O N N 155 
HIS CB   C N N 156 
HIS CG   C Y N 157 
HIS ND1  N Y N 158 
HIS CD2  C Y N 159 
HIS CE1  C Y N 160 
HIS NE2  N Y N 161 
HIS OXT  O N N 162 
HIS H    H N N 163 
HIS H2   H N N 164 
HIS HA   H N N 165 
HIS HB2  H N N 166 
HIS HB3  H N N 167 
HIS HD1  H N N 168 
HIS HD2  H N N 169 
HIS HE1  H N N 170 
HIS HE2  H N N 171 
HIS HXT  H N N 172 
HOH O    O N N 173 
HOH H1   H N N 174 
HOH H2   H N N 175 
ILE N    N N N 176 
ILE CA   C N S 177 
ILE C    C N N 178 
ILE O    O N N 179 
ILE CB   C N S 180 
ILE CG1  C N N 181 
ILE CG2  C N N 182 
ILE CD1  C N N 183 
ILE OXT  O N N 184 
ILE H    H N N 185 
ILE H2   H N N 186 
ILE HA   H N N 187 
ILE HB   H N N 188 
ILE HG12 H N N 189 
ILE HG13 H N N 190 
ILE HG21 H N N 191 
ILE HG22 H N N 192 
ILE HG23 H N N 193 
ILE HD11 H N N 194 
ILE HD12 H N N 195 
ILE HD13 H N N 196 
ILE HXT  H N N 197 
LEU N    N N N 198 
LEU CA   C N S 199 
LEU C    C N N 200 
LEU O    O N N 201 
LEU CB   C N N 202 
LEU CG   C N N 203 
LEU CD1  C N N 204 
LEU CD2  C N N 205 
LEU OXT  O N N 206 
LEU H    H N N 207 
LEU H2   H N N 208 
LEU HA   H N N 209 
LEU HB2  H N N 210 
LEU HB3  H N N 211 
LEU HG   H N N 212 
LEU HD11 H N N 213 
LEU HD12 H N N 214 
LEU HD13 H N N 215 
LEU HD21 H N N 216 
LEU HD22 H N N 217 
LEU HD23 H N N 218 
LEU HXT  H N N 219 
LYS N    N N N 220 
LYS CA   C N S 221 
LYS C    C N N 222 
LYS O    O N N 223 
LYS CB   C N N 224 
LYS CG   C N N 225 
LYS CD   C N N 226 
LYS CE   C N N 227 
LYS NZ   N N N 228 
LYS OXT  O N N 229 
LYS H    H N N 230 
LYS H2   H N N 231 
LYS HA   H N N 232 
LYS HB2  H N N 233 
LYS HB3  H N N 234 
LYS HG2  H N N 235 
LYS HG3  H N N 236 
LYS HD2  H N N 237 
LYS HD3  H N N 238 
LYS HE2  H N N 239 
LYS HE3  H N N 240 
LYS HZ1  H N N 241 
LYS HZ2  H N N 242 
LYS HZ3  H N N 243 
LYS HXT  H N N 244 
MET N    N N N 245 
MET CA   C N S 246 
MET C    C N N 247 
MET O    O N N 248 
MET CB   C N N 249 
MET CG   C N N 250 
MET SD   S N N 251 
MET CE   C N N 252 
MET OXT  O N N 253 
MET H    H N N 254 
MET H2   H N N 255 
MET HA   H N N 256 
MET HB2  H N N 257 
MET HB3  H N N 258 
MET HG2  H N N 259 
MET HG3  H N N 260 
MET HE1  H N N 261 
MET HE2  H N N 262 
MET HE3  H N N 263 
MET HXT  H N N 264 
PHE N    N N N 265 
PHE CA   C N S 266 
PHE C    C N N 267 
PHE O    O N N 268 
PHE CB   C N N 269 
PHE CG   C Y N 270 
PHE CD1  C Y N 271 
PHE CD2  C Y N 272 
PHE CE1  C Y N 273 
PHE CE2  C Y N 274 
PHE CZ   C Y N 275 
PHE OXT  O N N 276 
PHE H    H N N 277 
PHE H2   H N N 278 
PHE HA   H N N 279 
PHE HB2  H N N 280 
PHE HB3  H N N 281 
PHE HD1  H N N 282 
PHE HD2  H N N 283 
PHE HE1  H N N 284 
PHE HE2  H N N 285 
PHE HZ   H N N 286 
PHE HXT  H N N 287 
PRO N    N N N 288 
PRO CA   C N S 289 
PRO C    C N N 290 
PRO O    O N N 291 
PRO CB   C N N 292 
PRO CG   C N N 293 
PRO CD   C N N 294 
PRO OXT  O N N 295 
PRO H    H N N 296 
PRO HA   H N N 297 
PRO HB2  H N N 298 
PRO HB3  H N N 299 
PRO HG2  H N N 300 
PRO HG3  H N N 301 
PRO HD2  H N N 302 
PRO HD3  H N N 303 
PRO HXT  H N N 304 
SER N    N N N 305 
SER CA   C N S 306 
SER C    C N N 307 
SER O    O N N 308 
SER CB   C N N 309 
SER OG   O N N 310 
SER OXT  O N N 311 
SER H    H N N 312 
SER H2   H N N 313 
SER HA   H N N 314 
SER HB2  H N N 315 
SER HB3  H N N 316 
SER HG   H N N 317 
SER HXT  H N N 318 
SO4 S    S N N 319 
SO4 O1   O N N 320 
SO4 O2   O N N 321 
SO4 O3   O N N 322 
SO4 O4   O N N 323 
THR N    N N N 324 
THR CA   C N S 325 
THR C    C N N 326 
THR O    O N N 327 
THR CB   C N R 328 
THR OG1  O N N 329 
THR CG2  C N N 330 
THR OXT  O N N 331 
THR H    H N N 332 
THR H2   H N N 333 
THR HA   H N N 334 
THR HB   H N N 335 
THR HG1  H N N 336 
THR HG21 H N N 337 
THR HG22 H N N 338 
THR HG23 H N N 339 
THR HXT  H N N 340 
TRP N    N N N 341 
TRP CA   C N S 342 
TRP C    C N N 343 
TRP O    O N N 344 
TRP CB   C N N 345 
TRP CG   C Y N 346 
TRP CD1  C Y N 347 
TRP CD2  C Y N 348 
TRP NE1  N Y N 349 
TRP CE2  C Y N 350 
TRP CE3  C Y N 351 
TRP CZ2  C Y N 352 
TRP CZ3  C Y N 353 
TRP CH2  C Y N 354 
TRP OXT  O N N 355 
TRP H    H N N 356 
TRP H2   H N N 357 
TRP HA   H N N 358 
TRP HB2  H N N 359 
TRP HB3  H N N 360 
TRP HD1  H N N 361 
TRP HE1  H N N 362 
TRP HE3  H N N 363 
TRP HZ2  H N N 364 
TRP HZ3  H N N 365 
TRP HH2  H N N 366 
TRP HXT  H N N 367 
TYR N    N N N 368 
TYR CA   C N S 369 
TYR C    C N N 370 
TYR O    O N N 371 
TYR CB   C N N 372 
TYR CG   C Y N 373 
TYR CD1  C Y N 374 
TYR CD2  C Y N 375 
TYR CE1  C Y N 376 
TYR CE2  C Y N 377 
TYR CZ   C Y N 378 
TYR OH   O N N 379 
TYR OXT  O N N 380 
TYR H    H N N 381 
TYR H2   H N N 382 
TYR HA   H N N 383 
TYR HB2  H N N 384 
TYR HB3  H N N 385 
TYR HD1  H N N 386 
TYR HD2  H N N 387 
TYR HE1  H N N 388 
TYR HE2  H N N 389 
TYR HH   H N N 390 
TYR HXT  H N N 391 
VAL N    N N N 392 
VAL CA   C N S 393 
VAL C    C N N 394 
VAL O    O N N 395 
VAL CB   C N N 396 
VAL CG1  C N N 397 
VAL CG2  C N N 398 
VAL OXT  O N N 399 
VAL H    H N N 400 
VAL H2   H N N 401 
VAL HA   H N N 402 
VAL HB   H N N 403 
VAL HG11 H N N 404 
VAL HG12 H N N 405 
VAL HG13 H N N 406 
VAL HG21 H N N 407 
VAL HG22 H N N 408 
VAL HG23 H N N 409 
VAL HXT  H N N 410 
VO4 V    V N N 411 
VO4 O1   O N N 412 
VO4 O2   O N N 413 
VO4 O3   O N N 414 
VO4 O4   O N N 415 
# 
loop_
_chem_comp_bond.comp_id 
_chem_comp_bond.atom_id_1 
_chem_comp_bond.atom_id_2 
_chem_comp_bond.value_order 
_chem_comp_bond.pdbx_aromatic_flag 
_chem_comp_bond.pdbx_stereo_config 
_chem_comp_bond.pdbx_ordinal 
ALA N   CA   sing N N 1   
ALA N   H    sing N N 2   
ALA N   H2   sing N N 3   
ALA CA  C    sing N N 4   
ALA CA  CB   sing N N 5   
ALA CA  HA   sing N N 6   
ALA C   O    doub N N 7   
ALA C   OXT  sing N N 8   
ALA CB  HB1  sing N N 9   
ALA CB  HB2  sing N N 10  
ALA CB  HB3  sing N N 11  
ALA OXT HXT  sing N N 12  
ARG N   CA   sing N N 13  
ARG N   H    sing N N 14  
ARG N   H2   sing N N 15  
ARG CA  C    sing N N 16  
ARG CA  CB   sing N N 17  
ARG CA  HA   sing N N 18  
ARG C   O    doub N N 19  
ARG C   OXT  sing N N 20  
ARG CB  CG   sing N N 21  
ARG CB  HB2  sing N N 22  
ARG CB  HB3  sing N N 23  
ARG CG  CD   sing N N 24  
ARG CG  HG2  sing N N 25  
ARG CG  HG3  sing N N 26  
ARG CD  NE   sing N N 27  
ARG CD  HD2  sing N N 28  
ARG CD  HD3  sing N N 29  
ARG NE  CZ   sing N N 30  
ARG NE  HE   sing N N 31  
ARG CZ  NH1  sing N N 32  
ARG CZ  NH2  doub N N 33  
ARG NH1 HH11 sing N N 34  
ARG NH1 HH12 sing N N 35  
ARG NH2 HH21 sing N N 36  
ARG NH2 HH22 sing N N 37  
ARG OXT HXT  sing N N 38  
ASN N   CA   sing N N 39  
ASN N   H    sing N N 40  
ASN N   H2   sing N N 41  
ASN CA  C    sing N N 42  
ASN CA  CB   sing N N 43  
ASN CA  HA   sing N N 44  
ASN C   O    doub N N 45  
ASN C   OXT  sing N N 46  
ASN CB  CG   sing N N 47  
ASN CB  HB2  sing N N 48  
ASN CB  HB3  sing N N 49  
ASN CG  OD1  doub N N 50  
ASN CG  ND2  sing N N 51  
ASN ND2 HD21 sing N N 52  
ASN ND2 HD22 sing N N 53  
ASN OXT HXT  sing N N 54  
ASP N   CA   sing N N 55  
ASP N   H    sing N N 56  
ASP N   H2   sing N N 57  
ASP CA  C    sing N N 58  
ASP CA  CB   sing N N 59  
ASP CA  HA   sing N N 60  
ASP C   O    doub N N 61  
ASP C   OXT  sing N N 62  
ASP CB  CG   sing N N 63  
ASP CB  HB2  sing N N 64  
ASP CB  HB3  sing N N 65  
ASP CG  OD1  doub N N 66  
ASP CG  OD2  sing N N 67  
ASP OD2 HD2  sing N N 68  
ASP OXT HXT  sing N N 69  
CSO N   CA   sing N N 70  
CSO N   H    sing N N 71  
CSO N   H2   sing N N 72  
CSO CA  CB   sing N N 73  
CSO CA  C    sing N N 74  
CSO CA  HA   sing N N 75  
CSO CB  SG   sing N N 76  
CSO CB  HB2  sing N N 77  
CSO CB  HB3  sing N N 78  
CSO SG  OD   sing N N 79  
CSO C   O    doub N N 80  
CSO C   OXT  sing N N 81  
CSO OXT HXT  sing N N 82  
CSO OD  HD   sing N N 83  
GLN N   CA   sing N N 84  
GLN N   H    sing N N 85  
GLN N   H2   sing N N 86  
GLN CA  C    sing N N 87  
GLN CA  CB   sing N N 88  
GLN CA  HA   sing N N 89  
GLN C   O    doub N N 90  
GLN C   OXT  sing N N 91  
GLN CB  CG   sing N N 92  
GLN CB  HB2  sing N N 93  
GLN CB  HB3  sing N N 94  
GLN CG  CD   sing N N 95  
GLN CG  HG2  sing N N 96  
GLN CG  HG3  sing N N 97  
GLN CD  OE1  doub N N 98  
GLN CD  NE2  sing N N 99  
GLN NE2 HE21 sing N N 100 
GLN NE2 HE22 sing N N 101 
GLN OXT HXT  sing N N 102 
GLU N   CA   sing N N 103 
GLU N   H    sing N N 104 
GLU N   H2   sing N N 105 
GLU CA  C    sing N N 106 
GLU CA  CB   sing N N 107 
GLU CA  HA   sing N N 108 
GLU C   O    doub N N 109 
GLU C   OXT  sing N N 110 
GLU CB  CG   sing N N 111 
GLU CB  HB2  sing N N 112 
GLU CB  HB3  sing N N 113 
GLU CG  CD   sing N N 114 
GLU CG  HG2  sing N N 115 
GLU CG  HG3  sing N N 116 
GLU CD  OE1  doub N N 117 
GLU CD  OE2  sing N N 118 
GLU OE2 HE2  sing N N 119 
GLU OXT HXT  sing N N 120 
GLY N   CA   sing N N 121 
GLY N   H    sing N N 122 
GLY N   H2   sing N N 123 
GLY CA  C    sing N N 124 
GLY CA  HA2  sing N N 125 
GLY CA  HA3  sing N N 126 
GLY C   O    doub N N 127 
GLY C   OXT  sing N N 128 
GLY OXT HXT  sing N N 129 
GOL C1  O1   sing N N 130 
GOL C1  C2   sing N N 131 
GOL C1  H11  sing N N 132 
GOL C1  H12  sing N N 133 
GOL O1  HO1  sing N N 134 
GOL C2  O2   sing N N 135 
GOL C2  C3   sing N N 136 
GOL C2  H2   sing N N 137 
GOL O2  HO2  sing N N 138 
GOL C3  O3   sing N N 139 
GOL C3  H31  sing N N 140 
GOL C3  H32  sing N N 141 
GOL O3  HO3  sing N N 142 
HIS N   CA   sing N N 143 
HIS N   H    sing N N 144 
HIS N   H2   sing N N 145 
HIS CA  C    sing N N 146 
HIS CA  CB   sing N N 147 
HIS CA  HA   sing N N 148 
HIS C   O    doub N N 149 
HIS C   OXT  sing N N 150 
HIS CB  CG   sing N N 151 
HIS CB  HB2  sing N N 152 
HIS CB  HB3  sing N N 153 
HIS CG  ND1  sing Y N 154 
HIS CG  CD2  doub Y N 155 
HIS ND1 CE1  doub Y N 156 
HIS ND1 HD1  sing N N 157 
HIS CD2 NE2  sing Y N 158 
HIS CD2 HD2  sing N N 159 
HIS CE1 NE2  sing Y N 160 
HIS CE1 HE1  sing N N 161 
HIS NE2 HE2  sing N N 162 
HIS OXT HXT  sing N N 163 
HOH O   H1   sing N N 164 
HOH O   H2   sing N N 165 
ILE N   CA   sing N N 166 
ILE N   H    sing N N 167 
ILE N   H2   sing N N 168 
ILE CA  C    sing N N 169 
ILE CA  CB   sing N N 170 
ILE CA  HA   sing N N 171 
ILE C   O    doub N N 172 
ILE C   OXT  sing N N 173 
ILE CB  CG1  sing N N 174 
ILE CB  CG2  sing N N 175 
ILE CB  HB   sing N N 176 
ILE CG1 CD1  sing N N 177 
ILE CG1 HG12 sing N N 178 
ILE CG1 HG13 sing N N 179 
ILE CG2 HG21 sing N N 180 
ILE CG2 HG22 sing N N 181 
ILE CG2 HG23 sing N N 182 
ILE CD1 HD11 sing N N 183 
ILE CD1 HD12 sing N N 184 
ILE CD1 HD13 sing N N 185 
ILE OXT HXT  sing N N 186 
LEU N   CA   sing N N 187 
LEU N   H    sing N N 188 
LEU N   H2   sing N N 189 
LEU CA  C    sing N N 190 
LEU CA  CB   sing N N 191 
LEU CA  HA   sing N N 192 
LEU C   O    doub N N 193 
LEU C   OXT  sing N N 194 
LEU CB  CG   sing N N 195 
LEU CB  HB2  sing N N 196 
LEU CB  HB3  sing N N 197 
LEU CG  CD1  sing N N 198 
LEU CG  CD2  sing N N 199 
LEU CG  HG   sing N N 200 
LEU CD1 HD11 sing N N 201 
LEU CD1 HD12 sing N N 202 
LEU CD1 HD13 sing N N 203 
LEU CD2 HD21 sing N N 204 
LEU CD2 HD22 sing N N 205 
LEU CD2 HD23 sing N N 206 
LEU OXT HXT  sing N N 207 
LYS N   CA   sing N N 208 
LYS N   H    sing N N 209 
LYS N   H2   sing N N 210 
LYS CA  C    sing N N 211 
LYS CA  CB   sing N N 212 
LYS CA  HA   sing N N 213 
LYS C   O    doub N N 214 
LYS C   OXT  sing N N 215 
LYS CB  CG   sing N N 216 
LYS CB  HB2  sing N N 217 
LYS CB  HB3  sing N N 218 
LYS CG  CD   sing N N 219 
LYS CG  HG2  sing N N 220 
LYS CG  HG3  sing N N 221 
LYS CD  CE   sing N N 222 
LYS CD  HD2  sing N N 223 
LYS CD  HD3  sing N N 224 
LYS CE  NZ   sing N N 225 
LYS CE  HE2  sing N N 226 
LYS CE  HE3  sing N N 227 
LYS NZ  HZ1  sing N N 228 
LYS NZ  HZ2  sing N N 229 
LYS NZ  HZ3  sing N N 230 
LYS OXT HXT  sing N N 231 
MET N   CA   sing N N 232 
MET N   H    sing N N 233 
MET N   H2   sing N N 234 
MET CA  C    sing N N 235 
MET CA  CB   sing N N 236 
MET CA  HA   sing N N 237 
MET C   O    doub N N 238 
MET C   OXT  sing N N 239 
MET CB  CG   sing N N 240 
MET CB  HB2  sing N N 241 
MET CB  HB3  sing N N 242 
MET CG  SD   sing N N 243 
MET CG  HG2  sing N N 244 
MET CG  HG3  sing N N 245 
MET SD  CE   sing N N 246 
MET CE  HE1  sing N N 247 
MET CE  HE2  sing N N 248 
MET CE  HE3  sing N N 249 
MET OXT HXT  sing N N 250 
PHE N   CA   sing N N 251 
PHE N   H    sing N N 252 
PHE N   H2   sing N N 253 
PHE CA  C    sing N N 254 
PHE CA  CB   sing N N 255 
PHE CA  HA   sing N N 256 
PHE C   O    doub N N 257 
PHE C   OXT  sing N N 258 
PHE CB  CG   sing N N 259 
PHE CB  HB2  sing N N 260 
PHE CB  HB3  sing N N 261 
PHE CG  CD1  doub Y N 262 
PHE CG  CD2  sing Y N 263 
PHE CD1 CE1  sing Y N 264 
PHE CD1 HD1  sing N N 265 
PHE CD2 CE2  doub Y N 266 
PHE CD2 HD2  sing N N 267 
PHE CE1 CZ   doub Y N 268 
PHE CE1 HE1  sing N N 269 
PHE CE2 CZ   sing Y N 270 
PHE CE2 HE2  sing N N 271 
PHE CZ  HZ   sing N N 272 
PHE OXT HXT  sing N N 273 
PRO N   CA   sing N N 274 
PRO N   CD   sing N N 275 
PRO N   H    sing N N 276 
PRO CA  C    sing N N 277 
PRO CA  CB   sing N N 278 
PRO CA  HA   sing N N 279 
PRO C   O    doub N N 280 
PRO C   OXT  sing N N 281 
PRO CB  CG   sing N N 282 
PRO CB  HB2  sing N N 283 
PRO CB  HB3  sing N N 284 
PRO CG  CD   sing N N 285 
PRO CG  HG2  sing N N 286 
PRO CG  HG3  sing N N 287 
PRO CD  HD2  sing N N 288 
PRO CD  HD3  sing N N 289 
PRO OXT HXT  sing N N 290 
SER N   CA   sing N N 291 
SER N   H    sing N N 292 
SER N   H2   sing N N 293 
SER CA  C    sing N N 294 
SER CA  CB   sing N N 295 
SER CA  HA   sing N N 296 
SER C   O    doub N N 297 
SER C   OXT  sing N N 298 
SER CB  OG   sing N N 299 
SER CB  HB2  sing N N 300 
SER CB  HB3  sing N N 301 
SER OG  HG   sing N N 302 
SER OXT HXT  sing N N 303 
SO4 S   O1   doub N N 304 
SO4 S   O2   doub N N 305 
SO4 S   O3   sing N N 306 
SO4 S   O4   sing N N 307 
THR N   CA   sing N N 308 
THR N   H    sing N N 309 
THR N   H2   sing N N 310 
THR CA  C    sing N N 311 
THR CA  CB   sing N N 312 
THR CA  HA   sing N N 313 
THR C   O    doub N N 314 
THR C   OXT  sing N N 315 
THR CB  OG1  sing N N 316 
THR CB  CG2  sing N N 317 
THR CB  HB   sing N N 318 
THR OG1 HG1  sing N N 319 
THR CG2 HG21 sing N N 320 
THR CG2 HG22 sing N N 321 
THR CG2 HG23 sing N N 322 
THR OXT HXT  sing N N 323 
TRP N   CA   sing N N 324 
TRP N   H    sing N N 325 
TRP N   H2   sing N N 326 
TRP CA  C    sing N N 327 
TRP CA  CB   sing N N 328 
TRP CA  HA   sing N N 329 
TRP C   O    doub N N 330 
TRP C   OXT  sing N N 331 
TRP CB  CG   sing N N 332 
TRP CB  HB2  sing N N 333 
TRP CB  HB3  sing N N 334 
TRP CG  CD1  doub Y N 335 
TRP CG  CD2  sing Y N 336 
TRP CD1 NE1  sing Y N 337 
TRP CD1 HD1  sing N N 338 
TRP CD2 CE2  doub Y N 339 
TRP CD2 CE3  sing Y N 340 
TRP NE1 CE2  sing Y N 341 
TRP NE1 HE1  sing N N 342 
TRP CE2 CZ2  sing Y N 343 
TRP CE3 CZ3  doub Y N 344 
TRP CE3 HE3  sing N N 345 
TRP CZ2 CH2  doub Y N 346 
TRP CZ2 HZ2  sing N N 347 
TRP CZ3 CH2  sing Y N 348 
TRP CZ3 HZ3  sing N N 349 
TRP CH2 HH2  sing N N 350 
TRP OXT HXT  sing N N 351 
TYR N   CA   sing N N 352 
TYR N   H    sing N N 353 
TYR N   H2   sing N N 354 
TYR CA  C    sing N N 355 
TYR CA  CB   sing N N 356 
TYR CA  HA   sing N N 357 
TYR C   O    doub N N 358 
TYR C   OXT  sing N N 359 
TYR CB  CG   sing N N 360 
TYR CB  HB2  sing N N 361 
TYR CB  HB3  sing N N 362 
TYR CG  CD1  doub Y N 363 
TYR CG  CD2  sing Y N 364 
TYR CD1 CE1  sing Y N 365 
TYR CD1 HD1  sing N N 366 
TYR CD2 CE2  doub Y N 367 
TYR CD2 HD2  sing N N 368 
TYR CE1 CZ   doub Y N 369 
TYR CE1 HE1  sing N N 370 
TYR CE2 CZ   sing Y N 371 
TYR CE2 HE2  sing N N 372 
TYR CZ  OH   sing N N 373 
TYR OH  HH   sing N N 374 
TYR OXT HXT  sing N N 375 
VAL N   CA   sing N N 376 
VAL N   H    sing N N 377 
VAL N   H2   sing N N 378 
VAL CA  C    sing N N 379 
VAL CA  CB   sing N N 380 
VAL CA  HA   sing N N 381 
VAL C   O    doub N N 382 
VAL C   OXT  sing N N 383 
VAL CB  CG1  sing N N 384 
VAL CB  CG2  sing N N 385 
VAL CB  HB   sing N N 386 
VAL CG1 HG11 sing N N 387 
VAL CG1 HG12 sing N N 388 
VAL CG1 HG13 sing N N 389 
VAL CG2 HG21 sing N N 390 
VAL CG2 HG22 sing N N 391 
VAL CG2 HG23 sing N N 392 
VAL OXT HXT  sing N N 393 
VO4 V   O1   doub N N 394 
VO4 V   O2   sing N N 395 
VO4 V   O3   sing N N 396 
VO4 V   O4   sing N N 397 
# 
_pdbx_audit_support.funding_organization   'Other government' 
_pdbx_audit_support.country                'United States' 
_pdbx_audit_support.grant_number           ? 
_pdbx_audit_support.ordinal                1 
# 
_pdbx_initial_refinement_model.id               1 
_pdbx_initial_refinement_model.entity_id_list   ? 
_pdbx_initial_refinement_model.type             'experimental model' 
_pdbx_initial_refinement_model.source_name      PDB 
_pdbx_initial_refinement_model.accession_code   5z5a 
_pdbx_initial_refinement_model.details          ? 
# 
_space_group.name_H-M_alt     'P 61' 
_space_group.name_Hall        'P 61' 
_space_group.IT_number        169 
_space_group.crystal_system   hexagonal 
_space_group.id               1 
# 
_atom_sites.entry_id                    9E9L 
_atom_sites.Cartn_transf_matrix[1][1]   ? 
_atom_sites.Cartn_transf_matrix[1][2]   ? 
_atom_sites.Cartn_transf_matrix[1][3]   ? 
_atom_sites.Cartn_transf_matrix[2][1]   ? 
_atom_sites.Cartn_transf_matrix[2][2]   ? 
_atom_sites.Cartn_transf_matrix[2][3]   ? 
_atom_sites.Cartn_transf_matrix[3][1]   ? 
_atom_sites.Cartn_transf_matrix[3][2]   ? 
_atom_sites.Cartn_transf_matrix[3][3]   ? 
_atom_sites.Cartn_transf_vector[1]      ? 
_atom_sites.Cartn_transf_vector[2]      ? 
_atom_sites.Cartn_transf_vector[3]      ? 
_atom_sites.Cartn_transform_axes        ? 
_atom_sites.fract_transf_matrix[1][1]   -0.00109627 
_atom_sites.fract_transf_matrix[1][2]   -0.00910100 
_atom_sites.fract_transf_matrix[1][3]   0.00987045 
_atom_sites.fract_transf_matrix[2][1]   -0.01175929 
_atom_sites.fract_transf_matrix[2][2]   -0.00165483 
_atom_sites.fract_transf_matrix[2][3]   0.00635992 
_atom_sites.fract_transf_matrix[3][1]   -0.00816637 
_atom_sites.fract_transf_matrix[3][2]   -0.02144350 
_atom_sites.fract_transf_matrix[3][3]   -0.02067890 
_atom_sites.fract_transf_vector[1]      -0.112226 
_atom_sites.fract_transf_vector[2]      0.334778 
_atom_sites.fract_transf_vector[3]      -0.021799 
_atom_sites.solution_primary            ? 
_atom_sites.solution_secondary          ? 
_atom_sites.solution_hydrogens          ? 
_atom_sites.special_details             ? 
# 
loop_
_atom_type.symbol 
_atom_type.scat_dispersion_real 
_atom_type.scat_dispersion_imag 
_atom_type.scat_Cromer_Mann_a1 
_atom_type.scat_Cromer_Mann_a2 
_atom_type.scat_Cromer_Mann_a3 
_atom_type.scat_Cromer_Mann_a4 
_atom_type.scat_Cromer_Mann_b1 
_atom_type.scat_Cromer_Mann_b2 
_atom_type.scat_Cromer_Mann_b3 
_atom_type.scat_Cromer_Mann_b4 
_atom_type.scat_Cromer_Mann_c 
_atom_type.scat_source 
_atom_type.scat_dispersion_source 
C ? ? 3.54356  2.42580 ? ? 25.62398 1.50364  ? ? 0.0 
;2-Gaussian fit: Grosse-Kunstleve RW, Sauter NK, Adams PD: Newsletter of the IUCr Commission on Crystallographic Computing 2004, 3, 22-31.
;
? 
H ? ? 0.51345  0.48472 ? ? 24.73122 6.32584  ? ? 0.0 
;2-Gaussian fit: Grosse-Kunstleve RW, Sauter NK, Adams PD: Newsletter of the IUCr Commission on Crystallographic Computing 2004, 3, 22-31.
;
? 
N ? ? 4.01032  2.96436 ? ? 19.97189 1.75589  ? ? 0.0 
;2-Gaussian fit: Grosse-Kunstleve RW, Sauter NK, Adams PD: Newsletter of the IUCr Commission on Crystallographic Computing 2004, 3, 22-31.
;
? 
O ? ? 4.49882  3.47563 ? ? 15.80542 1.70748  ? ? 0.0 
;2-Gaussian fit: Grosse-Kunstleve RW, Sauter NK, Adams PD: Newsletter of the IUCr Commission on Crystallographic Computing 2004, 3, 22-31.
;
? 
S ? ? 9.55732  6.39887 ? ? 1.23737  29.19336 ? ? 0.0 
;2-Gaussian fit: Grosse-Kunstleve RW, Sauter NK, Adams PD: Newsletter of the IUCr Commission on Crystallographic Computing 2004, 3, 22-31.
;
? 
V ? ? 18.66134 4.26681 ? ? 3.12589  55.31642 ? ? 0.0 
;2-Gaussian fit: Grosse-Kunstleve RW, Sauter NK, Adams PD: Newsletter of the IUCr Commission on Crystallographic Computing 2004, 3, 22-31.
;
? 
# 
loop_
_atom_site.group_PDB 
_atom_site.id 
_atom_site.type_symbol 
_atom_site.label_atom_id 
_atom_site.label_alt_id 
_atom_site.label_comp_id 
_atom_site.label_asym_id 
_atom_site.label_entity_id 
_atom_site.label_seq_id 
_atom_site.pdbx_PDB_ins_code 
_atom_site.Cartn_x 
_atom_site.Cartn_y 
_atom_site.Cartn_z 
_atom_site.occupancy 
_atom_site.B_iso_or_equiv 
_atom_site.pdbx_formal_charge 
_atom_site.auth_seq_id 
_atom_site.auth_comp_id 
_atom_site.auth_asym_id 
_atom_site.auth_atom_id 
_atom_site.pdbx_PDB_model_num 
ATOM   1    N N   . MET A 1 1   ? -3.11077  18.26308  -5.73111  1.000 49.60000 ? 1   MET A N   1 
ATOM   2    C CA  . MET A 1 1   ? -2.42716  17.01494  -5.38495  1.000 51.31000 ? 1   MET A CA  1 
ATOM   3    C C   . MET A 1 1   ? -2.36140  16.78692  -3.85698  1.000 48.78000 ? 1   MET A C   1 
ATOM   4    O O   . MET A 1 1   ? -2.05045  17.70278  -3.09668  1.000 50.75000 ? 1   MET A O   1 
ATOM   5    C CB  . MET A 1 1   ? -1.02262  17.01902  -5.99164  1.000 49.04000 ? 1   MET A CB  1 
ATOM   6    C CG  . MET A 1 1   ? -0.35870  15.66840  -5.96910  1.000 48.42000 ? 1   MET A CG  1 
ATOM   7    S SD  . MET A 1 1   ? -1.05764  14.52054  -7.16612  1.000 68.62000 ? 1   MET A SD  1 
ATOM   8    C CE  . MET A 1 1   ? -1.28467  13.07235  -6.11995  1.000 43.28000 ? 1   MET A CE  1 
ATOM   9    N N   . TRP A 1 2   ? -2.65904  15.57188  -3.39962  1.000 49.13000 ? 2   TRP A N   1 
ATOM   10   C CA  . TRP A 1 2   ? -2.79502  15.31836  -1.97168  1.000 47.73000 ? 2   TRP A CA  1 
ATOM   11   C C   . TRP A 1 2   ? -1.42288  15.06535  -1.34747  1.000 47.03000 ? 2   TRP A C   1 
ATOM   12   O O   . TRP A 1 2   ? -0.85635  13.98040  -1.55449  1.000 44.30000 ? 2   TRP A O   1 
ATOM   13   C CB  . TRP A 1 2   ? -3.72295  14.14323  -1.73102  1.000 48.26000 ? 2   TRP A CB  1 
ATOM   14   C CG  . TRP A 1 2   ? -4.07951  13.96758  -0.29671  1.000 45.66000 ? 2   TRP A CG  1 
ATOM   15   C CD1 . TRP A 1 2   ? -4.59637  14.91150  0.53734   1.000 47.40000 ? 2   TRP A CD1 1 
ATOM   16   C CD2 . TRP A 1 2   ? -3.95028  12.77239  0.47637   1.000 43.70000 ? 2   TRP A CD2 1 
ATOM   17   N NE1 . TRP A 1 2   ? -4.79171  14.38067  1.78336   1.000 46.12000 ? 2   TRP A NE1 1 
ATOM   18   C CE2 . TRP A 1 2   ? -4.40514  13.06555  1.77256   1.000 44.91000 ? 2   TRP A CE2 1 
ATOM   19   C CE3 . TRP A 1 2   ? -3.49263  11.47740  0.19556   1.000 41.64000 ? 2   TRP A CE3 1 
ATOM   20   C CZ2 . TRP A 1 2   ? -4.41801  12.11528  2.79142   1.000 42.31000 ? 2   TRP A CZ2 1 
ATOM   21   C CZ3 . TRP A 1 2   ? -3.51067  10.52543  1.21077   1.000 42.40000 ? 2   TRP A CZ3 1 
ATOM   22   C CH2 . TRP A 1 2   ? -3.96426  10.85162  2.49460   1.000 39.46000 ? 2   TRP A CH2 1 
ATOM   23   N N   . PRO A 1 3   ? -0.88167  15.99583  -0.55584  1.000 47.48000 ? 3   PRO A N   1 
ATOM   24   C CA  . PRO A 1 3   ? 0.56014   15.99443  -0.27533  1.000 45.72000 ? 3   PRO A CA  1 
ATOM   25   C C   . PRO A 1 3   ? 1.00684   15.01995  0.79479   1.000 46.94000 ? 3   PRO A C   1 
ATOM   26   O O   . PRO A 1 3   ? 2.22025   14.81450  0.94092   1.000 44.79000 ? 3   PRO A O   1 
ATOM   27   C CB  . PRO A 1 3   ? 0.83182   17.44210  0.17158   1.000 48.23000 ? 3   PRO A CB  1 
ATOM   28   C CG  . PRO A 1 3   ? -0.51829  18.09508  0.34878   1.000 50.03000 ? 3   PRO A CG  1 
ATOM   29   C CD  . PRO A 1 3   ? -1.57478  17.03920  0.21332   1.000 50.00000 ? 3   PRO A CD  1 
ATOM   30   N N   . SER A 1 4   ? 0.08675   14.43738  1.56209   1.000 43.94000 ? 4   SER A N   1 
ATOM   31   C CA  . SER A 1 4   ? 0.47195   13.39173  2.49577   1.000 43.19000 ? 4   SER A CA  1 
ATOM   32   C C   . SER A 1 4   ? 0.81291   12.08668  1.78900   1.000 41.32000 ? 4   SER A C   1 
ATOM   33   O O   . SER A 1 4   ? 1.39110   11.19682  2.41471   1.000 40.32000 ? 4   SER A O   1 
ATOM   34   C CB  . SER A 1 4   ? -0.64236  13.16549  3.53044   1.000 47.79000 ? 4   SER A CB  1 
ATOM   35   O OG  . SER A 1 4   ? -0.35351  13.82303  4.76301   1.000 54.03000 ? 4   SER A OG  1 
ATOM   36   N N   . ALA A 1 5   ? 0.48429   11.94624  0.50942   1.000 38.09000 ? 5   ALA A N   1 
ATOM   37   C CA  . ALA A 1 5   ? 0.86662   10.74821  -0.22011  1.000 36.54000 ? 5   ALA A CA  1 
ATOM   38   C C   . ALA A 1 5   ? 2.31064   10.85036  -0.69017  1.000 39.12000 ? 5   ALA A C   1 
ATOM   39   O O   . ALA A 1 5   ? 2.82185   11.94029  -0.97368  1.000 34.42000 ? 5   ALA A O   1 
ATOM   40   C CB  . ALA A 1 5   ? -0.02877  10.52872  -1.43290  1.000 34.62000 ? 5   ALA A CB  1 
ATOM   41   N N   . ARG A 1 6   ? 2.96310   9.69422   -0.78859  1.000 32.20000 ? 6   ARG A N   1 
ATOM   42   C CA  . ARG A 1 6   ? 4.30685   9.60956   -1.34649  1.000 35.07000 ? 6   ARG A CA  1 
ATOM   43   C C   . ARG A 1 6   ? 4.33720   8.49322   -2.37724  1.000 34.31000 ? 6   ARG A C   1 
ATOM   44   O O   . ARG A 1 6   ? 3.91880   7.36387   -2.09548  1.000 30.76000 ? 6   ARG A O   1 
ATOM   45   C CB  . ARG A 1 6   ? 5.35055   9.38135   -0.25979  1.000 33.07000 ? 6   ARG A CB  1 
ATOM   46   C CG  . ARG A 1 6   ? 5.65046   10.63618  0.54921   1.000 40.12000 ? 6   ARG A CG  1 
ATOM   47   C CD  . ARG A 1 6   ? 6.33038   11.69334  -0.32262  1.000 40.19000 ? 6   ARG A CD  1 
ATOM   48   N NE  . ARG A 1 6   ? 6.71301   12.89629  0.41191   1.000 38.03000 ? 6   ARG A NE  1 
ATOM   49   C CZ  . ARG A 1 6   ? 5.89187   13.90907  0.64196   1.000 41.19000 ? 6   ARG A CZ  1 
ATOM   50   N NH1 . ARG A 1 6   ? 4.64355   13.89117  0.20797   1.000 41.37000 ? 6   ARG A NH1 1 
ATOM   51   N NH2 . ARG A 1 6   ? 6.33726   14.96796  1.31737   1.000 41.28000 ? 6   ARG A NH2 1 
ATOM   52   N N   . PHE A 1 7   ? 4.80390   8.83152   -3.57408  1.000 31.88000 ? 7   PHE A N   1 
ATOM   53   C CA  . PHE A 1 7   ? 4.82583   7.91994   -4.70480  1.000 31.51000 ? 7   PHE A CA  1 
ATOM   54   C C   . PHE A 1 7   ? 6.11521   7.10777   -4.69893  1.000 31.54000 ? 7   PHE A C   1 
ATOM   55   O O   . PHE A 1 7   ? 7.20691   7.66376   -4.55642  1.000 30.30000 ? 7   PHE A O   1 
ATOM   56   C CB  . PHE A 1 7   ? 4.68777   8.71279   -6.01617  1.000 28.76000 ? 7   PHE A CB  1 
ATOM   57   C CG  . PHE A 1 7   ? 3.27674   9.11218   -6.30777  1.000 28.36000 ? 7   PHE A CG  1 
ATOM   58   C CD1 . PHE A 1 7   ? 2.70499   10.17252  -5.64447  1.000 27.29000 ? 7   PHE A CD1 1 
ATOM   59   C CD2 . PHE A 1 7   ? 2.50958   8.38457   -7.19963  1.000 31.46000 ? 7   PHE A CD2 1 
ATOM   60   C CE1 . PHE A 1 7   ? 1.39663   10.52664  -5.88934  1.000 32.48000 ? 7   PHE A CE1 1 
ATOM   61   C CE2 . PHE A 1 7   ? 1.20046   8.73157   -7.45624  1.000 29.84000 ? 7   PHE A CE2 1 
ATOM   62   C CZ  . PHE A 1 7   ? 0.64131   9.80497   -6.79801  1.000 31.59000 ? 7   PHE A CZ  1 
ATOM   63   N N   . VAL A 1 8   ? 5.98779   5.79413   -4.85482  1.000 32.87000 ? 8   VAL A N   1 
ATOM   64   C CA  . VAL A 1 8   ? 7.18585   4.99316   -5.07843  1.000 35.10000 ? 8   VAL A CA  1 
ATOM   65   C C   . VAL A 1 8   ? 7.47924   4.82532   -6.55583  1.000 34.68000 ? 8   VAL A C   1 
ATOM   66   O O   . VAL A 1 8   ? 8.61806   4.49810   -6.90973  1.000 40.72000 ? 8   VAL A O   1 
ATOM   67   C CB  . VAL A 1 8   ? 7.10799   3.60831   -4.40929  1.000 32.72000 ? 8   VAL A CB  1 
ATOM   68   C CG1 . VAL A 1 8   ? 7.01344   3.78624   -2.92381  1.000 30.34000 ? 8   VAL A CG1 1 
ATOM   69   C CG2 . VAL A 1 8   ? 5.93828   2.82839   -4.93857  1.000 30.36000 ? 8   VAL A CG2 1 
ATOM   70   N N   . ASP A 1 9   ? 6.48932   5.02490   -7.42345  1.000 36.79000 ? 9   ASP A N   1 
ATOM   71   C CA  . ASP A 1 9   ? 6.73845   5.11688   -8.86001  1.000 41.18000 ? 9   ASP A CA  1 
ATOM   72   C C   . ASP A 1 9   ? 5.67378   6.02234   -9.48306  1.000 37.34000 ? 9   ASP A C   1 
ATOM   73   O O   . ASP A 1 9   ? 4.90328   6.68079   -8.77712  1.000 42.02000 ? 9   ASP A O   1 
ATOM   74   C CB  . ASP A 1 9   ? 6.77856   3.71616   -9.48919  1.000 37.98000 ? 9   ASP A CB  1 
ATOM   75   C CG  . ASP A 1 9   ? 5.43697   3.01042   -9.44644  1.000 39.04000 ? 9   ASP A CG  1 
ATOM   76   O OD1 . ASP A 1 9   ? 4.44177   3.62945   -9.00523  1.000 36.21000 ? 9   ASP A OD1 1 
ATOM   77   O OD2 . ASP A 1 9   ? 5.38010   1.83414   -9.86824  1.000 39.24000 ? 9   ASP A OD2 1 
ATOM   78   N N   . ASP A 1 10  ? 5.60900   6.04103   -10.81376 1.000 36.75000 ? 10  ASP A N   1 
ATOM   79   C CA  . ASP A 1 10  ? 4.63533   6.90869   -11.47538 1.000 43.08000 ? 10  ASP A CA  1 
ATOM   80   C C   . ASP A 1 10  ? 3.20732   6.67844   -10.96246 1.000 40.83000 ? 10  ASP A C   1 
ATOM   81   O O   . ASP A 1 10  ? 2.41395   7.62222   -10.91082 1.000 39.53000 ? 10  ASP A O   1 
ATOM   82   C CB  . ASP A 1 10  ? 4.68887   6.71328   -12.99675 1.000 46.43000 ? 10  ASP A CB  1 
ATOM   83   C CG  . ASP A 1 10  ? 5.86155   7.44831   -13.66191 1.000 53.11000 ? 10  ASP A CG  1 
ATOM   84   O OD1 . ASP A 1 10  ? 6.80127   7.85958   -12.94634 1.000 56.44000 ? 10  ASP A OD1 1 
ATOM   85   O OD2 . ASP A 1 10  ? 5.83340   7.61113   -14.90857 1.000 53.77000 ? 10  ASP A OD2 1 
ATOM   86   N N   . ASN A 1 11  ? 2.86432   5.45079   -10.55626 1.000 34.79000 ? 11  ASN A N   1 
ATOM   87   C CA  . ASN A 1 11  ? 1.46258   5.07557   -10.40528 1.000 35.98000 ? 11  ASN A CA  1 
ATOM   88   C C   . ASN A 1 11  ? 1.03464   4.66063   -8.99789  1.000 34.96000 ? 11  ASN A C   1 
ATOM   89   O O   . ASN A 1 11  ? -0.18044  4.58754   -8.75146  1.000 34.48000 ? 11  ASN A O   1 
ATOM   90   C CB  . ASN A 1 11  ? 1.10349   3.93009   -11.37153 1.000 39.01000 ? 11  ASN A CB  1 
ATOM   91   C CG  . ASN A 1 11  ? 1.32680   4.29294   -12.83828 1.000 43.28000 ? 11  ASN A CG  1 
ATOM   92   O OD1 . ASN A 1 11  ? 0.50266   4.95849   -13.45394 1.000 51.58000 ? 11  ASN A OD1 1 
ATOM   93   N ND2 . ASN A 1 11  ? 2.42864   3.82048   -13.40638 1.000 41.63000 ? 11  ASN A ND2 1 
ATOM   94   N N   . VAL A 1 12  ? 1.96472   4.38910   -8.07534  1.000 32.45000 ? 12  VAL A N   1 
ATOM   95   C CA  . VAL A 1 12  ? 1.62867   3.82478   -6.76144  1.000 32.36000 ? 12  VAL A CA  1 
ATOM   96   C C   . VAL A 1 12  ? 2.21713   4.69053   -5.65994  1.000 32.12000 ? 12  VAL A C   1 
ATOM   97   O O   . VAL A 1 12  ? 3.42210   4.97814   -5.67223  1.000 29.78000 ? 12  VAL A O   1 
ATOM   98   C CB  . VAL A 1 12  ? 2.13201   2.38485   -6.61424  1.000 32.89000 ? 12  VAL A CB  1 
ATOM   99   C CG1 . VAL A 1 12  ? 1.82097   1.85984   -5.21206  1.000 29.83000 ? 12  VAL A CG1 1 
ATOM   100  C CG2 . VAL A 1 12  ? 1.50979   1.51456   -7.67978  1.000 33.12000 ? 12  VAL A CG2 1 
ATOM   101  N N   . ALA A 1 13  ? 1.36663   5.08619   -4.70217  1.000 24.14000 ? 13  ALA A N   1 
ATOM   102  C CA  . ALA A 1 13  ? 1.72175   5.95231   -3.58509  1.000 26.27000 ? 13  ALA A CA  1 
ATOM   103  C C   . ALA A 1 13  ? 1.27051   5.29316   -2.29914  1.000 28.95000 ? 13  ALA A C   1 
ATOM   104  O O   . ALA A 1 13  ? 0.42182   4.39835   -2.31772  1.000 28.35000 ? 13  ALA A O   1 
ATOM   105  C CB  . ALA A 1 13  ? 1.05807   7.33399   -3.70715  1.000 28.88000 ? 13  ALA A CB  1 
ATOM   106  N N   . PHE A 1 14  ? 1.83926   5.71614   -1.17137  1.000 25.79000 ? 14  PHE A N   1 
ATOM   107  C CA  . PHE A 1 14  ? 1.31644   5.25887   0.10678   1.000 26.62000 ? 14  PHE A CA  1 
ATOM   108  C C   . PHE A 1 14  ? 1.18894   6.45292   1.03108   1.000 27.86000 ? 14  PHE A C   1 
ATOM   109  O O   . PHE A 1 14  ? 1.85185   7.47413   0.84707   1.000 31.72000 ? 14  PHE A O   1 
ATOM   110  C CB  . PHE A 1 14  ? 2.16719   4.12047   0.74815   1.000 26.97000 ? 14  PHE A CB  1 
ATOM   111  C CG  . PHE A 1 14  ? 3.54849   4.54000   1.21057   1.000 28.39000 ? 14  PHE A CG  1 
ATOM   112  C CD1 . PHE A 1 14  ? 4.54578   4.85743   0.29038   1.000 29.67000 ? 14  PHE A CD1 1 
ATOM   113  C CD2 . PHE A 1 14  ? 3.85870   4.57947   2.56328   1.000 32.94000 ? 14  PHE A CD2 1 
ATOM   114  C CE1 . PHE A 1 14  ? 5.82229   5.23375   0.70455   1.000 28.84000 ? 14  PHE A CE1 1 
ATOM   115  C CE2 . PHE A 1 14  ? 5.13850   4.95921   2.99502   1.000 32.40000 ? 14  PHE A CE2 1 
ATOM   116  C CZ  . PHE A 1 14  ? 6.12271   5.28478   2.05065   1.000 34.04000 ? 14  PHE A CZ  1 
ATOM   117  N N   . SER A 1 15  ? 0.28291   6.32378   2.00379   1.000 29.43000 ? 15  SER A N   1 
ATOM   118  C CA  . SER A 1 15  ? -0.04490  7.40467   2.92438   1.000 31.31000 ? 15  SER A CA  1 
ATOM   119  C C   . SER A 1 15  ? -0.70677  6.83442   4.17443   1.000 32.94000 ? 15  SER A C   1 
ATOM   120  O O   . SER A 1 15  ? -1.09807  5.66863   4.22784   1.000 30.23000 ? 15  SER A O   1 
ATOM   121  C CB  . SER A 1 15  ? -1.01791  8.39805   2.30093   1.000 32.17000 ? 15  SER A CB  1 
ATOM   122  O OG  . SER A 1 15  ? -2.25393  7.73130   2.12115   1.000 33.07000 ? 15  SER A OG  1 
ATOM   123  N N   . ARG A 1 16  ? -0.85207  7.70580   5.16403   1.000 32.97000 ? 16  ARG A N   1 
ATOM   124  C CA  . ARG A 1 16  ? -1.81106  7.53588   6.23578   1.000 37.61000 ? 16  ARG A CA  1 
ATOM   125  C C   . ARG A 1 16  ? -3.24038  7.49726   5.68413   1.000 37.37000 ? 16  ARG A C   1 
ATOM   126  O O   . ARG A 1 16  ? -3.51150  7.79743   4.50900   1.000 32.13000 ? 16  ARG A O   1 
ATOM   127  C CB  . ARG A 1 16  ? -1.70915  8.70128   7.20824   1.000 38.71000 ? 16  ARG A CB  1 
ATOM   128  C CG  . ARG A 1 16  ? -1.90788  10.05832  6.49493   1.000 40.88000 ? 16  ARG A CG  1 
ATOM   129  C CD  . ARG A 1 16  ? -2.20369  11.19452  7.47848   1.000 44.53000 ? 16  ARG A CD  1 
ATOM   130  N NE  . ARG A 1 16  ? -2.57579  12.45542  6.83474   1.000 43.98000 ? 16  ARG A NE  1 
ATOM   131  C CZ  . ARG A 1 16  ? -3.81439  12.78443  6.47931   1.000 47.36000 ? 16  ARG A CZ  1 
ATOM   132  N NH1 . ARG A 1 16  ? -4.82413  11.94131  6.62757   1.000 43.46000 ? 16  ARG A NH1 1 
ATOM   133  N NH2 . ARG A 1 16  ? -4.04739  13.99126  5.96219   1.000 42.52000 ? 16  ARG A NH2 1 
ATOM   134  N N   . MET A 1 17  ? -4.17302  7.19199   6.57663   1.000 35.78000 ? 17  MET A N   1 
ATOM   135  C CA  . MET A 1 17  ? -5.58037  7.09924   6.19342   1.000 33.54000 ? 17  MET A CA  1 
ATOM   136  C C   . MET A 1 17  ? -6.15466  8.48324   5.87084   1.000 35.74000 ? 17  MET A C   1 
ATOM   137  O O   . MET A 1 17  ? -5.99700  9.42080   6.66470   1.000 34.52000 ? 17  MET A O   1 
ATOM   138  C CB  . MET A 1 17  ? -6.35300  6.43108   7.33183   1.000 38.25000 ? 17  MET A CB  1 
ATOM   139  C CG  . MET A 1 17  ? -7.83228  6.21515   7.06741   1.000 38.15000 ? 17  MET A CG  1 
ATOM   140  S SD  . MET A 1 17  ? -8.60220  5.43920   8.50474   1.000 52.53000 ? 17  MET A SD  1 
ATOM   141  C CE  . MET A 1 17  ? -7.98463  6.42508   9.87348   1.000 46.54000 ? 17  MET A CE  1 
ATOM   142  N N   . PRO A 1 18  ? -6.80106  8.66732   4.71932   1.000 33.70000 ? 18  PRO A N   1 
ATOM   143  C CA  . PRO A 1 18  ? -7.51786  9.92763   4.48866   1.000 38.26000 ? 18  PRO A CA  1 
ATOM   144  C C   . PRO A 1 18  ? -8.73334  10.00681  5.38397   1.000 37.48000 ? 18  PRO A C   1 
ATOM   145  O O   . PRO A 1 18  ? -9.42798  9.01367   5.59922   1.000 34.26000 ? 18  PRO A O   1 
ATOM   146  C CB  . PRO A 1 18  ? -7.92578  9.84783   3.01469   1.000 36.19000 ? 18  PRO A CB  1 
ATOM   147  C CG  . PRO A 1 18  ? -8.01979  8.42413   2.72671   1.000 38.40000 ? 18  PRO A CG  1 
ATOM   148  C CD  . PRO A 1 18  ? -6.93028  7.75322   3.57323   1.000 35.78000 ? 18  PRO A CD  1 
ATOM   149  N N   . THR A 1 19  ? -8.96703  11.18843  5.93291   1.000 37.25000 ? 19  THR A N   1 
ATOM   150  C CA  . THR A 1 19  ? -10.18824 11.43245  6.68047   1.000 41.15000 ? 19  THR A CA  1 
ATOM   151  C C   . THR A 1 19  ? -11.34089 11.73710  5.72782   1.000 43.09000 ? 19  THR A C   1 
ATOM   152  O O   . THR A 1 19  ? -11.16100 11.89257  4.51865   1.000 40.67000 ? 19  THR A O   1 
ATOM   153  C CB  . THR A 1 19  ? -10.00525 12.59271  7.64267   1.000 44.22000 ? 19  THR A CB  1 
ATOM   154  O OG1 . THR A 1 19  ? -9.77027  13.78959  6.88682   1.000 49.57000 ? 19  THR A OG1 1 
ATOM   155  C CG2 . THR A 1 19  ? -8.84187  12.33087  8.56910   1.000 46.92000 ? 19  THR A CG2 1 
ATOM   156  N N   . GLU A 1 20  ? -12.54449 11.84398  6.28799   1.000 44.00000 ? 20  GLU A N   1 
ATOM   157  C CA  . GLU A 1 20  ? -13.71497 12.03109  5.44336   1.000 46.94000 ? 20  GLU A CA  1 
ATOM   158  C C   . GLU A 1 20  ? -13.56608 13.25424  4.54788   1.000 44.52000 ? 20  GLU A C   1 
ATOM   159  O O   . GLU A 1 20  ? -13.84806 13.19022  3.34689   1.000 48.80000 ? 20  GLU A O   1 
ATOM   160  C CB  . GLU A 1 20  ? -14.97203 12.13861  6.29882   1.000 47.39000 ? 20  GLU A CB  1 
ATOM   161  C CG  . GLU A 1 20  ? -15.97607 11.01653  6.04401   1.000 54.08000 ? 20  GLU A CG  1 
ATOM   162  C CD  . GLU A 1 20  ? -17.14455 11.44522  5.17063   1.000 58.99000 ? 20  GLU A CD  1 
ATOM   163  O OE1 . GLU A 1 20  ? -16.89724 11.87742  4.01833   1.000 60.40000 ? 20  GLU A OE1 1 
ATOM   164  O OE2 . GLU A 1 20  ? -18.30748 11.35642  5.64281   1.000 65.94000 ? 20  GLU A OE2 1 
ATOM   165  N N   . ARG A 1 21  ? -13.12421 14.38264  5.10778   1.000 44.41000 ? 21  ARG A N   1 
ATOM   166  C CA  . ARG A 1 21  ? -13.06135 15.60156  4.29996   1.000 44.86000 ? 21  ARG A CA  1 
ATOM   167  C C   . ARG A 1 21  ? -11.93175 15.57496  3.27648   1.000 47.42000 ? 21  ARG A C   1 
ATOM   168  O O   . ARG A 1 21  ? -11.77190 16.53192  2.50781   1.000 48.14000 ? 21  ARG A O   1 
ATOM   169  C CB  . ARG A 1 21  ? -12.92208 16.82776  5.20059   1.000 50.19000 ? 21  ARG A CB  1 
ATOM   170  N N   . GLU A 1 22  ? -11.15070 14.50677  3.23324   1.000 45.50000 ? 22  GLU A N   1 
ATOM   171  C CA  . GLU A 1 22  ? -10.09660 14.38838  2.24962   1.000 43.43000 ? 22  GLU A CA  1 
ATOM   172  C C   . GLU A 1 22  ? -10.44903 13.41364  1.14103   1.000 39.54000 ? 22  GLU A C   1 
ATOM   173  O O   . GLU A 1 22  ? -9.64068  13.20647  0.22852   1.000 41.70000 ? 22  GLU A O   1 
ATOM   174  C CB  . GLU A 1 22  ? -8.79477  13.95942  2.93318   1.000 43.55000 ? 22  GLU A CB  1 
ATOM   175  C CG  . GLU A 1 22  ? -8.30443  14.89144  4.04206   1.000 45.51000 ? 22  GLU A CG  1 
ATOM   176  C CD  . GLU A 1 22  ? -7.01359  14.36805  4.69343   1.000 47.11000 ? 22  GLU A CD  1 
ATOM   177  O OE1 . GLU A 1 22  ? -6.94207  13.15370  4.97144   1.000 43.52000 ? 22  GLU A OE1 1 
ATOM   178  O OE2 . GLU A 1 22  ? -6.06702  15.15829  4.91026   1.000 50.94000 ? 22  GLU A OE2 1 
ATOM   179  N N   . LEU A 1 23  ? -11.63611 12.81079  1.18487   1.000 37.39000 ? 23  LEU A N   1 
ATOM   180  C CA  . LEU A 1 23  ? -11.93499 11.74979  0.23123   1.000 37.54000 ? 23  LEU A CA  1 
ATOM   181  C C   . LEU A 1 23  ? -11.98096 12.27171  -1.19854  1.000 39.82000 ? 23  LEU A C   1 
ATOM   182  O O   . LEU A 1 23  ? -11.49900 11.60001  -2.11737  1.000 36.89000 ? 23  LEU A O   1 
ATOM   183  C CB  . LEU A 1 23  ? -13.25032 11.06782  0.60194   1.000 37.59000 ? 23  LEU A CB  1 
ATOM   184  C CG  . LEU A 1 23  ? -13.18207 10.35463  1.95536   1.000 43.24000 ? 23  LEU A CG  1 
ATOM   185  C CD1 . LEU A 1 23  ? -14.45759 9.59997   2.23039   1.000 41.21000 ? 23  LEU A CD1 1 
ATOM   186  C CD2 . LEU A 1 23  ? -11.99622 9.41344   1.99252   1.000 38.48000 ? 23  LEU A CD2 1 
ATOM   187  N N   . ASP A 1 24  ? -12.55959 13.45736  -1.41978  1.000 41.22000 ? 24  ASP A N   1 
ATOM   188  C CA  . ASP A 1 24  ? -12.60080 13.99143  -2.78038  1.000 39.55000 ? 24  ASP A CA  1 
ATOM   189  C C   . ASP A 1 24  ? -11.20541 14.30735  -3.28261  1.000 39.10000 ? 24  ASP A C   1 
ATOM   190  O O   . ASP A 1 24  ? -10.87007 13.97556  -4.42432  1.000 41.86000 ? 24  ASP A O   1 
ATOM   191  C CB  . ASP A 1 24  ? -13.49136 15.22542  -2.85836  1.000 46.26000 ? 24  ASP A CB  1 
ATOM   192  C CG  . ASP A 1 24  ? -14.94989 14.87571  -3.09381  1.000 44.60000 ? 24  ASP A CG  1 
ATOM   193  O OD1 . ASP A 1 24  ? -15.36524 13.74064  -2.76551  1.000 45.19000 ? 24  ASP A OD1 1 
ATOM   194  O OD2 . ASP A 1 24  ? -15.68214 15.74168  -3.61450  1.000 53.88000 ? 24  ASP A OD2 1 
ATOM   195  N N   . GLU A 1 25  ? -10.36822 14.91776  -2.43580  1.000 41.67000 ? 25  GLU A N   1 
ATOM   196  C CA  . GLU A 1 25  ? -8.96676  15.13592  -2.79125  1.000 44.54000 ? 25  GLU A CA  1 
ATOM   197  C C   . GLU A 1 25  ? -8.34234  13.87243  -3.35284  1.000 43.74000 ? 25  GLU A C   1 
ATOM   198  O O   . GLU A 1 25  ? -7.72456  13.88484  -4.42077  1.000 39.36000 ? 25  GLU A O   1 
ATOM   199  C CB  . GLU A 1 25  ? -8.16156  15.59070  -1.57175  1.000 50.57000 ? 25  GLU A CB  1 
ATOM   200  C CG  . GLU A 1 25  ? -8.71988  16.79958  -0.84073  1.000 51.49000 ? 25  GLU A CG  1 
ATOM   201  C CD  . GLU A 1 25  ? -7.80990  17.25247  0.29455   1.000 54.64000 ? 25  GLU A CD  1 
ATOM   202  O OE1 . GLU A 1 25  ? -6.59554  17.43159  0.04898   1.000 58.77000 ? 25  GLU A OE1 1 
ATOM   203  O OE2 . GLU A 1 25  ? -8.31127  17.42334  1.43268   1.000 56.47000 ? 25  GLU A OE2 1 
ATOM   204  N N   . VAL A 1 26  ? -8.48812  12.76313  -2.62743  1.000 40.69000 ? 26  VAL A N   1 
ATOM   205  C CA  . VAL A 1 26  ? -7.84007  11.53010  -3.03574  1.000 39.47000 ? 26  VAL A CA  1 
ATOM   206  C C   . VAL A 1 26  ? -8.52604  10.90565  -4.23991  1.000 37.60000 ? 26  VAL A C   1 
ATOM   207  O O   . VAL A 1 26  ? -7.85664  10.31594  -5.09372  1.000 33.87000 ? 26  VAL A O   1 
ATOM   208  C CB  . VAL A 1 26  ? -7.78998  10.54659  -1.85191  1.000 39.41000 ? 26  VAL A CB  1 
ATOM   209  C CG1 . VAL A 1 26  ? -7.27022  9.22029   -2.32047  1.000 36.64000 ? 26  VAL A CG1 1 
ATOM   210  C CG2 . VAL A 1 26  ? -6.92815  11.10509  -0.72946  1.000 43.54000 ? 26  VAL A CG2 1 
ATOM   211  N N   . ALA A 1 27  ? -9.86145  10.98298  -4.32300  1.000 32.32000 ? 27  ALA A N   1 
ATOM   212  C CA  . ALA A 1 27  ? -10.54224 10.48642  -5.51397  1.000 33.65000 ? 27  ALA A CA  1 
ATOM   213  C C   . ALA A 1 27  ? -10.09164 11.22259  -6.77049  1.000 38.67000 ? 27  ALA A C   1 
ATOM   214  O O   . ALA A 1 27  ? -10.05089 10.63271  -7.85685  1.000 41.80000 ? 27  ALA A O   1 
ATOM   215  C CB  . ALA A 1 27  ? -12.05886 10.60821  -5.35501  1.000 33.29000 ? 27  ALA A CB  1 
ATOM   216  N N   . LYS A 1 28  ? -9.77464  12.51142  -6.65178  1.000 37.67000 ? 28  LYS A N   1 
ATOM   217  C CA  . LYS A 1 28  ? -9.28106  13.25460  -7.81005  1.000 40.08000 ? 28  LYS A CA  1 
ATOM   218  C C   . LYS A 1 28  ? -8.01362  12.63367  -8.37323  1.000 41.76000 ? 28  LYS A C   1 
ATOM   219  O O   . LYS A 1 28  ? -7.84625  12.54291  -9.59548  1.000 39.58000 ? 28  LYS A O   1 
ATOM   220  C CB  . LYS A 1 28  ? -9.00004  14.70173  -7.43498  1.000 39.82000 ? 28  LYS A CB  1 
ATOM   221  C CG  . LYS A 1 28  ? -10.16830 15.41808  -6.83515  1.000 52.06000 ? 28  LYS A CG  1 
ATOM   222  C CD  . LYS A 1 28  ? -9.94641  16.92325  -6.83600  1.000 57.35000 ? 28  LYS A CD  1 
ATOM   223  C CE  . LYS A 1 28  ? -11.16481 17.66279  -6.27627  1.000 59.08000 ? 28  LYS A CE  1 
ATOM   224  N NZ  . LYS A 1 28  ? -11.01887 19.14111  -6.44783  1.000 62.14000 ? 28  LYS A NZ  1 
ATOM   225  N N   . ASP A 1 29  ? -7.10875  12.21928  -7.49424  1.000 37.84000 ? 29  ASP A N   1 
ATOM   226  C CA  . ASP A 1 29  ? -5.76323  11.82430  -7.86697  1.000 38.51000 ? 29  ASP A CA  1 
ATOM   227  C C   . ASP A 1 29  ? -5.60221  10.32624  -8.02470  1.000 36.32000 ? 29  ASP A C   1 
ATOM   228  O O   . ASP A 1 29  ? -4.69386  9.88586   -8.73040  1.000 33.58000 ? 29  ASP A O   1 
ATOM   229  C CB  . ASP A 1 29  ? -4.77303  12.31949  -6.81171  1.000 40.08000 ? 29  ASP A CB  1 
ATOM   230  C CG  . ASP A 1 29  ? -4.97424  13.78919  -6.47725  1.000 47.60000 ? 29  ASP A CG  1 
ATOM   231  O OD1 . ASP A 1 29  ? -5.57465  14.50827  -7.29650  1.000 51.93000 ? 29  ASP A OD1 1 
ATOM   232  O OD2 . ASP A 1 29  ? -4.53859  14.23509  -5.39687  1.000 49.36000 ? 29  ASP A OD2 1 
ATOM   233  N N   . PHE A 1 30  ? -6.44701  9.53500   -7.39489  1.000 35.08000 ? 30  PHE A N   1 
ATOM   234  C CA  . PHE A 1 30  ? -6.27676  8.09121   -7.40493  1.000 33.51000 ? 30  PHE A CA  1 
ATOM   235  C C   . PHE A 1 30  ? -7.56930  7.42589   -7.84768  1.000 36.59000 ? 30  PHE A C   1 
ATOM   236  O O   . PHE A 1 30  ? -8.66016  7.82939   -7.44245  1.000 38.45000 ? 30  PHE A O   1 
ATOM   237  C CB  . PHE A 1 30  ? -5.85188  7.56530   -6.01908  1.000 33.51000 ? 30  PHE A CB  1 
ATOM   238  C CG  . PHE A 1 30  ? -4.52838  8.09915   -5.54483  1.000 30.69000 ? 30  PHE A CG  1 
ATOM   239  C CD1 . PHE A 1 30  ? -3.35449  7.43993   -5.84613  1.000 30.33000 ? 30  PHE A CD1 1 
ATOM   240  C CD2 . PHE A 1 30  ? -4.46319  9.25418   -4.78909  1.000 30.36000 ? 30  PHE A CD2 1 
ATOM   241  C CE1 . PHE A 1 30  ? -2.13939  7.94409   -5.41480  1.000 31.39000 ? 30  PHE A CE1 1 
ATOM   242  C CE2 . PHE A 1 30  ? -3.25692  9.74702   -4.34104  1.000 28.71000 ? 30  PHE A CE2 1 
ATOM   243  C CZ  . PHE A 1 30  ? -2.09245  9.09305   -4.66051  1.000 30.70000 ? 30  PHE A CZ  1 
ATOM   244  N N   . ASP A 1 31  ? -7.43649  6.41428   -8.69140  1.000 33.35000 ? 31  ASP A N   1 
ATOM   245  C CA  . ASP A 1 31  ? -8.55762  5.63319   -9.17143  1.000 32.01000 ? 31  ASP A CA  1 
ATOM   246  C C   . ASP A 1 31  ? -8.77443  4.36503   -8.37722  1.000 31.68000 ? 31  ASP A C   1 
ATOM   247  O O   . ASP A 1 31  ? -9.80829  3.72232   -8.54974  1.000 27.42000 ? 31  ASP A O   1 
ATOM   248  C CB  . ASP A 1 31  ? -8.32295  5.27450   -10.62489 1.000 35.75000 ? 31  ASP A CB  1 
ATOM   249  C CG  . ASP A 1 31  ? -7.70632  6.42372   -11.38645 1.000 48.35000 ? 31  ASP A CG  1 
ATOM   250  O OD1 . ASP A 1 31  ? -8.47540  7.35010   -11.76253 1.000 46.71000 ? 31  ASP A OD1 1 
ATOM   251  O OD2 . ASP A 1 31  ? -6.45291  6.42606   -11.55075 1.000 42.17000 ? 31  ASP A OD2 1 
ATOM   252  N N   . ALA A 1 32  ? -7.81086  3.97204   -7.54510  1.000 30.81000 ? 32  ALA A N   1 
ATOM   253  C CA  . ALA A 1 32  ? -7.88602  2.72502   -6.80335  1.000 30.03000 ? 32  ALA A CA  1 
ATOM   254  C C   . ALA A 1 32  ? -7.22659  2.91370   -5.44603  1.000 32.75000 ? 32  ALA A C   1 
ATOM   255  O O   . ALA A 1 32  ? -6.31308  3.72427   -5.28503  1.000 30.92000 ? 32  ALA A O   1 
ATOM   256  C CB  . ALA A 1 32  ? -7.20481  1.57811   -7.57697  1.000 30.70000 ? 32  ALA A CB  1 
ATOM   257  N N   . VAL A 1 33  ? -7.67607  2.14643   -4.46242  1.000 28.74000 ? 33  VAL A N   1 
ATOM   258  C CA  . VAL A 1 33  ? -7.14415  2.27118   -3.11392  1.000 30.21000 ? 33  VAL A CA  1 
ATOM   259  C C   . VAL A 1 33  ? -7.04987  0.88765   -2.49470  1.000 26.59000 ? 33  VAL A C   1 
ATOM   260  O O   . VAL A 1 33  ? -7.97202  0.07750   -2.62285  1.000 28.58000 ? 33  VAL A O   1 
ATOM   261  C CB  . VAL A 1 33  ? -8.01013  3.19679   -2.22905  1.000 30.25000 ? 33  VAL A CB  1 
ATOM   262  C CG1 . VAL A 1 33  ? -7.44529  3.24127   -0.83421  1.000 33.82000 ? 33  VAL A CG1 1 
ATOM   263  C CG2 . VAL A 1 33  ? -8.06995  4.61122   -2.79981  1.000 31.34000 ? 33  VAL A CG2 1 
ATOM   264  N N   . VAL A 1 34  ? -5.94102  0.63474   -1.81293  1.000 24.36000 ? 34  VAL A N   1 
ATOM   265  C CA  . VAL A 1 34  ? -5.71184  -0.58516  -1.03726  1.000 25.25000 ? 34  VAL A CA  1 
ATOM   266  C C   . VAL A 1 34  ? -5.83245  -0.18831  0.41674   1.000 24.57000 ? 34  VAL A C   1 
ATOM   267  O O   . VAL A 1 34  ? -4.96451  0.53022   0.93764   1.000 28.76000 ? 34  VAL A O   1 
ATOM   268  C CB  . VAL A 1 34  ? -4.32808  -1.19462  -1.29977  1.000 26.16000 ? 34  VAL A CB  1 
ATOM   269  C CG1 . VAL A 1 34  ? -4.10521  -2.43438  -0.43081  1.000 22.53000 ? 34  VAL A CG1 1 
ATOM   270  C CG2 . VAL A 1 34  ? -4.10006  -1.49541  -2.80766  1.000 27.06000 ? 34  VAL A CG2 1 
ATOM   271  N N   . VAL A 1 35  ? -6.87644  -0.68071  1.07374   1.000 23.32000 ? 35  VAL A N   1 
ATOM   272  C CA  . VAL A 1 35  ? -7.14921  -0.38521  2.47633   1.000 24.93000 ? 35  VAL A CA  1 
ATOM   273  C C   . VAL A 1 35  ? -6.63503  -1.53746  3.34116   1.000 29.98000 ? 35  VAL A C   1 
ATOM   274  O O   . VAL A 1 35  ? -7.16705  -2.65982  3.29606   1.000 27.89000 ? 35  VAL A O   1 
ATOM   275  C CB  . VAL A 1 35  ? -8.64424  -0.14320  2.70226   1.000 26.14000 ? 35  VAL A CB  1 
ATOM   276  C CG1 . VAL A 1 35  ? -8.90834  0.18583   4.15927   1.000 28.98000 ? 35  VAL A CG1 1 
ATOM   277  C CG2 . VAL A 1 35  ? -9.09425  0.98872   1.81524   1.000 29.74000 ? 35  VAL A CG2 1 
ATOM   278  N N   . LEU A 1 36  ? -5.63310  -1.25712  4.16944   1.000 27.07000 ? 36  LEU A N   1 
ATOM   279  C CA  . LEU A 1 36  ? -5.01282  -2.30375  4.96350   1.000 28.12000 ? 36  LEU A CA  1 
ATOM   280  C C   . LEU A 1 36  ? -5.51774  -2.35173  6.38973   1.000 33.53000 ? 36  LEU A C   1 
ATOM   281  O O   . LEU A 1 36  ? -4.99044  -3.14144  7.19309   1.000 34.27000 ? 36  LEU A O   1 
ATOM   282  C CB  . LEU A 1 36  ? -3.49497  -2.13272  4.96348   1.000 28.63000 ? 36  LEU A CB  1 
ATOM   283  C CG  . LEU A 1 36  ? -2.97788  -2.31217  3.54721   1.000 27.78000 ? 36  LEU A CG  1 
ATOM   284  C CD1 . LEU A 1 36  ? -1.51623  -1.99712  3.52310   1.000 25.43000 ? 36  LEU A CD1 1 
ATOM   285  C CD2 . LEU A 1 36  ? -3.22321  -3.75547  3.10778   1.000 27.13000 ? 36  LEU A CD2 1 
ATOM   286  N N   . VAL A 1 37  ? -6.49916  -1.52658  6.73424   1.000 35.07000 ? 37  VAL A N   1 
ATOM   287  C CA  . VAL A 1 37  ? -6.94802  -1.40730  8.11277   1.000 34.12000 ? 37  VAL A CA  1 
ATOM   288  C C   . VAL A 1 37  ? -8.27787  -2.12697  8.25196   1.000 38.03000 ? 37  VAL A C   1 
ATOM   289  O O   . VAL A 1 37  ? -9.09248  -2.15903  7.31781   1.000 35.14000 ? 37  VAL A O   1 
ATOM   290  C CB  . VAL A 1 37  ? -7.03739  0.07361   8.54679   1.000 40.70000 ? 37  VAL A CB  1 
ATOM   291  C CG1 . VAL A 1 37  ? -7.46863  0.93889   7.40903   1.000 38.01000 ? 37  VAL A CG1 1 
ATOM   292  C CG2 . VAL A 1 37  ? -7.99446  0.24854   9.69486   1.000 47.69000 ? 37  VAL A CG2 1 
ATOM   293  N N   . GLU A 1 38  ? -8.49166  -2.70890  9.43576   1.000 36.53000 ? 38  GLU A N   1 
ATOM   294  C CA  . GLU A 1 38  ? -9.72512  -3.43477  9.74946   1.000 43.57000 ? 38  GLU A CA  1 
ATOM   295  C C   . GLU A 1 38  ? -10.94531 -2.52327  9.70885   1.000 42.60000 ? 38  GLU A C   1 
ATOM   296  O O   . GLU A 1 38  ? -10.88390 -1.34491  10.06546  1.000 38.78000 ? 38  GLU A O   1 
ATOM   297  C CB  . GLU A 1 38  ? -9.65191  -4.07093  11.14054  1.000 40.77000 ? 38  GLU A CB  1 
ATOM   298  C CG  . GLU A 1 38  ? -9.30819  -5.54444  11.14062  1.000 42.22000 ? 38  GLU A CG  1 
ATOM   299  C CD  . GLU A 1 38  ? -7.82506  -5.79689  10.95562  1.000 48.33000 ? 38  GLU A CD  1 
ATOM   300  O OE1 . GLU A 1 38  ? -7.15493  -5.00566  10.23795  1.000 48.50000 ? 38  GLU A OE1 1 
ATOM   301  O OE2 . GLU A 1 38  ? -7.32940  -6.78782  11.53799  1.000 50.31000 ? 38  GLU A OE2 1 
ATOM   302  N N   . GLU A 1 39  ? -12.07798 -3.10183  9.31315   1.000 46.59000 ? 39  GLU A N   1 
ATOM   303  C CA  . GLU A 1 39  ? -13.28524 -2.30557  9.13301   1.000 48.57000 ? 39  GLU A CA  1 
ATOM   304  C C   . GLU A 1 39  ? -13.59258 -1.48048  10.37650  1.000 44.27000 ? 39  GLU A C   1 
ATOM   305  O O   . GLU A 1 39  ? -14.05382 -0.33432  10.28578  1.000 43.72000 ? 39  GLU A O   1 
ATOM   306  C CB  . GLU A 1 39  ? -14.46020 -3.22340  8.79961   1.000 52.16000 ? 39  GLU A CB  1 
ATOM   307  C CG  . GLU A 1 39  ? -15.54890 -2.54319  8.01632   1.000 50.78000 ? 39  GLU A CG  1 
ATOM   308  C CD  . GLU A 1 39  ? -16.81287 -3.36385  7.96087   1.000 56.51000 ? 39  GLU A CD  1 
ATOM   309  O OE2 . GLU A 1 39  ? -17.89931 -2.74419  7.96243   1.000 70.01000 ? 39  GLU A OE2 1 
ATOM   310  N N   . TYR A 1 40  ? -13.32623 -2.04189  11.55107  1.000 43.36000 ? 40  TYR A N   1 
ATOM   311  C CA  . TYR A 1 40  ? -13.73835 -1.39057  12.78012  1.000 37.67000 ? 40  TYR A CA  1 
ATOM   312  C C   . TYR A 1 40  ? -12.90934 -0.16376  13.11346  1.000 39.72000 ? 40  TYR A C   1 
ATOM   313  O O   . TYR A 1 40  ? -13.31872 0.62419   13.96375  1.000 34.57000 ? 40  TYR A O   1 
ATOM   314  C CB  . TYR A 1 40  ? -13.67465 -2.39460  13.90964  1.000 41.64000 ? 40  TYR A CB  1 
ATOM   315  C CG  . TYR A 1 40  ? -14.75111 -3.44716  13.79954  1.000 49.39000 ? 40  TYR A CG  1 
ATOM   316  C CD1 . TYR A 1 40  ? -14.57877 -4.56746  13.00063  1.000 53.77000 ? 40  TYR A CD1 1 
ATOM   317  C CD2 . TYR A 1 40  ? -15.95346 -3.30990  14.48007  1.000 47.00000 ? 40  TYR A CD2 1 
ATOM   318  C CE1 . TYR A 1 40  ? -15.57693 -5.53311  12.90542  1.000 54.00000 ? 40  TYR A CE1 1 
ATOM   319  C CE2 . TYR A 1 40  ? -16.94439 -4.26982  14.39548  1.000 47.60000 ? 40  TYR A CE2 1 
ATOM   320  C CZ  . TYR A 1 40  ? -16.75072 -5.37431  13.59565  1.000 50.65000 ? 40  TYR A CZ  1 
ATOM   321  N N   . GLU A 1 41  ? -11.75674 0.03076   12.47599  1.000 38.49000 ? 41  GLU A N   1 
ATOM   322  C CA  . GLU A 1 41  ? -10.91868 1.18207   12.78100  1.000 35.55000 ? 41  GLU A CA  1 
ATOM   323  C C   . GLU A 1 41  ? -11.11373 2.31383   11.79346  1.000 40.76000 ? 41  GLU A C   1 
ATOM   324  O O   . GLU A 1 41  ? -10.39624 3.32063   11.86124  1.000 42.05000 ? 41  GLU A O   1 
ATOM   325  C CB  . GLU A 1 41  ? -9.44212  0.77080   12.84543  1.000 39.89000 ? 41  GLU A CB  1 
ATOM   326  C CG  . GLU A 1 41  ? -9.10920  0.20249   14.23238  1.000 37.30000 ? 41  GLU A CG  1 
ATOM   327  C CD  . GLU A 1 41  ? -7.66050  -0.18621  14.42484  1.000 41.11000 ? 41  GLU A CD  1 
ATOM   328  O OE1 . GLU A 1 41  ? -6.88615  -0.15718  13.43467  1.000 39.31000 ? 41  GLU A OE1 1 
ATOM   329  O OE2 . GLU A 1 41  ? -7.31495  -0.54305  15.58304  1.000 37.66000 ? 41  GLU A OE2 1 
ATOM   330  N N   . LEU A 1 42  ? -12.07072 2.16404   10.88525  1.000 41.09000 ? 42  LEU A N   1 
ATOM   331  C CA  . LEU A 1 42  ? -12.44541 3.11644   9.85142   1.000 41.35000 ? 42  LEU A CA  1 
ATOM   332  C C   . LEU A 1 42  ? -13.44105 4.12093   10.40693  1.000 37.62000 ? 42  LEU A C   1 
ATOM   333  O O   . LEU A 1 42  ? -14.38436 3.73107   11.10307  1.000 43.58000 ? 42  LEU A O   1 
ATOM   334  C CB  . LEU A 1 42  ? -13.06317 2.39478   8.67182   1.000 42.71000 ? 42  LEU A CB  1 
ATOM   335  C CG  . LEU A 1 42  ? -12.11205 1.35074   8.09573   1.000 44.30000 ? 42  LEU A CG  1 
ATOM   336  C CD1 . LEU A 1 42  ? -12.88992 0.31918   7.29773   1.000 47.26000 ? 42  LEU A CD1 1 
ATOM   337  C CD2 . LEU A 1 42  ? -11.10734 2.05410   7.23248   1.000 44.66000 ? 42  LEU A CD2 1 
ATOM   338  N N   . PRO A 1 43  ? -13.24703 5.40833   10.13056  1.000 38.76000 ? 43  PRO A N   1 
ATOM   339  C CA  . PRO A 1 43  ? -14.21072 6.43937   10.53390  1.000 37.91000 ? 43  PRO A CA  1 
ATOM   340  C C   . PRO A 1 43  ? -15.33433 6.67177   9.53566   1.000 34.30000 ? 43  PRO A C   1 
ATOM   341  O O   . PRO A 1 43  ? -16.16342 7.56624   9.75411   1.000 35.73000 ? 43  PRO A O   1 
ATOM   342  C CB  . PRO A 1 43  ? -13.31887 7.67847   10.62654  1.000 37.37000 ? 43  PRO A CB  1 
ATOM   343  C CG  . PRO A 1 43  ? -12.33043 7.45339   9.55094   1.000 41.93000 ? 43  PRO A CG  1 
ATOM   344  C CD  . PRO A 1 43  ? -12.03504 5.98130   9.52980   1.000 36.45000 ? 43  PRO A CD  1 
ATOM   345  N N   . TYR A 1 44  ? -15.36044 5.90524   8.45126   1.000 33.44000 ? 44  TYR A N   1 
ATOM   346  C CA  . TYR A 1 44  ? -16.42275 5.97714   7.46530   1.000 33.33000 ? 44  TYR A CA  1 
ATOM   347  C C   . TYR A 1 44  ? -16.51727 4.60985   6.80981   1.000 34.39000 ? 44  TYR A C   1 
ATOM   348  O O   . TYR A 1 44  ? -15.59433 3.79565   6.89379   1.000 31.38000 ? 44  TYR A O   1 
ATOM   349  C CB  . TYR A 1 44  ? -16.15434 7.08667   6.42235   1.000 37.81000 ? 44  TYR A CB  1 
ATOM   350  C CG  . TYR A 1 44  ? -14.71973 7.07599   5.94156   1.000 36.59000 ? 44  TYR A CG  1 
ATOM   351  C CD1 . TYR A 1 44  ? -14.30816 6.17272   4.97847   1.000 32.76000 ? 44  TYR A CD1 1 
ATOM   352  C CD2 . TYR A 1 44  ? -13.77549 7.93078   6.48224   1.000 31.96000 ? 44  TYR A CD2 1 
ATOM   353  C CE1 . TYR A 1 44  ? -13.00044 6.10782   4.56668   1.000 38.59000 ? 44  TYR A CE1 1 
ATOM   354  C CE2 . TYR A 1 44  ? -12.47134 7.88290   6.06615   1.000 38.52000 ? 44  TYR A CE2 1 
ATOM   355  C CZ  . TYR A 1 44  ? -12.08389 6.96835   5.10636   1.000 36.88000 ? 44  TYR A CZ  1 
ATOM   356  O OH  . TYR A 1 44  ? -10.77351 6.90329   4.66978   1.000 38.14000 ? 44  TYR A OH  1 
ATOM   357  N N   . SER A 1 45  ? -17.64695 4.36693   6.15748   1.000 31.67000 ? 45  SER A N   1 
ATOM   358  C CA  . SER A 1 45  ? -17.82757 3.14310   5.39918   1.000 33.04000 ? 45  SER A CA  1 
ATOM   359  C C   . SER A 1 45  ? -17.01225 3.20326   4.12007   1.000 33.57000 ? 45  SER A C   1 
ATOM   360  O O   . SER A 1 45  ? -16.92683 4.24831   3.46122   1.000 33.92000 ? 45  SER A O   1 
ATOM   361  C CB  . SER A 1 45  ? -19.29651 2.93336   5.04959   1.000 33.84000 ? 45  SER A CB  1 
ATOM   362  O OG  . SER A 1 45  ? -19.40107 1.95139   4.03733   1.000 38.94000 ? 45  SER A OG  1 
ATOM   363  N N   . LEU A 1 46  ? -16.40578 2.07171   3.76933   1.000 31.33000 ? 46  LEU A N   1 
ATOM   364  C CA  . LEU A 1 46  ? -15.74683 1.95677   2.47961   1.000 33.95000 ? 46  LEU A CA  1 
ATOM   365  C C   . LEU A 1 46  ? -16.70288 2.18889   1.31242   1.000 34.95000 ? 46  LEU A C   1 
ATOM   366  O O   . LEU A 1 46  ? -16.23120 2.36007   0.18086   1.000 28.36000 ? 46  LEU A O   1 
ATOM   367  C CB  . LEU A 1 46  ? -15.07461 0.58960   2.36068   1.000 27.00000 ? 46  LEU A CB  1 
ATOM   368  C CG  . LEU A 1 46  ? -13.99158 0.37700   3.42461   1.000 35.78000 ? 46  LEU A CG  1 
ATOM   369  C CD1 . LEU A 1 46  ? -13.38461 -0.99538  3.27264   1.000 35.48000 ? 46  LEU A CD1 1 
ATOM   370  C CD2 . LEU A 1 46  ? -12.90012 1.43567   3.30139   1.000 30.86000 ? 46  LEU A CD2 1 
ATOM   371  N N   . GLU A 1 47  ? -18.02086 2.22127   1.53792   1.000 35.31000 ? 47  GLU A N   1 
ATOM   372  C CA  . GLU A 1 47  ? -18.87628 2.60467   0.41612   1.000 37.25000 ? 47  GLU A CA  1 
ATOM   373  C C   . GLU A 1 47  ? -18.65123 4.05419   0.00418   1.000 30.42000 ? 47  GLU A C   1 
ATOM   374  O O   . GLU A 1 47  ? -19.09383 4.44610   -1.07439  1.000 35.84000 ? 47  GLU A O   1 
ATOM   375  C CB  . GLU A 1 47  ? -20.36861 2.35983   0.72160   1.000 38.12000 ? 47  GLU A CB  1 
ATOM   376  C CG  . GLU A 1 47  ? -21.19379 2.20610   -0.57515  1.000 47.05000 ? 47  GLU A CG  1 
ATOM   377  C CD  . GLU A 1 47  ? -22.53005 1.50151   -0.40574  1.000 58.15000 ? 47  GLU A CD  1 
ATOM   378  O OE1 . GLU A 1 47  ? -22.86480 1.09043   0.73230   1.000 66.11000 ? 47  GLU A OE1 1 
ATOM   379  O OE2 . GLU A 1 47  ? -23.25066 1.35979   -1.42762  1.000 60.08000 ? 47  GLU A OE2 1 
ATOM   380  N N   . GLU A 1 48  ? -17.97278 4.85412   0.82920   1.000 32.09000 ? 48  GLU A N   1 
ATOM   381  C CA  . GLU A 1 48  ? -17.62540 6.21711   0.43030   1.000 32.89000 ? 48  GLU A CA  1 
ATOM   382  C C   . GLU A 1 48  ? -16.77170 6.22297   -0.83007  1.000 34.92000 ? 48  GLU A C   1 
ATOM   383  O O   . GLU A 1 48  ? -16.87105 7.14952   -1.64111  1.000 35.13000 ? 48  GLU A O   1 
ATOM   384  C CB  . GLU A 1 48  ? -16.88048 6.95151   1.55394   1.000 36.56000 ? 48  GLU A CB  1 
ATOM   385  C CG  . GLU A 1 48  ? -17.67262 7.24818   2.81836   1.000 35.89000 ? 48  GLU A CG  1 
ATOM   386  C CD  . GLU A 1 48  ? -18.80424 8.26658   2.63042   1.000 45.79000 ? 48  GLU A CD  1 
ATOM   387  O OE1 . GLU A 1 48  ? -18.76121 9.09949   1.68550   1.000 46.32000 ? 48  GLU A OE1 1 
ATOM   388  O OE2 . GLU A 1 48  ? -19.74909 8.22271   3.44340   1.000 51.97000 ? 48  GLU A OE2 1 
ATOM   389  N N   . TRP A 1 49  ? -15.93476 5.20254   -1.01809  1.000 30.11000 ? 49  TRP A N   1 
ATOM   390  C CA  . TRP A 1 49  ? -15.13375 5.10886   -2.23660  1.000 33.12000 ? 49  TRP A CA  1 
ATOM   391  C C   . TRP A 1 49  ? -15.97666 4.67232   -3.42577  1.000 30.43000 ? 49  TRP A C   1 
ATOM   392  O O   . TRP A 1 49  ? -15.81993 5.20951   -4.52123  1.000 30.49000 ? 49  TRP A O   1 
ATOM   393  C CB  . TRP A 1 49  ? -13.96456 4.12849   -2.04767  1.000 26.33000 ? 49  TRP A CB  1 
ATOM   394  C CG  . TRP A 1 49  ? -12.99894 4.51452   -1.00695  1.000 29.42000 ? 49  TRP A CG  1 
ATOM   395  C CD1 . TRP A 1 49  ? -12.75097 3.86049   0.16038   1.000 32.51000 ? 49  TRP A CD1 1 
ATOM   396  C CD2 . TRP A 1 49  ? -12.09892 5.62795   -1.04415  1.000 33.18000 ? 49  TRP A CD2 1 
ATOM   397  N NE1 . TRP A 1 49  ? -11.76542 4.51370   0.86689   1.000 35.77000 ? 49  TRP A NE1 1 
ATOM   398  C CE2 . TRP A 1 49  ? -11.35019 5.60086   0.14466   1.000 33.03000 ? 49  TRP A CE2 1 
ATOM   399  C CE3 . TRP A 1 49  ? -11.87214 6.66271   -1.96324  1.000 31.71000 ? 49  TRP A CE3 1 
ATOM   400  C CZ2 . TRP A 1 49  ? -10.39620 6.56200   0.44722   1.000 32.52000 ? 49  TRP A CZ2 1 
ATOM   401  C CZ3 . TRP A 1 49  ? -10.91801 7.61489   -1.66489  1.000 34.20000 ? 49  TRP A CZ3 1 
ATOM   402  C CH2 . TRP A 1 49  ? -10.18745 7.55566   -0.47143  1.000 36.85000 ? 49  TRP A CH2 1 
ATOM   403  N N   . LYS A 1 50  ? -16.87196 3.70091   -3.22851  1.000 30.49000 ? 50  LYS A N   1 
ATOM   404  C CA  . LYS A 1 50  ? -17.71206 3.22192   -4.32398  1.000 36.51000 ? 50  LYS A CA  1 
ATOM   405  C C   . LYS A 1 50  ? -18.57686 4.34693   -4.88467  1.000 35.21000 ? 50  LYS A C   1 
ATOM   406  O O   . LYS A 1 50  ? -18.77150 4.44558   -6.10212  1.000 33.38000 ? 50  LYS A O   1 
ATOM   407  C CB  . LYS A 1 50  ? -18.57879 2.05271   -3.83728  1.000 38.19000 ? 50  LYS A CB  1 
ATOM   408  C CG  . LYS A 1 50  ? -19.44638 1.33741   -4.91586  1.000 43.80000 ? 50  LYS A CG  1 
ATOM   409  C CD  . LYS A 1 50  ? -20.51310 0.35715   -4.30712  1.000 53.16000 ? 50  LYS A CD  1 
ATOM   410  C CE  . LYS A 1 50  ? -21.54164 -0.15602  -5.36593  1.000 56.87000 ? 50  LYS A CE  1 
ATOM   411  N NZ  . LYS A 1 50  ? -22.92513 -0.53522  -4.84758  1.000 53.99000 ? 50  LYS A NZ  1 
ATOM   412  N N   . LYS A 1 51  ? -19.12147 5.19866   -4.01576  1.000 35.06000 ? 51  LYS A N   1 
ATOM   413  C CA  . LYS A 1 51  ? -19.97697 6.27272   -4.51534  1.000 34.82000 ? 51  LYS A CA  1 
ATOM   414  C C   . LYS A 1 51  ? -19.17768 7.30677   -5.29532  1.000 34.03000 ? 51  LYS A C   1 
ATOM   415  O O   . LYS A 1 51  ? -19.76392 8.08949   -6.04427  1.000 34.45000 ? 51  LYS A O   1 
ATOM   416  C CB  . LYS A 1 51  ? -20.74401 6.94492   -3.36943  1.000 36.52000 ? 51  LYS A CB  1 
ATOM   417  C CG  . LYS A 1 51  ? -19.89973 7.82992   -2.47407  1.000 39.13000 ? 51  LYS A CG  1 
ATOM   418  C CD  . LYS A 1 51  ? -20.76944 8.65050   -1.52811  1.000 40.56000 ? 51  LYS A CD  1 
ATOM   419  C CE  . LYS A 1 51  ? -21.26762 7.77776   -0.40994  1.000 43.10000 ? 51  LYS A CE  1 
ATOM   420  N NZ  . LYS A 1 51  ? -21.79960 8.55190   0.74806   1.000 55.87000 ? 51  LYS A NZ  1 
ATOM   421  N N   . ARG A 1 52  ? -17.85559 7.31300   -5.16216  1.000 30.89000 ? 52  ARG A N   1 
ATOM   422  C CA  . ARG A 1 52  ? -17.01053 8.19039   -5.95760  1.000 29.68000 ? 52  ARG A CA  1 
ATOM   423  C C   . ARG A 1 52  ? -16.38358 7.47178   -7.14795  1.000 27.47000 ? 52  ARG A C   1 
ATOM   424  O O   . ARG A 1 52  ? -15.55425 8.05822   -7.84907  1.000 32.36000 ? 52  ARG A O   1 
ATOM   425  C CB  . ARG A 1 52  ? -15.94195 8.81778   -5.07039  1.000 31.19000 ? 52  ARG A CB  1 
ATOM   426  C CG  . ARG A 1 52  ? -16.51042 9.65010   -3.93293  1.000 31.28000 ? 52  ARG A CG  1 
ATOM   427  C CD  . ARG A 1 52  ? -15.41913 10.01865  -2.94611  1.000 38.34000 ? 52  ARG A CD  1 
ATOM   428  N NE  . ARG A 1 52  ? -15.79277 11.16235  -2.12782  1.000 36.64000 ? 52  ARG A NE  1 
ATOM   429  C CZ  . ARG A 1 52  ? -16.57962 11.08434  -1.06549  1.000 38.43000 ? 52  ARG A CZ  1 
ATOM   430  N NH1 . ARG A 1 52  ? -17.07893 9.92890   -0.66050  1.000 36.96000 ? 52  ARG A NH1 1 
ATOM   431  N NH2 . ARG A 1 52  ? -16.87267 12.19602  -0.39669  1.000 39.24000 ? 52  ARG A NH2 1 
ATOM   432  N N   . GLY A 1 53  ? -16.78693 6.23263   -7.41551  1.000 30.30000 ? 53  GLY A N   1 
ATOM   433  C CA  . GLY A 1 53  ? -16.22904 5.50582   -8.53872  1.000 33.01000 ? 53  GLY A CA  1 
ATOM   434  C C   . GLY A 1 53  ? -14.79825 5.02983   -8.36818  1.000 36.33000 ? 53  GLY A C   1 
ATOM   435  O O   . GLY A 1 53  ? -14.12520 4.77002   -9.36238  1.000 33.96000 ? 53  GLY A O   1 
ATOM   436  N N   . VAL A 1 54  ? -14.31468 4.89742   -7.13573  1.000 33.13000 ? 54  VAL A N   1 
ATOM   437  C CA  . VAL A 1 54  ? -12.95432 4.44206   -6.84225  1.000 31.93000 ? 54  VAL A CA  1 
ATOM   438  C C   . VAL A 1 54  ? -13.00757 2.95176   -6.53206  1.000 32.08000 ? 54  VAL A C   1 
ATOM   439  O O   . VAL A 1 54  ? -13.85597 2.51772   -5.74394  1.000 29.00000 ? 54  VAL A O   1 
ATOM   440  C CB  . VAL A 1 54  ? -12.37229 5.21750   -5.64905  1.000 29.32000 ? 54  VAL A CB  1 
ATOM   441  C CG1 . VAL A 1 54  ? -11.09582 4.59280   -5.19464  1.000 30.49000 ? 54  VAL A CG1 1 
ATOM   442  C CG2 . VAL A 1 54  ? -12.15393 6.68852   -5.99997  1.000 28.76000 ? 54  VAL A CG2 1 
ATOM   443  N N   . GLU A 1 55  ? -12.11594 2.16695   -7.14435  1.000 31.30000 ? 55  GLU A N   1 
ATOM   444  C CA  . GLU A 1 55  ? -12.05023 0.72931   -6.86105  1.000 35.84000 ? 55  GLU A CA  1 
ATOM   445  C C   . GLU A 1 55  ? -11.27297 0.46162   -5.58041  1.000 32.21000 ? 55  GLU A C   1 
ATOM   446  O O   . GLU A 1 55  ? -10.23292 1.06881   -5.31674  1.000 30.40000 ? 55  GLU A O   1 
ATOM   447  C CB  . GLU A 1 55  ? -11.40185 -0.03865  -8.01615  1.000 37.00000 ? 55  GLU A CB  1 
ATOM   448  C CG  . GLU A 1 55  ? -12.07173 0.17723   -9.38707  1.000 42.94000 ? 55  GLU A CG  1 
ATOM   449  C CD  . GLU A 1 55  ? -11.22411 -0.32963  -10.55700 1.000 48.71000 ? 55  GLU A CD  1 
ATOM   450  O OE1 . GLU A 1 55  ? -10.20643 -1.01258  -10.32090 1.000 51.91000 ? 55  GLU A OE1 1 
ATOM   451  O OE2 . GLU A 1 55  ? -11.56669 -0.03349  -11.71915 1.000 63.15000 ? 55  GLU A OE2 1 
ATOM   452  N N   . VAL A 1 56  ? -11.78234 -0.45719  -4.77450  1.000 31.29000 ? 56  VAL A N   1 
ATOM   453  C CA  . VAL A 1 56  ? -11.26624 -0.67048  -3.43518  1.000 30.57000 ? 56  VAL A CA  1 
ATOM   454  C C   . VAL A 1 56  ? -10.82873 -2.11704  -3.31187  1.000 31.31000 ? 56  VAL A C   1 
ATOM   455  O O   . VAL A 1 56  ? -11.58310 -3.03148  -3.66103  1.000 31.38000 ? 56  VAL A O   1 
ATOM   456  C CB  . VAL A 1 56  ? -12.31893 -0.35082  -2.36058  1.000 33.58000 ? 56  VAL A CB  1 
ATOM   457  C CG1 . VAL A 1 56  ? -11.84207 -0.87819  -0.99973  1.000 32.22000 ? 56  VAL A CG1 1 
ATOM   458  C CG2 . VAL A 1 56  ? -12.61474 1.12657   -2.31341  1.000 31.21000 ? 56  VAL A CG2 1 
ATOM   459  N N   . LEU A 1 57  ? -9.62589  -2.32252  -2.79557  1.000 29.80000 ? 57  LEU A N   1 
ATOM   460  C CA  . LEU A 1 57  ? -9.23897  -3.60717  -2.23015  1.000 30.43000 ? 57  LEU A CA  1 
ATOM   461  C C   . LEU A 1 57  ? -9.18863  -3.44074  -0.72124  1.000 30.67000 ? 57  LEU A C   1 
ATOM   462  O O   . LEU A 1 57  ? -8.40569  -2.63349  -0.20947  1.000 31.55000 ? 57  LEU A O   1 
ATOM   463  C CB  . LEU A 1 57  ? -7.87904  -4.08618  -2.74848  1.000 28.61000 ? 57  LEU A CB  1 
ATOM   464  C CG  . LEU A 1 57  ? -7.40575  -5.46876  -2.22466  1.000 34.63000 ? 57  LEU A CG  1 
ATOM   465  C CD1 . LEU A 1 57  ? -8.28922  -6.60197  -2.73812  1.000 32.99000 ? 57  LEU A CD1 1 
ATOM   466  C CD2 . LEU A 1 57  ? -5.94257  -5.72298  -2.60161  1.000 30.15000 ? 57  LEU A CD2 1 
ATOM   467  N N   . HIS A 1 58  ? -9.99014  -4.20772  -0.01567  1.000 25.69000 ? 58  HIS A N   1 
ATOM   468  C CA  . HIS A 1 58  ? -9.92943  -4.23752  1.44020   1.000 30.53000 ? 58  HIS A CA  1 
ATOM   469  C C   . HIS A 1 58  ? -9.24674  -5.52481  1.86764   1.000 28.52000 ? 58  HIS A C   1 
ATOM   470  O O   . HIS A 1 58  ? -9.88631  -6.58137  1.92674   1.000 35.81000 ? 58  HIS A O   1 
ATOM   471  C CB  . HIS A 1 58  ? -11.31686 -4.14084  2.05814   1.000 30.66000 ? 58  HIS A CB  1 
ATOM   472  C CG  . HIS A 1 58  ? -11.28160 -3.88583  3.53044   1.000 30.15000 ? 58  HIS A CG  1 
ATOM   473  N ND1 . HIS A 1 58  ? -12.32511 -4.20700  4.37268   1.000 31.07000 ? 58  HIS A ND1 1 
ATOM   474  C CD2 . HIS A 1 58  ? -10.32325 -3.32934  4.30766   1.000 28.40000 ? 58  HIS A CD2 1 
ATOM   475  C CE1 . HIS A 1 58  ? -12.00659 -3.86085  5.60874   1.000 35.82000 ? 58  HIS A CE1 1 
ATOM   476  N NE2 . HIS A 1 58  ? -10.79795 -3.32485  5.59584   1.000 35.85000 ? 58  HIS A NE2 1 
ATOM   477  N N   . SER A 1 59  ? -7.95422  -5.44129  2.19075   1.000 26.97000 ? 59  SER A N   1 
ATOM   478  C CA  . SER A 1 59  ? -7.19211  -6.59956  2.66517   1.000 30.01000 ? 59  SER A CA  1 
ATOM   479  C C   . SER A 1 59  ? -6.63867  -6.25173  4.03525   1.000 31.06000 ? 59  SER A C   1 
ATOM   480  O O   . SER A 1 59  ? -5.49053  -5.80204  4.15068   1.000 31.94000 ? 59  SER A O   1 
ATOM   481  C CB  . SER A 1 59  ? -6.06618  -6.98190  1.71179   1.000 34.48000 ? 59  SER A CB  1 
ATOM   482  O OG  . SER A 1 59  ? -5.60391  -8.28864  1.98505   1.000 34.36000 ? 59  SER A OG  1 
ATOM   483  N N   . PRO A 1 60  ? -7.42775  -6.44846  5.09012   1.000 29.87000 ? 60  PRO A N   1 
ATOM   484  C CA  . PRO A 1 60  ? -7.04273  -5.95782  6.41895   1.000 32.51000 ? 60  PRO A CA  1 
ATOM   485  C C   . PRO A 1 60  ? -5.77588  -6.62343  6.93601   1.000 31.64000 ? 60  PRO A C   1 
ATOM   486  O O   . PRO A 1 60  ? -5.58837  -7.83004  6.79719   1.000 32.39000 ? 60  PRO A O   1 
ATOM   487  C CB  . PRO A 1 60  ? -8.24783  -6.33108  7.29835   1.000 34.51000 ? 60  PRO A CB  1 
ATOM   488  C CG  . PRO A 1 60  ? -9.35617  -6.61124  6.35806   1.000 36.32000 ? 60  PRO A CG  1 
ATOM   489  C CD  . PRO A 1 60  ? -8.73017  -7.12919  5.09744   1.000 33.84000 ? 60  PRO A CD  1 
ATOM   490  N N   . ILE A 1 61  ? -4.92525  -5.83156  7.57740   1.000 30.71000 ? 61  ILE A N   1 
ATOM   491  C CA  . ILE A 1 61  ? -3.78995  -6.38297  8.30881   1.000 31.81000 ? 61  ILE A CA  1 
ATOM   492  C C   . ILE A 1 61  ? -3.79182  -5.82560  9.72123   1.000 38.25000 ? 61  ILE A C   1 
ATOM   493  O O   . ILE A 1 61  ? -3.82229  -4.59461  9.88777   1.000 36.09000 ? 61  ILE A O   1 
ATOM   494  C CB  . ILE A 1 61  ? -2.47188  -6.05170  7.62102   1.000 32.63000 ? 61  ILE A CB  1 
ATOM   495  C CG1 . ILE A 1 61  ? -2.45467  -6.67187  6.23331   1.000 31.46000 ? 61  ILE A CG1 1 
ATOM   496  C CG2 . ILE A 1 61  ? -1.29823  -6.53849  8.49733   1.000 36.85000 ? 61  ILE A CG2 1 
ATOM   497  C CD1 . ILE A 1 61  ? -1.38133  -6.05798  5.35508   1.000 36.59000 ? 61  ILE A CD1 1 
ATOM   498  N N   . PRO A 1 62  ? -3.76133  -6.67885  10.75233  1.000 34.61000 ? 62  PRO A N   1 
ATOM   499  C CA  . PRO A 1 62  ? -3.82887  -6.17627  12.12652  1.000 34.64000 ? 62  PRO A CA  1 
ATOM   500  C C   . PRO A 1 62  ? -2.69927  -5.20314  12.42646  1.000 35.92000 ? 62  PRO A C   1 
ATOM   501  O O   . PRO A 1 62  ? -1.62526  -5.25343  11.82145  1.000 34.39000 ? 62  PRO A O   1 
ATOM   502  C CB  . PRO A 1 62  ? -3.70925  -7.44752  12.96584  1.000 34.01000 ? 62  PRO A CB  1 
ATOM   503  C CG  . PRO A 1 62  ? -4.28517  -8.49963  12.09745  1.000 37.50000 ? 62  PRO A CG  1 
ATOM   504  C CD  . PRO A 1 62  ? -3.86964  -8.14635  10.69765  1.000 31.17000 ? 62  PRO A CD  1 
ATOM   505  N N   . ASP A 1 63  ? -2.94644  -4.30852  13.37990  1.000 33.00000 ? 63  ASP A N   1 
ATOM   506  C CA  . ASP A 1 63  ? -1.95120  -3.28758  13.69379  1.000 36.56000 ? 63  ASP A CA  1 
ATOM   507  C C   . ASP A 1 63  ? -0.66088  -3.94901  14.17483  1.000 39.23000 ? 63  ASP A C   1 
ATOM   508  O O   . ASP A 1 63  ? -0.69397  -4.92209  14.91315  1.000 39.75000 ? 63  ASP A O   1 
ATOM   509  C CB  . ASP A 1 63  ? -2.49246  -2.33389  14.76485  1.000 40.07000 ? 63  ASP A CB  1 
ATOM   510  C CG  . ASP A 1 63  ? -3.81838  -1.65108  14.35487  1.000 43.47000 ? 63  ASP A CG  1 
ATOM   511  O OD1 . ASP A 1 63  ? -3.87127  -0.99845  13.28523  1.000 48.75000 ? 63  ASP A OD1 1 
ATOM   512  O OD2 . ASP A 1 63  ? -4.80997  -1.76537  15.10547  1.000 46.01000 ? 63  ASP A OD2 1 
ATOM   513  N N   . PHE A 1 64  ? 0.48769   -3.43823  13.73082  1.000 40.14000 ? 64  PHE A N   1 
ATOM   514  C CA  . PHE A 1 64  ? 1.79383   -3.94922  14.16165  1.000 42.97000 ? 64  PHE A CA  1 
ATOM   515  C C   . PHE A 1 64  ? 2.04890   -5.38460  13.70908  1.000 38.28000 ? 64  PHE A C   1 
ATOM   516  O O   . PHE A 1 64  ? 2.83619   -6.10277  14.31915  1.000 39.11000 ? 64  PHE A O   1 
ATOM   517  C CB  . PHE A 1 64  ? 1.95477   -3.85816  15.67964  1.000 43.33000 ? 64  PHE A CB  1 
ATOM   518  C CG  . PHE A 1 64  ? 1.88324   -2.45767  16.20197  1.000 45.73000 ? 64  PHE A CG  1 
ATOM   519  C CD1 . PHE A 1 64  ? 2.78821   -1.50358  15.77238  1.000 50.20000 ? 64  PHE A CD1 1 
ATOM   520  C CD2 . PHE A 1 64  ? 0.91991   -2.09736  17.13042  1.000 44.12000 ? 64  PHE A CD2 1 
ATOM   521  C CE1 . PHE A 1 64  ? 2.73424   -0.21223  16.25007  1.000 49.08000 ? 64  PHE A CE1 1 
ATOM   522  C CE2 . PHE A 1 64  ? 0.86184   -0.80440  17.62001  1.000 43.42000 ? 64  PHE A CE2 1 
ATOM   523  C CZ  . PHE A 1 64  ? 1.77073   0.13688   17.17527  1.000 43.84000 ? 64  PHE A CZ  1 
ATOM   524  N N   . THR A 1 65  ? 1.41028   -5.80986  12.63367  1.000 36.42000 ? 65  THR A N   1 
ATOM   525  C CA  . THR A 1 65  ? 1.50891   -7.17720  12.15738  1.000 34.05000 ? 65  THR A CA  1 
ATOM   526  C C   . THR A 1 65  ? 1.92251   -7.15617  10.69509  1.000 35.08000 ? 65  THR A C   1 
ATOM   527  O O   . THR A 1 65  ? 1.83097   -6.12461  10.02750  1.000 31.62000 ? 65  THR A O   1 
ATOM   528  C CB  . THR A 1 65  ? 0.16351   -7.90793  12.33062  1.000 38.48000 ? 65  THR A CB  1 
ATOM   529  O OG1 . THR A 1 65  ? -0.16037  -7.97930  13.72754  1.000 45.04000 ? 65  THR A OG1 1 
ATOM   530  C CG2 . THR A 1 65  ? 0.21104   -9.32678  11.75914  1.000 42.15000 ? 65  THR A CG2 1 
ATOM   531  N N   . ALA A 1 66  ? 2.40443   -8.30465  10.20496  1.000 34.53000 ? 66  ALA A N   1 
ATOM   532  C CA  . ALA A 1 66  ? 2.70741   -8.40916  8.78508   1.000 36.40000 ? 66  ALA A CA  1 
ATOM   533  C C   . ALA A 1 66  ? 1.66231   -9.25388  8.07961   1.000 31.56000 ? 66  ALA A C   1 
ATOM   534  O O   . ALA A 1 66  ? 1.11390   -10.17769 8.67010   1.000 33.13000 ? 66  ALA A O   1 
ATOM   535  C CB  . ALA A 1 66  ? 4.08229   -9.04802  8.55357   1.000 32.30000 ? 66  ALA A CB  1 
ATOM   536  N N   . PRO A 1 67  ? 1.39392   -9.00731  6.80662   1.000 29.47000 ? 67  PRO A N   1 
ATOM   537  C CA  . PRO A 1 67  ? 0.58879   -9.95683  6.03887   1.000 29.18000 ? 67  PRO A CA  1 
ATOM   538  C C   . PRO A 1 67  ? 1.33655   -11.26079 5.89179   1.000 32.66000 ? 67  PRO A C   1 
ATOM   539  O O   . PRO A 1 67  ? 2.55722   -11.30880 6.01818   1.000 31.92000 ? 67  PRO A O   1 
ATOM   540  C CB  . PRO A 1 67  ? 0.44651   -9.27366  4.68905   1.000 27.04000 ? 67  PRO A CB  1 
ATOM   541  C CG  . PRO A 1 67  ? 1.77682   -8.56620  4.56234   1.000 31.04000 ? 67  PRO A CG  1 
ATOM   542  C CD  . PRO A 1 67  ? 2.02086   -8.00426  5.93714   1.000 28.75000 ? 67  PRO A CD  1 
ATOM   543  N N   . SER A 1 68  ? 0.59420   -12.32822 5.62035   1.000 27.97000 ? 68  SER A N   1 
ATOM   544  C CA  . SER A 1 68  ? 1.24907   -13.52742 5.13393   1.000 29.27000 ? 68  SER A CA  1 
ATOM   545  C C   . SER A 1 68  ? 1.80292   -13.25021 3.74345   1.000 29.70000 ? 68  SER A C   1 
ATOM   546  O O   . SER A 1 68  ? 1.43282   -12.27436 3.09277   1.000 29.38000 ? 68  SER A O   1 
ATOM   547  C CB  . SER A 1 68  ? 0.26554   -14.68105 5.04862   1.000 31.04000 ? 68  SER A CB  1 
ATOM   548  O OG  . SER A 1 68  ? -0.78645  -14.29939 4.17504   1.000 32.98000 ? 68  SER A OG  1 
ATOM   549  N N   . LEU A 1 69  ? 2.66815   -14.13756 3.25688   1.000 31.01000 ? 69  LEU A N   1 
ATOM   550  C CA  . LEU A 1 69  ? 3.13356   -13.96852 1.88654   1.000 30.80000 ? 69  LEU A CA  1 
ATOM   551  C C   . LEU A 1 69  ? 1.98308   -14.14386 0.90198   1.000 33.30000 ? 69  LEU A C   1 
ATOM   552  O O   . LEU A 1 69  ? 1.89341   -13.40332 -0.08148  1.000 28.71000 ? 69  LEU A O   1 
ATOM   553  C CB  . LEU A 1 69  ? 4.26724   -14.93505 1.57920   1.000 30.90000 ? 69  LEU A CB  1 
ATOM   554  C CG  . LEU A 1 69  ? 4.85096   -14.96514 0.16398   1.000 29.80000 ? 69  LEU A CG  1 
ATOM   555  C CD1 . LEU A 1 69  ? 5.45859   -13.60368 -0.20316  1.000 28.93000 ? 69  LEU A CD1 1 
ATOM   556  C CD2 . LEU A 1 69  ? 5.87285   -16.06813 0.06770   1.000 35.50000 ? 69  LEU A CD2 1 
ATOM   557  N N   . GLU A 1 70  ? 1.08263   -15.10275 1.14804   1.000 27.59000 ? 70  GLU A N   1 
ATOM   558  C CA  . GLU A 1 70  ? -0.06332  -15.26706 0.24886   1.000 32.47000 ? 70  GLU A CA  1 
ATOM   559  C C   . GLU A 1 70  ? -0.89080  -13.99682 0.17410   1.000 29.68000 ? 70  GLU A C   1 
ATOM   560  O O   . GLU A 1 70  ? -1.29748  -13.57159 -0.90988  1.000 31.58000 ? 70  GLU A O   1 
ATOM   561  C CB  . GLU A 1 70  ? -0.94158  -16.43865 0.69030   1.000 30.80000 ? 70  GLU A CB  1 
ATOM   562  N N   . GLN A 1 71  ? -1.15477  -13.37054 1.31684   1.000 30.02000 ? 71  GLN A N   1 
ATOM   563  C CA  . GLN A 1 71  ? -1.90421  -12.12757 1.29032   1.000 28.92000 ? 71  GLN A CA  1 
ATOM   564  C C   . GLN A 1 71  ? -1.15004  -11.05046 0.53131   1.000 29.08000 ? 71  GLN A C   1 
ATOM   565  O O   . GLN A 1 71  ? -1.74528  -10.28784 -0.23953  1.000 27.76000 ? 71  GLN A O   1 
ATOM   566  C CB  . GLN A 1 71  ? -2.19730  -11.64510 2.69975   1.000 30.29000 ? 71  GLN A CB  1 
ATOM   567  C CG  . GLN A 1 71  ? -3.02198  -10.35563 2.67117   1.000 29.63000 ? 71  GLN A CG  1 
ATOM   568  C CD  . GLN A 1 71  ? -3.28657  -9.87539  4.05223   1.000 33.81000 ? 71  GLN A CD  1 
ATOM   569  O OE1 . GLN A 1 71  ? -2.67639  -10.37505 4.99112   1.000 31.94000 ? 71  GLN A OE1 1 
ATOM   570  N NE2 . GLN A 1 71  ? -4.19555  -8.91985  4.20454   1.000 33.23000 ? 71  GLN A NE2 1 
ATOM   571  N N   . LEU A 1 72  ? 0.17131   -10.97272 0.73252   1.000 28.46000 ? 72  LEU A N   1 
ATOM   572  C CA  . LEU A 1 72  ? 0.95275   -9.92500  0.07984   1.000 27.42000 ? 72  LEU A CA  1 
ATOM   573  C C   . LEU A 1 72  ? 0.99083   -10.12095 -1.43637  1.000 28.41000 ? 72  LEU A C   1 
ATOM   574  O O   . LEU A 1 72  ? 0.95730   -9.14802  -2.20049  1.000 30.35000 ? 72  LEU A O   1 
ATOM   575  C CB  . LEU A 1 72  ? 2.36418   -9.88857  0.66773   1.000 23.86000 ? 72  LEU A CB  1 
ATOM   576  C CG  . LEU A 1 72  ? 3.27817   -8.81533  0.09308   1.000 27.33000 ? 72  LEU A CG  1 
ATOM   577  C CD1 . LEU A 1 72  ? 2.76120   -7.44961  0.45842   1.000 24.58000 ? 72  LEU A CD1 1 
ATOM   578  C CD2 . LEU A 1 72  ? 4.69939   -9.03634  0.63634   1.000 28.43000 ? 72  LEU A CD2 1 
ATOM   579  N N   . LEU A 1 73  ? 1.03130   -11.36316 -1.90292  1.000 28.76000 ? 73  LEU A N   1 
ATOM   580  C CA  . LEU A 1 73  ? 1.03665   -11.56832 -3.34437  1.000 31.99000 ? 73  LEU A CA  1 
ATOM   581  C C   . LEU A 1 73  ? -0.31109  -11.21889 -3.96617  1.000 31.30000 ? 73  LEU A C   1 
ATOM   582  O O   . LEU A 1 73  ? -0.35673  -10.65209 -5.06169  1.000 29.65000 ? 73  LEU A O   1 
ATOM   583  C CB  . LEU A 1 73  ? 1.44228   -13.00129 -3.66620  1.000 33.09000 ? 73  LEU A CB  1 
ATOM   584  C CG  . LEU A 1 73  ? 2.94905   -13.30570 -3.51389  1.000 34.18000 ? 73  LEU A CG  1 
ATOM   585  C CD1 . LEU A 1 73  ? 3.18018   -14.78933 -3.56789  1.000 34.47000 ? 73  LEU A CD1 1 
ATOM   586  C CD2 . LEU A 1 73  ? 3.80516   -12.59898 -4.56840  1.000 34.67000 ? 73  LEU A CD2 1 
ATOM   587  N N   . GLU A 1 74  ? -1.41784  -11.55527 -3.28931  1.000 35.03000 ? 74  GLU A N   1 
ATOM   588  C CA  . GLU A 1 74  ? -2.74428  -11.16607 -3.78301  1.000 33.29000 ? 74  GLU A CA  1 
ATOM   589  C C   . GLU A 1 74  ? -2.85254  -9.66062  -3.93459  1.000 30.57000 ? 74  GLU A C   1 
ATOM   590  O O   . GLU A 1 74  ? -3.37579  -9.15552  -4.93586  1.000 33.00000 ? 74  GLU A O   1 
ATOM   591  C CB  . GLU A 1 74  ? -3.84047  -11.66248 -2.83385  1.000 35.52000 ? 74  GLU A CB  1 
ATOM   592  C CG  . GLU A 1 74  ? -4.02495  -13.17938 -2.79229  1.000 37.26000 ? 74  GLU A CG  1 
ATOM   593  C CD  . GLU A 1 74  ? -4.64695  -13.72943 -4.06005  1.000 48.28000 ? 74  GLU A CD  1 
ATOM   594  O OE1 . GLU A 1 74  ? -4.77317  -12.96938 -5.04034  1.000 50.79000 ? 74  GLU A OE1 1 
ATOM   595  O OE2 . GLU A 1 74  ? -5.01691  -14.92331 -4.07406  1.000 56.60000 ? 74  GLU A OE2 1 
ATOM   596  N N   . ILE A 1 75  ? -2.39736  -8.92498  -2.92486  1.000 27.09000 ? 75  ILE A N   1 
ATOM   597  C CA  . ILE A 1 75  ? -2.39712  -7.46454  -2.99346  1.000 26.46000 ? 75  ILE A CA  1 
ATOM   598  C C   . ILE A 1 75  ? -1.56285  -6.96635  -4.17862  1.000 30.64000 ? 75  ILE A C   1 
ATOM   599  O O   . ILE A 1 75  ? -1.96515  -6.03641  -4.89443  1.000 29.66000 ? 75  ILE A O   1 
ATOM   600  C CB  . ILE A 1 75  ? -1.88052  -6.89702  -1.66187  1.000 26.22000 ? 75  ILE A CB  1 
ATOM   601  C CG1 . ILE A 1 75  ? -2.87511  -7.17578  -0.54235  1.000 29.91000 ? 75  ILE A CG1 1 
ATOM   602  C CG2 . ILE A 1 75  ? -1.52791  -5.40641  -1.79336  1.000 31.07000 ? 75  ILE A CG2 1 
ATOM   603  C CD1 . ILE A 1 75  ? -2.35949  -6.77008  0.86183   1.000 28.63000 ? 75  ILE A CD1 1 
ATOM   604  N N   . LEU A 1 76  ? -0.39266  -7.57123  -4.40485  1.000 29.49000 ? 76  LEU A N   1 
ATOM   605  C CA  . LEU A 1 76  ? 0.49358   -7.10979  -5.47384  1.000 32.38000 ? 76  LEU A CA  1 
ATOM   606  C C   . LEU A 1 76  ? -0.08009  -7.41084  -6.85009  1.000 29.31000 ? 76  LEU A C   1 
ATOM   607  O O   . LEU A 1 76  ? 0.04670   -6.60066  -7.77315  1.000 28.80000 ? 76  LEU A O   1 
ATOM   608  C CB  . LEU A 1 76  ? 1.86159   -7.75605  -5.32600  1.000 27.31000 ? 76  LEU A CB  1 
ATOM   609  C CG  . LEU A 1 76  ? 2.66171   -7.39432  -4.08716  1.000 33.26000 ? 76  LEU A CG  1 
ATOM   610  C CD1 . LEU A 1 76  ? 3.91533   -8.31537  -4.00205  1.000 30.81000 ? 76  LEU A CD1 1 
ATOM   611  C CD2 . LEU A 1 76  ? 3.03591   -5.91461  -4.13073  1.000 31.00000 ? 76  LEU A CD2 1 
ATOM   612  N N   . ARG A 1 77  ? -0.69045  -8.58175  -7.02302  1.000 31.19000 ? 77  ARG A N   1 
ATOM   613  C CA  . ARG A 1 77  ? -1.32573  -8.87550  -8.29737  1.000 32.04000 ? 77  ARG A CA  1 
ATOM   614  C C   . ARG A 1 77  ? -2.47455  -7.90889  -8.57717  1.000 33.44000 ? 77  ARG A C   1 
ATOM   615  O O   . ARG A 1 77  ? -2.76960  -7.61680  -9.73297  1.000 29.77000 ? 77  ARG A O   1 
ATOM   616  C CB  . ARG A 1 77  ? -1.82449  -10.31510 -8.29998  1.000 31.74000 ? 77  ARG A CB  1 
ATOM   617  C CG  . ARG A 1 77  ? -0.72205  -11.35508 -8.34105  1.000 40.97000 ? 77  ARG A CG  1 
ATOM   618  N N   . TRP A 1 78  ? -3.15045  -7.42736  -7.53690  1.000 33.45000 ? 78  TRP A N   1 
ATOM   619  C CA  . TRP A 1 78  ? -4.28455  -6.52935  -7.72896  1.000 33.09000 ? 78  TRP A CA  1 
ATOM   620  C C   . TRP A 1 78  ? -3.81136  -5.13126  -8.10639  1.000 28.36000 ? 78  TRP A C   1 
ATOM   621  O O   . TRP A 1 78  ? -4.29114  -4.54010  -9.08113  1.000 31.03000 ? 78  TRP A O   1 
ATOM   622  C CB  . TRP A 1 78  ? -5.13812  -6.50792  -6.45063  1.000 29.06000 ? 78  TRP A CB  1 
ATOM   623  C CG  . TRP A 1 78  ? -6.44455  -5.75048  -6.55734  1.000 31.41000 ? 78  TRP A CG  1 
ATOM   624  C CD1 . TRP A 1 78  ? -7.67159  -6.26643  -6.87613  1.000 29.95000 ? 78  TRP A CD1 1 
ATOM   625  C CD2 . TRP A 1 78  ? -6.65088  -4.34950  -6.29896  1.000 31.03000 ? 78  TRP A CD2 1 
ATOM   626  N NE1 . TRP A 1 78  ? -8.62362  -5.26324  -6.85034  1.000 32.22000 ? 78  TRP A NE1 1 
ATOM   627  C CE2 . TRP A 1 78  ? -8.01952  -4.08076  -6.50170  1.000 33.38000 ? 78  TRP A CE2 1 
ATOM   628  C CE3 . TRP A 1 78  ? -5.80580  -3.29898  -5.91612  1.000 30.61000 ? 78  TRP A CE3 1 
ATOM   629  C CZ2 . TRP A 1 78  ? -8.56270  -2.80127  -6.34281  1.000 32.55000 ? 78  TRP A CZ2 1 
ATOM   630  C CZ3 . TRP A 1 78  ? -6.34227  -2.04330  -5.75312  1.000 28.85000 ? 78  TRP A CZ3 1 
ATOM   631  C CH2 . TRP A 1 78  ? -7.71655  -1.80175  -5.96278  1.000 32.72000 ? 78  TRP A CH2 1 
ATOM   632  N N   . ILE A 1 79  ? -2.85343  -4.59323  -7.35169  1.000 28.68000 ? 79  ILE A N   1 
ATOM   633  C CA  . ILE A 1 79  ? -2.22198  -3.33686  -7.74026  1.000 30.85000 ? 79  ILE A CA  1 
ATOM   634  C C   . ILE A 1 79  ? -1.72986  -3.41619  -9.17879  1.000 33.32000 ? 79  ILE A C   1 
ATOM   635  O O   . ILE A 1 79  ? -1.97601  -2.52167  -9.99424  1.000 34.47000 ? 79  ILE A O   1 
ATOM   636  C CB  . ILE A 1 79  ? -1.07208  -3.00069  -6.78483  1.000 30.13000 ? 79  ILE A CB  1 
ATOM   637  C CG1 . ILE A 1 79  ? -1.58724  -2.80531  -5.37987  1.000 31.43000 ? 79  ILE A CG1 1 
ATOM   638  C CG2 . ILE A 1 79  ? -0.39129  -1.72565  -7.23615  1.000 31.27000 ? 79  ILE A CG2 1 
ATOM   639  C CD1 . ILE A 1 79  ? -0.46061  -2.52292  -4.38189  1.000 23.78000 ? 79  ILE A CD1 1 
ATOM   640  N N   . GLU A 1 80  ? -0.99841  -4.48307  -9.50403  1.000 32.77000 ? 80  GLU A N   1 
ATOM   641  C CA  . GLU A 1 80  ? -0.46656  -4.62913  -10.85469 1.000 34.67000 ? 80  GLU A CA  1 
ATOM   642  C C   . GLU A 1 80  ? -1.57665  -4.56405  -11.89688 1.000 37.51000 ? 80  GLU A C   1 
ATOM   643  O O   . GLU A 1 80  ? -1.40903  -3.94252  -12.94816 1.000 40.49000 ? 80  GLU A O   1 
ATOM   644  C CB  . GLU A 1 80  ? 0.30336   -5.94773  -10.96249 1.000 38.64000 ? 80  GLU A CB  1 
ATOM   645  C CG  . GLU A 1 80  ? 0.56820   -6.39671  -12.37308 1.000 46.85000 ? 80  GLU A CG  1 
ATOM   646  C CD  . GLU A 1 80  ? 1.50451   -5.46520  -13.11279 1.000 52.19000 ? 80  GLU A CD  1 
ATOM   647  O OE1 . GLU A 1 80  ? 2.34704   -4.79572  -12.46526 1.000 48.21000 ? 80  GLU A OE1 1 
ATOM   648  O OE2 . GLU A 1 80  ? 1.40220   -5.40789  -14.35669 1.000 59.59000 ? 80  GLU A OE2 1 
ATOM   649  N N   . ALA A 1 81  ? -2.70893  -5.22245  -11.63485 1.000 37.88000 ? 81  ALA A N   1 
ATOM   650  C CA  . ALA A 1 81  ? -3.83612  -5.17184  -12.56415 1.000 36.80000 ? 81  ALA A CA  1 
ATOM   651  C C   . ALA A 1 81  ? -4.38764  -3.76246  -12.70247 1.000 38.98000 ? 81  ALA A C   1 
ATOM   652  O O   . ALA A 1 81  ? -4.86880  -3.39217  -13.77326 1.000 38.30000 ? 81  ALA A O   1 
ATOM   653  C CB  . ALA A 1 81  ? -4.95212  -6.11201  -12.10598 1.000 36.69000 ? 81  ALA A CB  1 
ATOM   654  N N   . ARG A 1 82  ? -4.36108  -2.97603  -11.62692 1.000 36.48000 ? 82  ARG A N   1 
ATOM   655  C CA  . ARG A 1 82  ? -4.89303  -1.62328  -11.69932 1.000 35.00000 ? 82  ARG A CA  1 
ATOM   656  C C   . ARG A 1 82  ? -3.94867  -0.72831  -12.47602 1.000 38.55000 ? 82  ARG A C   1 
ATOM   657  O O   . ARG A 1 82  ? -4.36698  0.01223   -13.37450 1.000 34.26000 ? 82  ARG A O   1 
ATOM   658  C CB  . ARG A 1 82  ? -5.11654  -1.07779  -10.29310 1.000 34.96000 ? 82  ARG A CB  1 
ATOM   659  C CG  . ARG A 1 82  ? -5.95476  -1.99423  -9.39564  1.000 38.39000 ? 82  ARG A CG  1 
ATOM   660  C CD  . ARG A 1 82  ? -7.44638  -1.92513  -9.69979  1.000 38.68000 ? 82  ARG A CD  1 
ATOM   661  N NE  . ARG A 1 82  ? -7.84549  -2.73697  -10.84384 1.000 37.90000 ? 82  ARG A NE  1 
ATOM   662  C CZ  . ARG A 1 82  ? -7.92055  -4.06235  -10.84244 1.000 41.19000 ? 82  ARG A CZ  1 
ATOM   663  N NH1 . ARG A 1 82  ? -7.56469  -4.77643  -9.78989  1.000 36.55000 ? 82  ARG A NH1 1 
ATOM   664  N NH2 . ARG A 1 82  ? -8.35868  -4.68845  -11.92768 1.000 44.29000 ? 82  ARG A NH2 1 
ATOM   665  N N   . VAL A 1 83  ? -2.66539  -0.78257  -12.14231 1.000 32.83000 ? 83  VAL A N   1 
ATOM   666  C CA  . VAL A 1 83  ? -1.68578  0.00968   -12.87421 1.000 38.28000 ? 83  VAL A CA  1 
ATOM   667  C C   . VAL A 1 83  ? -1.68724  -0.37585  -14.34551 1.000 37.00000 ? 83  VAL A C   1 
ATOM   668  O O   . VAL A 1 83  ? -1.55281  0.47963   -15.22149 1.000 43.86000 ? 83  VAL A O   1 
ATOM   669  C CB  . VAL A 1 83  ? -0.29635  -0.15098  -12.24057 1.000 38.78000 ? 83  VAL A CB  1 
ATOM   670  C CG1 . VAL A 1 83  ? 0.73418   0.61635   -13.03096 1.000 41.18000 ? 83  VAL A CG1 1 
ATOM   671  C CG2 . VAL A 1 83  ? -0.32359  0.31289   -10.79137 1.000 33.67000 ? 83  VAL A CG2 1 
ATOM   672  N N   . ARG A 1 84  ? -1.85518  -1.66570  -14.64004 1.000 40.71000 ? 84  ARG A N   1 
ATOM   673  C CA  . ARG A 1 84  ? -2.01084  -2.10240  -16.02427 1.000 40.62000 ? 84  ARG A CA  1 
ATOM   674  C C   . ARG A 1 84  ? -3.10166  -1.30694  -16.74549 1.000 48.44000 ? 84  ARG A C   1 
ATOM   675  O O   . ARG A 1 84  ? -2.93562  -0.91804  -17.90893 1.000 43.46000 ? 84  ARG A O   1 
ATOM   676  C CB  . ARG A 1 84  ? -2.34258  -3.59606  -16.05620 1.000 45.56000 ? 84  ARG A CB  1 
ATOM   677  C CG  . ARG A 1 84  ? -1.27165  -4.50179  -16.61839 1.000 47.00000 ? 84  ARG A CG  1 
ATOM   678  C CD  . ARG A 1 84  ? -1.70029  -5.96301  -16.46943 1.000 50.53000 ? 84  ARG A CD  1 
ATOM   679  N NE  . ARG A 1 84  ? -2.91032  -6.30209  -17.22333 1.000 52.90000 ? 84  ARG A NE  1 
ATOM   680  C CZ  . ARG A 1 84  ? -4.05508  -6.72999  -16.69350 1.000 54.75000 ? 84  ARG A CZ  1 
ATOM   681  N NH1 . ARG A 1 84  ? -4.21681  -6.85204  -15.38276 1.000 57.56000 ? 84  ARG A NH1 1 
ATOM   682  N NH2 . ARG A 1 84  ? -5.06427  -7.05669  -17.50070 1.000 53.63000 ? 84  ARG A NH2 1 
ATOM   683  N N   . GLU A 1 85  ? -4.23577  -1.08254  -16.07921 1.000 43.78000 ? 85  GLU A N   1 
ATOM   684  C CA  . GLU A 1 85  ? -5.36062  -0.36090  -16.66861 1.000 43.72000 ? 85  GLU A CA  1 
ATOM   685  C C   . GLU A 1 85  ? -5.14305  1.14006   -16.70820 1.000 43.40000 ? 85  GLU A C   1 
ATOM   686  O O   . GLU A 1 85  ? -6.05814  1.85904   -17.09687 1.000 43.13000 ? 85  GLU A O   1 
ATOM   687  C CB  . GLU A 1 85  ? -6.64554  -0.62641  -15.89183 1.000 41.86000 ? 85  GLU A CB  1 
ATOM   688  C CG  . GLU A 1 85  ? -6.90520  -2.07521  -15.50133 1.000 45.69000 ? 85  GLU A CG  1 
ATOM   689  C CD  . GLU A 1 85  ? -8.21913  -2.21281  -14.73221 1.000 55.81000 ? 85  GLU A CD  1 
ATOM   690  O OE1 . GLU A 1 85  ? -8.32826  -1.61721  -13.63523 1.000 50.54000 ? 85  GLU A OE1 1 
ATOM   691  O OE2 . GLU A 1 85  ? -9.14871  -2.88459  -15.23841 1.000 60.11000 ? 85  GLU A OE2 1 
ATOM   692  N N   . GLY A 1 86  ? -3.97367  1.62991   -16.30372 1.000 43.36000 ? 86  GLY A N   1 
ATOM   693  C CA  . GLY A 1 86  ? -3.71182  3.05516   -16.32561 1.000 44.04000 ? 86  GLY A CA  1 
ATOM   694  C C   . GLY A 1 86  ? -4.19155  3.81571   -15.10844 1.000 39.37000 ? 86  GLY A C   1 
ATOM   695  O O   . GLY A 1 86  ? -4.22555  5.04613   -15.13709 1.000 40.83000 ? 86  GLY A O   1 
ATOM   696  N N   . LYS A 1 87  ? -4.56495  3.12943   -14.03721 1.000 40.26000 ? 87  LYS A N   1 
ATOM   697  C CA  . LYS A 1 87  ? -5.02730  3.79188   -12.82824 1.000 34.80000 ? 87  LYS A CA  1 
ATOM   698  C C   . LYS A 1 87  ? -3.85954  4.07097   -11.88640 1.000 36.27000 ? 87  LYS A C   1 
ATOM   699  O O   . LYS A 1 87  ? -2.80270  3.43139   -11.95422 1.000 37.33000 ? 87  LYS A O   1 
ATOM   700  C CB  . LYS A 1 87  ? -6.08724  2.93632   -12.13639 1.000 39.25000 ? 87  LYS A CB  1 
ATOM   701  C CG  . LYS A 1 87  ? -7.28919  2.64683   -13.05095 1.000 39.82000 ? 87  LYS A CG  1 
ATOM   702  C CD  . LYS A 1 87  ? -8.45495  1.99183   -12.31617 1.000 48.75000 ? 87  LYS A CD  1 
ATOM   703  C CE  . LYS A 1 87  ? -9.66905  1.78256   -13.23444 1.000 46.10000 ? 87  LYS A CE  1 
ATOM   704  N NZ  . LYS A 1 87  ? -10.50008 3.02824   -13.45559 1.000 54.94000 ? 87  LYS A NZ  1 
ATOM   705  N N   . LYS A 1 88  ? -4.03764  5.07019   -11.03434 1.000 36.55000 ? 88  LYS A N   1 
ATOM   706  C CA  . LYS A 1 88  ? -3.08932  5.32026   -9.95932  1.000 38.42000 ? 88  LYS A CA  1 
ATOM   707  C C   . LYS A 1 88  ? -3.67927  4.78016   -8.66586  1.000 34.29000 ? 88  LYS A C   1 
ATOM   708  O O   . LYS A 1 88  ? -4.88599  4.91406   -8.43273  1.000 32.85000 ? 88  LYS A O   1 
ATOM   709  C CB  . LYS A 1 88  ? -2.78116  6.80883   -9.82616  1.000 37.78000 ? 88  LYS A CB  1 
ATOM   710  C CG  . LYS A 1 88  ? -1.87645  7.31506   -10.94888 1.000 41.58000 ? 88  LYS A CG  1 
ATOM   711  C CD  . LYS A 1 88  ? -1.57993  8.78568   -10.83134 1.000 40.04000 ? 88  LYS A CD  1 
ATOM   712  C CE  . LYS A 1 88  ? -0.84162  9.29165   -12.09870 1.000 47.83000 ? 88  LYS A CE  1 
ATOM   713  N NZ  . LYS A 1 88  ? 0.43708   8.52274   -12.39786 1.000 49.29000 ? 88  LYS A NZ  1 
ATOM   714  N N   . VAL A 1 89  ? -2.81952  4.21365   -7.82940  1.000 29.14000 ? 89  VAL A N   1 
ATOM   715  C CA  . VAL A 1 89  ? -3.20749  3.38138   -6.69813  1.000 31.11000 ? 89  VAL A CA  1 
ATOM   716  C C   . VAL A 1 89  ? -2.60564  3.96923   -5.43025  1.000 28.20000 ? 89  VAL A C   1 
ATOM   717  O O   . VAL A 1 89  ? -1.39377  4.19065   -5.36019  1.000 27.48000 ? 89  VAL A O   1 
ATOM   718  C CB  . VAL A 1 89  ? -2.73278  1.92699   -6.89358  1.000 27.25000 ? 89  VAL A CB  1 
ATOM   719  C CG1 . VAL A 1 89  ? -3.09840  1.06476   -5.67583  1.000 25.98000 ? 89  VAL A CG1 1 
ATOM   720  C CG2 . VAL A 1 89  ? -3.32305  1.36048   -8.17472  1.000 33.46000 ? 89  VAL A CG2 1 
ATOM   721  N N   . LEU A 1 90  ? -3.44581  4.21561   -4.43081  1.000 29.14000 ? 90  LEU A N   1 
ATOM   722  C CA  . LEU A 1 90  ? -3.00196  4.67357   -3.11820  1.000 28.50000 ? 90  LEU A CA  1 
ATOM   723  C C   . LEU A 1 90  ? -3.10270  3.52596   -2.12887  1.000 27.53000 ? 90  LEU A C   1 
ATOM   724  O O   . LEU A 1 90  ? -4.18398  2.94157   -1.97568  1.000 27.11000 ? 90  LEU A O   1 
ATOM   725  C CB  . LEU A 1 90  ? -3.85755  5.85331   -2.63093  1.000 30.79000 ? 90  LEU A CB  1 
ATOM   726  C CG  . LEU A 1 90  ? -3.54632  6.31789   -1.19962  1.000 26.89000 ? 90  LEU A CG  1 
ATOM   727  C CD1 . LEU A 1 90  ? -2.15852  6.88618   -1.15245  1.000 30.76000 ? 90  LEU A CD1 1 
ATOM   728  C CD2 . LEU A 1 90  ? -4.51991  7.34313   -0.68478  1.000 28.09000 ? 90  LEU A CD2 1 
ATOM   729  N N   . ILE A 1 91  ? -1.99033  3.22885   -1.44149  1.000 26.26000 ? 91  ILE A N   1 
ATOM   730  C CA  . ILE A 1 91  ? -1.93089  2.23617   -0.36985  1.000 26.61000 ? 91  ILE A CA  1 
ATOM   731  C C   . ILE A 1 91  ? -1.95227  2.96628   0.96675   1.000 28.50000 ? 91  ILE A C   1 
ATOM   732  O O   . ILE A 1 91  ? -1.15489  3.88911   1.17521   1.000 30.06000 ? 91  ILE A O   1 
ATOM   733  C CB  . ILE A 1 91  ? -0.65247  1.38064   -0.47601  1.000 25.19000 ? 91  ILE A CB  1 
ATOM   734  C CG1 . ILE A 1 91  ? -0.54651  0.71719   -1.84643  1.000 24.14000 ? 91  ILE A CG1 1 
ATOM   735  C CG2 . ILE A 1 91  ? -0.62221  0.33346   0.63976   1.000 27.35000 ? 91  ILE A CG2 1 
ATOM   736  C CD1 . ILE A 1 91  ? 0.84886   0.17926   -2.15783  1.000 26.03000 ? 91  ILE A CD1 1 
ATOM   737  N N   . HIS A 1 92  ? -2.84151  2.56207   1.88197   1.000 26.35000 ? 92  HIS A N   1 
ATOM   738  C CA  . HIS A 1 92  ? -2.80701  3.16948   3.22217   1.000 28.74000 ? 92  HIS A CA  1 
ATOM   739  C C   . HIS A 1 92  ? -3.23788  2.23556   4.35780   1.000 31.94000 ? 92  HIS A C   1 
ATOM   740  O O   . HIS A 1 92  ? -3.99227  1.29228   4.12818   1.000 30.70000 ? 92  HIS A O   1 
ATOM   741  C CB  . HIS A 1 92  ? -3.65738  4.44370   3.26286   1.000 28.62000 ? 92  HIS A CB  1 
ATOM   742  C CG  . HIS A 1 92  ? -5.14594  4.21402   3.34202   1.000 31.10000 ? 92  HIS A CG  1 
ATOM   743  N ND1 . HIS A 1 92  ? -5.80008  3.92001   4.52363   1.000 33.29000 ? 92  HIS A ND1 1 
ATOM   744  C CD2 . HIS A 1 92  ? -6.11447  4.30008   2.39545   1.000 34.72000 ? 92  HIS A CD2 1 
ATOM   745  C CE1 . HIS A 1 92  ? -7.10023  3.80364   4.29437   1.000 33.58000 ? 92  HIS A CE1 1 
ATOM   746  N NE2 . HIS A 1 92  ? -7.31922  4.02835   3.00960   1.000 32.05000 ? 92  HIS A NE2 1 
HETATM 747  N N   . CSO A 1 93  ? -2.71502  2.47857   5.56783   1.000 33.53000 ? 93  CSO A N   1 
HETATM 748  C CA  . CSO A 1 93  ? -3.19882  1.80992   6.78686   1.000 37.22000 ? 93  CSO A CA  1 
HETATM 749  C CB  . CSO A 1 93  ? -2.11156  0.95001   7.47624   1.000 36.58000 ? 93  CSO A CB  1 
HETATM 750  S SG  . CSO A 1 93  ? -0.44524  1.68374   7.57945   1.000 42.80000 ? 93  CSO A SG  1 
HETATM 751  C C   . CSO A 1 93  ? -3.73106  2.88584   7.73061   1.000 36.90000 ? 93  CSO A C   1 
HETATM 752  O O   . CSO A 1 93  ? -4.58268  3.66698   7.34204   1.000 41.25000 ? 93  CSO A O   1 
HETATM 753  O OD  . CSO A 1 93  ? -0.46824  3.38091   7.00419   1.000 47.46000 ? 93  CSO A OD  1 
ATOM   754  N N   . MET A 1 94  ? -3.24359  2.95574   8.95936   1.000 41.13000 ? 94  MET A N   1 
ATOM   755  C CA  . MET A 1 94  ? -3.62461  4.07714   9.81115   1.000 40.49000 ? 94  MET A CA  1 
ATOM   756  C C   . MET A 1 94  ? -2.54840  5.13991   9.67775   1.000 47.76000 ? 94  MET A C   1 
ATOM   757  O O   . MET A 1 94  ? -2.30134  5.62989   8.58661   1.000 49.93000 ? 94  MET A O   1 
ATOM   758  C CB  . MET A 1 94  ? -3.79472  3.66099   11.26288  1.000 44.80000 ? 94  MET A CB  1 
ATOM   759  C CG  . MET A 1 94  ? -4.97267  2.73757   11.50707  1.000 50.84000 ? 94  MET A CG  1 
ATOM   760  S SD  . MET A 1 94  ? -6.50774  3.65736   11.52396  1.000 60.01000 ? 94  MET A SD  1 
ATOM   761  C CE  . MET A 1 94  ? -6.34044  4.55514   13.06030  1.000 46.03000 ? 94  MET A CE  1 
ATOM   762  N N   . GLY A 1 95  ? -1.88559  5.48006   10.77360  1.000 50.51000 ? 95  GLY A N   1 
ATOM   763  C CA  . GLY A 1 95  ? -0.80132  6.43518   10.69486  1.000 50.46000 ? 95  GLY A CA  1 
ATOM   764  C C   . GLY A 1 95  ? 0.57650   5.80501   10.66380  1.000 54.01000 ? 95  GLY A C   1 
ATOM   765  O O   . GLY A 1 95  ? 1.53374   6.44530   10.22379  1.000 56.57000 ? 95  GLY A O   1 
ATOM   766  N N   . GLY A 1 96  ? 0.67841   4.53849   11.08398  1.000 52.51000 ? 96  GLY A N   1 
ATOM   767  C CA  . GLY A 1 96  ? 1.97718   3.96766   11.41994  1.000 50.02000 ? 96  GLY A CA  1 
ATOM   768  C C   . GLY A 1 96  ? 2.94198   3.83139   10.24963  1.000 52.08000 ? 96  GLY A C   1 
ATOM   769  O O   . GLY A 1 96  ? 4.15754   3.96677   10.41640  1.000 56.15000 ? 96  GLY A O   1 
ATOM   770  N N   . LEU A 1 97  ? 2.43368   3.51999   9.06144   1.000 48.25000 ? 97  LEU A N   1 
ATOM   771  C CA  . LEU A 1 97  ? 3.26946   3.29910   7.88047   1.000 45.05000 ? 97  LEU A CA  1 
ATOM   772  C C   . LEU A 1 97  ? 4.04924   1.99510   7.94932   1.000 41.68000 ? 97  LEU A C   1 
ATOM   773  O O   . LEU A 1 97  ? 4.83095   1.69491   7.03325   1.000 37.49000 ? 97  LEU A O   1 
ATOM   774  C CB  . LEU A 1 97  ? 4.25448   4.45038   7.63750   1.000 46.44000 ? 97  LEU A CB  1 
ATOM   775  C CG  . LEU A 1 97  ? 3.69579   5.49048   6.66755   1.000 41.34000 ? 97  LEU A CG  1 
ATOM   776  C CD1 . LEU A 1 97  ? 2.16577   5.47667   6.70503   1.000 44.91000 ? 97  LEU A CD1 1 
ATOM   777  C CD2 . LEU A 1 97  ? 4.24049   6.86396   6.99842   1.000 45.26000 ? 97  LEU A CD2 1 
ATOM   778  N N   . GLY A 1 98  ? 3.86327   1.20056   8.99157   1.000 39.08000 ? 98  GLY A N   1 
ATOM   779  C CA  . GLY A 1 98  ? 4.43392   -0.12308  8.99906   1.000 33.12000 ? 98  GLY A CA  1 
ATOM   780  C C   . GLY A 1 98  ? 3.85215   -0.93837  7.86799   1.000 31.03000 ? 98  GLY A C   1 
ATOM   781  O O   . GLY A 1 98  ? 4.57380   -1.34098  6.95189   1.000 33.60000 ? 98  GLY A O   1 
ATOM   782  N N   . ARG A 1 99  ? 2.53192   -1.15084  7.90913   1.000 26.99000 ? 99  ARG A N   1 
ATOM   783  C CA  . ARG A 1 99  ? 1.87701   -2.01622  6.93057   1.000 29.68000 ? 99  ARG A CA  1 
ATOM   784  C C   . ARG A 1 99  ? 1.93178   -1.41990  5.52428   1.000 29.47000 ? 99  ARG A C   1 
ATOM   785  O O   . ARG A 1 99  ? 2.19964   -2.12836  4.54739   1.000 28.36000 ? 99  ARG A O   1 
ATOM   786  C CB  . ARG A 1 99  ? 0.41967   -2.26930  7.34730   1.000 32.81000 ? 99  ARG A CB  1 
ATOM   787  C CG  . ARG A 1 99  ? 0.25860   -3.12172  8.61750   1.000 35.53000 ? 99  ARG A CG  1 
ATOM   788  C CD  . ARG A 1 99  ? -1.14350  -2.95425  9.19920   1.000 33.31000 ? 99  ARG A CD  1 
ATOM   789  N NE  . ARG A 1 99  ? -1.24974  -1.75226  10.01874  1.000 34.89000 ? 99  ARG A NE  1 
ATOM   790  C CZ  . ARG A 1 99  ? -2.35990  -1.36006  10.62256  1.000 37.54000 ? 99  ARG A CZ  1 
ATOM   791  N NH1 . ARG A 1 99  ? -3.48882  -2.03071  10.48519  1.000 33.49000 ? 99  ARG A NH1 1 
ATOM   792  N NH2 . ARG A 1 99  ? -2.34266  -0.25909  11.36665  1.000 38.43000 ? 99  ARG A NH2 1 
ATOM   793  N N   . SER A 1 100 ? 1.63020   -0.13211  5.38646   1.000 28.22000 ? 100 SER A N   1 
ATOM   794  C CA  . SER A 1 100 ? 1.61636   0.43976   4.04607   1.000 29.91000 ? 100 SER A CA  1 
ATOM   795  C C   . SER A 1 100 ? 3.02237   0.48522   3.48251   1.000 30.03000 ? 100 SER A C   1 
ATOM   796  O O   . SER A 1 100 ? 3.22958   0.14779   2.31211   1.000 31.04000 ? 100 SER A O   1 
ATOM   797  C CB  . SER A 1 100 ? 0.96206   1.82700   4.04449   1.000 29.28000 ? 100 SER A CB  1 
ATOM   798  O OG  . SER A 1 100 ? 1.50030   2.65843   5.05054   1.000 33.47000 ? 100 SER A OG  1 
ATOM   799  N N   . GLY A 1 101 ? 4.00505   0.85025   4.31421   1.000 30.34000 ? 101 GLY A N   1 
ATOM   800  C CA  . GLY A 1 101 ? 5.39251   0.83699   3.87265   1.000 27.73000 ? 101 GLY A CA  1 
ATOM   801  C C   . GLY A 1 101 ? 5.84987   -0.53358  3.41489   1.000 28.10000 ? 101 GLY A C   1 
ATOM   802  O O   . GLY A 1 101 ? 6.63414   -0.65158  2.47469   1.000 28.09000 ? 101 GLY A O   1 
ATOM   803  N N   . THR A 1 102 ? 5.36887   -1.59021  4.08064   1.000 28.07000 ? 102 THR A N   1 
ATOM   804  C CA  . THR A 1 102 ? 5.70720   -2.95563  3.67948   1.000 25.86000 ? 102 THR A CA  1 
ATOM   805  C C   . THR A 1 102 ? 5.19377   -3.25521  2.27942   1.000 26.37000 ? 102 THR A C   1 
ATOM   806  O O   . THR A 1 102 ? 5.92466   -3.78568  1.43400   1.000 26.48000 ? 102 THR A O   1 
ATOM   807  C CB  . THR A 1 102 ? 5.12610   -3.95905  4.68659   1.000 26.56000 ? 102 THR A CB  1 
ATOM   808  O OG1 . THR A 1 102 ? 5.80198   -3.80659  5.94204   1.000 28.52000 ? 102 THR A OG1 1 
ATOM   809  C CG2 . THR A 1 102 ? 5.32572   -5.38809  4.20304   1.000 24.95000 ? 102 THR A CG2 1 
ATOM   810  N N   . VAL A 1 103 ? 3.93323   -2.91255  2.01409   1.000 26.95000 ? 103 VAL A N   1 
ATOM   811  C CA  . VAL A 1 103 ? 3.36280   -3.13725  0.69333   1.000 25.30000 ? 103 VAL A CA  1 
ATOM   812  C C   . VAL A 1 103 ? 4.06139   -2.27119  -0.34620  1.000 26.48000 ? 103 VAL A C   1 
ATOM   813  O O   . VAL A 1 103 ? 4.30368   -2.70796  -1.47972  1.000 26.50000 ? 103 VAL A O   1 
ATOM   814  C CB  . VAL A 1 103 ? 1.85054   -2.88098  0.73650   1.000 23.56000 ? 103 VAL A CB  1 
ATOM   815  C CG1 . VAL A 1 103 ? 1.24658   -3.06756  -0.62998  1.000 25.92000 ? 103 VAL A CG1 1 
ATOM   816  C CG2 . VAL A 1 103 ? 1.21689   -3.81764  1.72948   1.000 24.68000 ? 103 VAL A CG2 1 
ATOM   817  N N   . ALA A 1 104 ? 4.43229   -1.04549  0.02730   1.000 25.12000 ? 104 ALA A N   1 
ATOM   818  C CA  . ALA A 1 104 ? 5.16332   -0.18902  -0.90604  1.000 29.13000 ? 104 ALA A CA  1 
ATOM   819  C C   . ALA A 1 104 ? 6.48353   -0.83191  -1.30746  1.000 27.64000 ? 104 ALA A C   1 
ATOM   820  O O   . ALA A 1 104 ? 6.80756   -0.94129  -2.49907  1.000 28.17000 ? 104 ALA A O   1 
ATOM   821  C CB  . ALA A 1 104 ? 5.41649   1.17802   -0.27710  1.000 26.06000 ? 104 ALA A CB  1 
ATOM   822  N N   . VAL A 1 105 ? 7.26388   -1.26099  -0.30880  1.000 29.16000 ? 105 VAL A N   1 
ATOM   823  C CA  . VAL A 1 105 ? 8.53084   -1.94975  -0.55798  1.000 27.08000 ? 105 VAL A CA  1 
ATOM   824  C C   . VAL A 1 105 ? 8.30896   -3.15185  -1.46740  1.000 27.71000 ? 105 VAL A C   1 
ATOM   825  O O   . VAL A 1 105 ? 9.03253   -3.35877  -2.44976  1.000 27.05000 ? 105 VAL A O   1 
ATOM   826  C CB  . VAL A 1 105 ? 9.18460   -2.37030  0.77014   1.000 26.15000 ? 105 VAL A CB  1 
ATOM   827  C CG1 . VAL A 1 105 ? 10.40704  -3.26696  0.50318   1.000 28.62000 ? 105 VAL A CG1 1 
ATOM   828  C CG2 . VAL A 1 105 ? 9.61333   -1.14314  1.56442   1.000 25.39000 ? 105 VAL A CG2 1 
ATOM   829  N N   . ALA A 1 106 ? 7.29055   -3.95351  -1.15706  1.000 27.36000 ? 106 ALA A N   1 
ATOM   830  C CA  . ALA A 1 106 ? 7.00992   -5.14320  -1.95159  1.000 26.29000 ? 106 ALA A CA  1 
ATOM   831  C C   . ALA A 1 106 ? 6.67301   -4.77490  -3.38949  1.000 26.22000 ? 106 ALA A C   1 
ATOM   832  O O   . ALA A 1 106 ? 7.07369   -5.47182  -4.32325  1.000 29.47000 ? 106 ALA A O   1 
ATOM   833  C CB  . ALA A 1 106 ? 5.86050   -5.94758  -1.32079  1.000 21.48000 ? 106 ALA A CB  1 
ATOM   834  N N   . TRP A 1 107 ? 5.91583   -3.69377  -3.59316  1.000 28.54000 ? 107 TRP A N   1 
ATOM   835  C CA  . TRP A 1 107 ? 5.55423   -3.30529  -4.95708  1.000 27.99000 ? 107 TRP A CA  1 
ATOM   836  C C   . TRP A 1 107 ? 6.79292   -3.03093  -5.79797  1.000 28.73000 ? 107 TRP A C   1 
ATOM   837  O O   . TRP A 1 107 ? 6.87953   -3.46144  -6.95717  1.000 28.75000 ? 107 TRP A O   1 
ATOM   838  C CB  . TRP A 1 107 ? 4.62097   -2.08259  -4.93479  1.000 28.50000 ? 107 TRP A CB  1 
ATOM   839  C CG  . TRP A 1 107 ? 4.36857   -1.57251  -6.30661  1.000 27.52000 ? 107 TRP A CG  1 
ATOM   840  C CD1 . TRP A 1 107 ? 4.81941   -0.42255  -6.83017  1.000 26.43000 ? 107 TRP A CD1 1 
ATOM   841  C CD2 . TRP A 1 107 ? 3.65315   -2.24933  -7.35223  1.000 27.75000 ? 107 TRP A CD2 1 
ATOM   842  N NE1 . TRP A 1 107 ? 4.43916   -0.31974  -8.15041  1.000 29.82000 ? 107 TRP A NE1 1 
ATOM   843  C CE2 . TRP A 1 107 ? 3.71914   -1.43265  -8.49405  1.000 31.49000 ? 107 TRP A CE2 1 
ATOM   844  C CE3 . TRP A 1 107 ? 2.97105   -3.46847  -7.42890  1.000 25.95000 ? 107 TRP A CE3 1 
ATOM   845  C CZ2 . TRP A 1 107 ? 3.11523   -1.77808  -9.70478  1.000 30.19000 ? 107 TRP A CZ2 1 
ATOM   846  C CZ3 . TRP A 1 107 ? 2.37483   -3.81742  -8.63903  1.000 29.71000 ? 107 TRP A CZ3 1 
ATOM   847  C CH2 . TRP A 1 107 ? 2.46047   -2.97300  -9.76059  1.000 32.61000 ? 107 TRP A CH2 1 
ATOM   848  N N   . LEU A 1 108 ? 7.76917   -2.32095  -5.22733  1.000 27.31000 ? 108 LEU A N   1 
ATOM   849  C CA  . LEU A 1 108 ? 9.03526   -2.09436  -5.92196  1.000 29.70000 ? 108 LEU A CA  1 
ATOM   850  C C   . LEU A 1 108 ? 9.73293   -3.40170  -6.28326  1.000 33.08000 ? 108 LEU A C   1 
ATOM   851  O O   . LEU A 1 108 ? 10.29043  -3.52866  -7.38454  1.000 27.98000 ? 108 LEU A O   1 
ATOM   852  C CB  . LEU A 1 108 ? 9.95780   -1.24270  -5.05578  1.000 31.78000 ? 108 LEU A CB  1 
ATOM   853  C CG  . LEU A 1 108 ? 9.53645   0.20058   -4.91918  1.000 33.04000 ? 108 LEU A CG  1 
ATOM   854  C CD1 . LEU A 1 108 ? 10.56467  0.96316   -4.09050  1.000 32.42000 ? 108 LEU A CD1 1 
ATOM   855  C CD2 . LEU A 1 108 ? 9.42541   0.76176   -6.33408  1.000 35.48000 ? 108 LEU A CD2 1 
ATOM   856  N N   . MET A 1 109 ? 9.75291   -4.37788  -5.35655  1.000 28.21000 ? 109 MET A N   1 
ATOM   857  C CA  . MET A 1 109 ? 10.38242  -5.65111  -5.67403  1.000 27.13000 ? 109 MET A CA  1 
ATOM   858  C C   . MET A 1 109 ? 9.59710   -6.37620  -6.75553  1.000 28.84000 ? 109 MET A C   1 
ATOM   859  O O   . MET A 1 109 ? 10.18064  -6.92528  -7.69822  1.000 29.77000 ? 109 MET A O   1 
ATOM   860  C CB  . MET A 1 109 ? 10.48639  -6.51381  -4.41420  1.000 30.95000 ? 109 MET A CB  1 
ATOM   861  C CG  . MET A 1 109 ? 11.35247  -5.93817  -3.28580  1.000 32.23000 ? 109 MET A CG  1 
ATOM   862  S SD  . MET A 1 109 ? 11.02390  -6.65399  -1.63104  1.000 34.08000 ? 109 MET A SD  1 
ATOM   863  C CE  . MET A 1 109 ? 11.38160  -8.38452  -1.88380  1.000 34.52000 ? 109 MET A CE  1 
ATOM   864  N N   . TYR A 1 110 ? 8.27053   -6.37237  -6.63594  1.000 27.19000 ? 110 TYR A N   1 
ATOM   865  C CA  . TYR A 1 110 ? 7.41121   -7.13452  -7.53774  1.000 29.43000 ? 110 TYR A CA  1 
ATOM   866  C C   . TYR A 1 110 ? 7.40142   -6.52220  -8.93214  1.000 31.88000 ? 110 TYR A C   1 
ATOM   867  O O   . TYR A 1 110 ? 7.57789   -7.22949  -9.92943  1.000 36.63000 ? 110 TYR A O   1 
ATOM   868  C CB  . TYR A 1 110 ? 5.99532   -7.18652  -6.95604  1.000 30.99000 ? 110 TYR A CB  1 
ATOM   869  C CG  . TYR A 1 110 ? 4.94889   -7.96909  -7.73888  1.000 32.33000 ? 110 TYR A CG  1 
ATOM   870  C CD1 . TYR A 1 110 ? 4.13992   -7.34382  -8.69069  1.000 34.80000 ? 110 TYR A CD1 1 
ATOM   871  C CD2 . TYR A 1 110 ? 4.73571   -9.32106  -7.48507  1.000 36.08000 ? 110 TYR A CD2 1 
ATOM   872  C CE1 . TYR A 1 110 ? 3.15921   -8.06239  -9.39256  1.000 35.29000 ? 110 TYR A CE1 1 
ATOM   873  C CE2 . TYR A 1 110 ? 3.76075   -10.04201 -8.17481  1.000 41.62000 ? 110 TYR A CE2 1 
ATOM   874  C CZ  . TYR A 1 110 ? 2.97731   -9.41096  -9.12028  1.000 38.39000 ? 110 TYR A CZ  1 
ATOM   875  O OH  . TYR A 1 110 ? 2.02793   -10.14869 -9.79674  1.000 46.73000 ? 110 TYR A OH  1 
ATOM   876  N N   . SER A 1 111 ? 7.22920   -5.20222  -9.02150  1.000 28.52000 ? 111 SER A N   1 
ATOM   877  C CA  . SER A 1 111 ? 7.06494   -4.54471  -10.31062 1.000 31.42000 ? 111 SER A CA  1 
ATOM   878  C C   . SER A 1 111 ? 8.38819   -4.18403  -10.97270 1.000 32.01000 ? 111 SER A C   1 
ATOM   879  O O   . SER A 1 111 ? 8.51741   -4.36547  -12.18741 1.000 33.85000 ? 111 SER A O   1 
ATOM   880  C CB  . SER A 1 111 ? 6.21247   -3.27924  -10.16593 1.000 29.67000 ? 111 SER A CB  1 
ATOM   881  O OG  . SER A 1 111 ? 6.84196   -2.33296  -9.31500  1.000 32.36000 ? 111 SER A OG  1 
ATOM   882  N N   . LYS A 1 112 ? 9.36861   -3.66452  -10.21514 1.000 31.71000 ? 112 LYS A N   1 
ATOM   883  C CA  . LYS A 1 112 ? 10.64406  -3.24343  -10.79102 1.000 29.42000 ? 112 LYS A CA  1 
ATOM   884  C C   . LYS A 1 112 ? 11.77428  -4.24013  -10.56828 1.000 34.70000 ? 112 LYS A C   1 
ATOM   885  O O   . LYS A 1 112 ? 12.84443  -4.07606  -11.16701 1.000 36.78000 ? 112 LYS A O   1 
ATOM   886  C CB  . LYS A 1 112 ? 11.06771  -1.88735  -10.22252 1.000 32.71000 ? 112 LYS A CB  1 
ATOM   887  C CG  . LYS A 1 112 ? 10.02852  -0.75628  -10.38603 1.000 38.26000 ? 112 LYS A CG  1 
ATOM   888  C CD  . LYS A 1 112 ? 9.97212   -0.20013  -11.81133 1.000 36.39000 ? 112 LYS A CD  1 
ATOM   889  C CE  . LYS A 1 112 ? 9.12167   1.06874   -11.86962 1.000 45.22000 ? 112 LYS A CE  1 
ATOM   890  N NZ  . LYS A 1 112 ? 7.80741   0.84020   -11.18830 1.000 49.37000 ? 112 LYS A NZ  1 
ATOM   891  N N   . GLY A 1 113 ? 11.58221  -5.26276  -9.73223  1.000 29.74000 ? 113 GLY A N   1 
ATOM   892  C CA  . GLY A 1 113 ? 12.62816  -6.24468  -9.55129  1.000 24.67000 ? 113 GLY A CA  1 
ATOM   893  C C   . GLY A 1 113 ? 13.75600  -5.78586  -8.67251  1.000 30.72000 ? 113 GLY A C   1 
ATOM   894  O O   . GLY A 1 113 ? 14.82133  -6.41562  -8.66275  1.000 31.11000 ? 113 GLY A O   1 
ATOM   895  N N   . LEU A 1 114 ? 13.55666  -4.70570  -7.93185  1.000 29.26000 ? 114 LEU A N   1 
ATOM   896  C CA  . LEU A 1 114 ? 14.59440  -4.22560  -7.04255  1.000 30.31000 ? 114 LEU A CA  1 
ATOM   897  C C   . LEU A 1 114 ? 14.91469  -5.26824  -5.98029  1.000 33.99000 ? 114 LEU A C   1 
ATOM   898  O O   . LEU A 1 114 ? 14.00614  -5.96643  -5.49498  1.000 32.93000 ? 114 LEU A O   1 
ATOM   899  C CB  . LEU A 1 114 ? 14.17327  -2.93444  -6.35841  1.000 25.34000 ? 114 LEU A CB  1 
ATOM   900  C CG  . LEU A 1 114 ? 13.93884  -1.72718  -7.25932  1.000 37.29000 ? 114 LEU A CG  1 
ATOM   901  C CD1 . LEU A 1 114 ? 13.92219  -0.48938  -6.38980  1.000 32.32000 ? 114 LEU A CD1 1 
ATOM   902  C CD2 . LEU A 1 114 ? 15.00608  -1.63537  -8.33764  1.000 32.55000 ? 114 LEU A CD2 1 
ATOM   903  N N   . PRO A 1 115 ? 16.18544  -5.39515  -5.58274  1.000 31.83000 ? 115 PRO A N   1 
ATOM   904  C CA  . PRO A 1 115 ? 16.49018  -6.18776  -4.38674  1.000 38.95000 ? 115 PRO A CA  1 
ATOM   905  C C   . PRO A 1 115 ? 15.91340  -5.51292  -3.15737  1.000 38.08000 ? 115 PRO A C   1 
ATOM   906  O O   . PRO A 1 115 ? 15.67709  -4.30297  -3.13122  1.000 32.93000 ? 115 PRO A O   1 
ATOM   907  C CB  . PRO A 1 115 ? 18.02275  -6.22870  -4.34903  1.000 35.27000 ? 115 PRO A CB  1 
ATOM   908  C CG  . PRO A 1 115 ? 18.46652  -5.06006  -5.18793  1.000 39.62000 ? 115 PRO A CG  1 
ATOM   909  C CD  . PRO A 1 115 ? 17.39759  -4.88556  -6.24630  1.000 38.79000 ? 115 PRO A CD  1 
ATOM   910  N N   . LEU A 1 116 ? 15.66478  -6.32284  -2.13120  1.000 29.70000 ? 116 LEU A N   1 
ATOM   911  C CA  . LEU A 1 116 ? 15.03527  -5.80503  -0.92580  1.000 31.86000 ? 116 LEU A CA  1 
ATOM   912  C C   . LEU A 1 116 ? 15.84364  -4.65665  -0.33120  1.000 29.96000 ? 116 LEU A C   1 
ATOM   913  O O   . LEU A 1 116 ? 15.27761  -3.64912  0.10230   1.000 30.11000 ? 116 LEU A O   1 
ATOM   914  C CB  . LEU A 1 116 ? 14.85601  -6.94562  0.09174   1.000 34.00000 ? 116 LEU A CB  1 
ATOM   915  C CG  . LEU A 1 116 ? 14.35567  -6.61748  1.49508   1.000 30.03000 ? 116 LEU A CG  1 
ATOM   916  C CD1 . LEU A 1 116 ? 13.04005  -5.86911  1.40291   1.000 29.62000 ? 116 LEU A CD1 1 
ATOM   917  C CD2 . LEU A 1 116 ? 14.24389  -7.91963  2.35177   1.000 32.09000 ? 116 LEU A CD2 1 
ATOM   918  N N   . ARG A 1 117 ? 17.16906  -4.76549  -0.32351  1.000 29.04000 ? 117 ARG A N   1 
ATOM   919  C CA  . ARG A 1 117 ? 17.95037  -3.71029  0.31120   1.000 32.53000 ? 117 ARG A CA  1 
ATOM   920  C C   . ARG A 1 117 ? 17.76958  -2.36498  -0.39107  1.000 33.78000 ? 117 ARG A C   1 
ATOM   921  O O   . ARG A 1 117 ? 17.79624  -1.31228  0.26044   1.000 33.30000 ? 117 ARG A O   1 
ATOM   922  C CB  . ARG A 1 117 ? 19.42018  -4.11188  0.35930   1.000 37.40000 ? 117 ARG A CB  1 
ATOM   923  C CG  . ARG A 1 117 ? 20.02081  -4.41257  -0.98067  1.000 38.93000 ? 117 ARG A CG  1 
ATOM   924  C CD  . ARG A 1 117 ? 21.43183  -4.96560  -0.81803  1.000 43.60000 ? 117 ARG A CD  1 
ATOM   925  N NE  . ARG A 1 117 ? 22.11231  -4.93743  -2.10483  1.000 43.97000 ? 117 ARG A NE  1 
ATOM   926  C CZ  . ARG A 1 117 ? 21.90536  -5.81989  -3.07080  1.000 45.93000 ? 117 ARG A CZ  1 
ATOM   927  N NH1 . ARG A 1 117 ? 21.10518  -6.86127  -2.89380  1.000 41.47000 ? 117 ARG A NH1 1 
ATOM   928  N NH2 . ARG A 1 117 ? 22.51066  -5.65040  -4.24592  1.000 49.28000 ? 117 ARG A NH2 1 
ATOM   929  N N   . GLU A 1 118 ? 17.57483  -2.36720  -1.70701  1.000 29.85000 ? 118 GLU A N   1 
ATOM   930  C CA  . GLU A 1 118 ? 17.40444  -1.09227  -2.39566  1.000 33.80000 ? 118 GLU A CA  1 
ATOM   931  C C   . GLU A 1 118 ? 15.96696  -0.59417  -2.28474  1.000 33.22000 ? 118 GLU A C   1 
ATOM   932  O O   . GLU A 1 118 ? 15.72959  0.59500   -2.04990  1.000 29.34000 ? 118 GLU A O   1 
ATOM   933  C CB  . GLU A 1 118 ? 17.79784  -1.23751  -3.85382  1.000 35.72000 ? 118 GLU A CB  1 
ATOM   934  C CG  . GLU A 1 118 ? 19.22064  -1.69866  -4.05850  1.000 40.25000 ? 118 GLU A CG  1 
ATOM   935  C CD  . GLU A 1 118 ? 19.55282  -1.82654  -5.51945  1.000 45.32000 ? 118 GLU A CD  1 
ATOM   936  O OE1 . GLU A 1 118 ? 18.61635  -1.74378  -6.34829  1.000 41.20000 ? 118 GLU A OE1 1 
ATOM   937  O OE2 . GLU A 1 118 ? 20.74446  -1.99113  -5.84775  1.000 51.71000 ? 118 GLU A OE2 1 
ATOM   938  N N   . ALA A 1 119 ? 14.99552  -1.48956  -2.44993  1.000 31.03000 ? 119 ALA A N   1 
ATOM   939  C CA  . ALA A 1 119 ? 13.60218  -1.08680  -2.29493  1.000 31.05000 ? 119 ALA A CA  1 
ATOM   940  C C   . ALA A 1 119 ? 13.34031  -0.56434  -0.89150  1.000 30.01000 ? 119 ALA A C   1 
ATOM   941  O O   . ALA A 1 119 ? 12.62524  0.42394   -0.71528  1.000 31.48000 ? 119 ALA A O   1 
ATOM   942  C CB  . ALA A 1 119 ? 12.66691  -2.24969  -2.63019  1.000 26.34000 ? 119 ALA A CB  1 
ATOM   943  N N   . LEU A 1 120 ? 13.91985  -1.19987  0.12271   1.000 32.60000 ? 120 LEU A N   1 
ATOM   944  C CA  . LEU A 1 120 ? 13.72393  -0.71259  1.48430   1.000 30.54000 ? 120 LEU A CA  1 
ATOM   945  C C   . LEU A 1 120 ? 14.33779  0.66736   1.64820   1.000 32.95000 ? 120 LEU A C   1 
ATOM   946  O O   . LEU A 1 120 ? 13.75279  1.53975   2.29953   1.000 29.55000 ? 120 LEU A O   1 
ATOM   947  C CB  . LEU A 1 120 ? 14.34186  -1.70100  2.49675   1.000 31.55000 ? 120 LEU A CB  1 
ATOM   948  C CG  . LEU A 1 120 ? 14.06495  -1.57905  4.00326   1.000 33.05000 ? 120 LEU A CG  1 
ATOM   949  C CD1 . LEU A 1 120 ? 12.58382  -1.81476  4.33818   1.000 37.25000 ? 120 LEU A CD1 1 
ATOM   950  C CD2 . LEU A 1 120 ? 14.92854  -2.54556  4.76605   1.000 38.24000 ? 120 LEU A CD2 1 
ATOM   951  N N   . ARG A 1 121 ? 15.53731  0.86912   1.08030   1.000 30.35000 ? 121 ARG A N   1 
ATOM   952  C CA  . ARG A 1 121 ? 16.17684  2.17571   1.12641   1.000 34.13000 ? 121 ARG A CA  1 
ATOM   953  C C   . ARG A 1 121 ? 15.29623  3.23433   0.47051   1.000 32.50000 ? 121 ARG A C   1 
ATOM   954  O O   . ARG A 1 121 ? 15.17124  4.34515   0.99019   1.000 35.70000 ? 121 ARG A O   1 
ATOM   955  C CB  . ARG A 1 121 ? 17.54664  2.11040   0.43957   1.000 37.57000 ? 121 ARG A CB  1 
ATOM   956  C CG  . ARG A 1 121 ? 18.65603  2.81946   1.18415   1.000 44.99000 ? 121 ARG A CG  1 
ATOM   957  C CD  . ARG A 1 121 ? 20.00217  2.67274   0.46412   1.000 46.51000 ? 121 ARG A CD  1 
ATOM   958  N NE  . ARG A 1 121 ? 20.36048  1.27834   0.20462   1.000 52.44000 ? 121 ARG A NE  1 
ATOM   959  C CZ  . ARG A 1 121 ? 21.28783  0.88383   -0.66369  1.000 52.53000 ? 121 ARG A CZ  1 
ATOM   960  N NH1 . ARG A 1 121 ? 21.96425  1.75240   -1.39831  1.000 55.30000 ? 121 ARG A NH1 1 
ATOM   961  N NH2 . ARG A 1 121 ? 21.54134  -0.41711  -0.80245  1.000 49.23000 ? 121 ARG A NH2 1 
ATOM   962  N N   . ARG A 1 122 ? 14.70338  2.92714   -0.68864  1.000 35.53000 ? 122 ARG A N   1 
ATOM   963  C CA  . ARG A 1 122 ? 13.88493  3.92978   -1.37974  1.000 34.19000 ? 122 ARG A CA  1 
ATOM   964  C C   . ARG A 1 122 ? 12.70728  4.34813   -0.51051  1.000 36.72000 ? 122 ARG A C   1 
ATOM   965  O O   . ARG A 1 122 ? 12.50382  5.53614   -0.22810  1.000 35.88000 ? 122 ARG A O   1 
ATOM   966  C CB  . ARG A 1 122 ? 13.37950  3.39384   -2.72907  1.000 34.43000 ? 122 ARG A CB  1 
ATOM   967  C CG  . ARG A 1 122 ? 13.66738  4.35060   -3.91556  1.000 53.81000 ? 122 ARG A CG  1 
ATOM   968  C CD  . ARG A 1 122 ? 12.45577  4.82985   -4.74964  1.000 53.28000 ? 122 ARG A CD  1 
ATOM   969  N NE  . ARG A 1 122 ? 12.21902  4.06649   -5.98119  1.000 50.80000 ? 122 ARG A NE  1 
ATOM   970  C CZ  . ARG A 1 122 ? 13.03891  4.00292   -7.02775  1.000 54.32000 ? 122 ARG A CZ  1 
ATOM   971  N NH1 . ARG A 1 122 ? 14.20765  4.62586   -7.03887  1.000 49.95000 ? 122 ARG A NH1 1 
ATOM   972  N NH2 . ARG A 1 122 ? 12.68105  3.28623   -8.09407  1.000 56.84000 ? 122 ARG A NH2 1 
ATOM   973  N N   . VAL A 1 123 ? 11.94276  3.36734   -0.03998  1.000 34.74000 ? 123 VAL A N   1 
ATOM   974  C CA  . VAL A 1 123 ? 10.72243  3.66724   0.69410   1.000 35.20000 ? 123 VAL A CA  1 
ATOM   975  C C   . VAL A 1 123 ? 11.04792  4.42007   1.97473   1.000 35.12000 ? 123 VAL A C   1 
ATOM   976  O O   . VAL A 1 123 ? 10.39490  5.41364   2.31365   1.000 36.51000 ? 123 VAL A O   1 
ATOM   977  C CB  . VAL A 1 123 ? 9.95661   2.36330   0.95950   1.000 27.89000 ? 123 VAL A CB  1 
ATOM   978  C CG1 . VAL A 1 123 ? 8.84975   2.58008   1.96650   1.000 29.52000 ? 123 VAL A CG1 1 
ATOM   979  C CG2 . VAL A 1 123 ? 9.43780   1.80631   -0.35225  1.000 27.36000 ? 123 VAL A CG2 1 
ATOM   980  N N   . ARG A 1 124 ? 12.08361  3.98205   2.68913   1.000 33.69000 ? 124 ARG A N   1 
ATOM   981  C CA  . ARG A 1 124 ? 12.42546  4.66008   3.93182   1.000 36.82000 ? 124 ARG A CA  1 
ATOM   982  C C   . ARG A 1 124 ? 13.01249  6.04227   3.68874   1.000 36.48000 ? 124 ARG A C   1 
ATOM   983  O O   . ARG A 1 124 ? 12.97939  6.88541   4.59460   1.000 38.39000 ? 124 ARG A O   1 
ATOM   984  C CB  . ARG A 1 124 ? 13.38090  3.79234   4.75458   1.000 38.13000 ? 124 ARG A CB  1 
ATOM   985  C CG  . ARG A 1 124 ? 12.67521  2.66509   5.50759   1.000 39.36000 ? 124 ARG A CG  1 
ATOM   986  C CD  . ARG A 1 124 ? 13.63178  1.86410   6.36674   1.000 39.80000 ? 124 ARG A CD  1 
ATOM   987  N NE  . ARG A 1 124 ? 12.93351  0.90174   7.21024   1.000 35.90000 ? 124 ARG A NE  1 
ATOM   988  C CZ  . ARG A 1 124 ? 13.52525  -0.15957  7.73803   1.000 39.27000 ? 124 ARG A CZ  1 
ATOM   989  N NH1 . ARG A 1 124 ? 14.78269  -0.44209  7.47317   1.000 39.76000 ? 124 ARG A NH1 1 
ATOM   990  N NH2 . ARG A 1 124 ? 12.84092  -0.95118  8.55431   1.000 36.13000 ? 124 ARG A NH2 1 
ATOM   991  N N   . SER A 1 125 ? 13.55183  6.28848   2.49000   1.000 35.75000 ? 125 SER A N   1 
ATOM   992  C CA  . SER A 1 125 ? 13.88969  7.64816   2.09381   1.000 38.94000 ? 125 SER A CA  1 
ATOM   993  C C   . SER A 1 125 ? 12.64559  8.49903   1.96569   1.000 38.65000 ? 125 SER A C   1 
ATOM   994  O O   . SER A 1 125 ? 12.68054  9.70140   2.24362   1.000 45.73000 ? 125 SER A O   1 
ATOM   995  C CB  . SER A 1 125 ? 14.63764  7.63621   0.76670   1.000 35.30000 ? 125 SER A CB  1 
ATOM   996  O OG  . SER A 1 125 ? 15.95919  7.17026   0.94756   1.000 45.12000 ? 125 SER A OG  1 
ATOM   997  N N   . LEU A 1 126 ? 11.54422  7.89509   1.53018   1.000 36.58000 ? 126 LEU A N   1 
ATOM   998  C CA  . LEU A 1 126 ? 10.28773  8.62559   1.43467   1.000 36.66000 ? 126 LEU A CA  1 
ATOM   999  C C   . LEU A 1 126 ? 9.68809   8.85926   2.81835   1.000 42.31000 ? 126 LEU A C   1 
ATOM   1000 O O   . LEU A 1 126 ? 9.39368   9.99481   3.19854   1.000 41.94000 ? 126 LEU A O   1 
ATOM   1001 C CB  . LEU A 1 126 ? 9.32284   7.84948   0.53526   1.000 37.67000 ? 126 LEU A CB  1 
ATOM   1002 C CG  . LEU A 1 126 ? 9.84445   7.69334   -0.89203  1.000 36.50000 ? 126 LEU A CG  1 
ATOM   1003 C CD1 . LEU A 1 126 ? 9.01911   6.69509   -1.67594  1.000 37.25000 ? 126 LEU A CD1 1 
ATOM   1004 C CD2 . LEU A 1 126 ? 9.81507   9.04647   -1.55165  1.000 34.49000 ? 126 LEU A CD2 1 
ATOM   1005 N N   . ARG A 1 127 ? 9.49282   7.79798   3.58969   1.000 35.74000 ? 127 ARG A N   1 
ATOM   1006 C CA  . ARG A 1 127 ? 8.93857   7.92643   4.93460   1.000 37.05000 ? 127 ARG A CA  1 
ATOM   1007 C C   . ARG A 1 127 ? 9.85150   7.15860   5.85725   1.000 41.67000 ? 127 ARG A C   1 
ATOM   1008 O O   . ARG A 1 127 ? 9.84479   5.90933   5.81846   1.000 36.21000 ? 127 ARG A O   1 
ATOM   1009 C CB  . ARG A 1 127 ? 7.51164   7.39477   5.03219   1.000 37.07000 ? 127 ARG A CB  1 
ATOM   1010 C CG  . ARG A 1 127 ? 6.47583   8.21648   4.25007   1.000 41.01000 ? 127 ARG A CG  1 
ATOM   1011 C CD  . ARG A 1 127 ? 6.27639   9.61771   4.80721   1.000 38.74000 ? 127 ARG A CD  1 
ATOM   1012 N NE  . ARG A 1 127 ? 5.13854   10.27662  4.17744   1.000 46.32000 ? 127 ARG A NE  1 
ATOM   1013 C CZ  . ARG A 1 127 ? 4.92444   11.58390  4.18950   1.000 48.71000 ? 127 ARG A CZ  1 
ATOM   1014 N NH1 . ARG A 1 127 ? 5.77754   12.41808  4.76812   1.000 49.73000 ? 127 ARG A NH1 1 
ATOM   1015 N NH2 . ARG A 1 127 ? 3.82830   12.06432  3.60736   1.000 49.24000 ? 127 ARG A NH2 1 
ATOM   1016 N N   . PRO A 1 128 ? 10.65441  7.83474   6.65990   1.000 46.15000 ? 128 PRO A N   1 
ATOM   1017 C CA  . PRO A 1 128 ? 11.49597  7.12336   7.62839   1.000 45.38000 ? 128 PRO A CA  1 
ATOM   1018 C C   . PRO A 1 128 ? 10.70972  6.12650   8.47817   1.000 49.41000 ? 128 PRO A C   1 
ATOM   1019 O O   . PRO A 1 128 ? 11.30017  5.25251   9.10949   1.000 52.41000 ? 128 PRO A O   1 
ATOM   1020 C CB  . PRO A 1 128 ? 12.08186  8.26297   8.47232   1.000 49.06000 ? 128 PRO A CB  1 
ATOM   1021 C CG  . PRO A 1 128 ? 12.15617  9.42285   7.51356   1.000 47.81000 ? 128 PRO A CG  1 
ATOM   1022 C CD  . PRO A 1 128 ? 10.90676  9.29042   6.65802   1.000 45.88000 ? 128 PRO A CD  1 
ATOM   1023 N N   . GLY A 1 129 ? 9.38787   6.20681   8.49718   1.000 48.63000 ? 129 GLY A N   1 
ATOM   1024 C CA  . GLY A 1 129 ? 8.70198   5.20042   9.28435   1.000 49.80000 ? 129 GLY A CA  1 
ATOM   1025 C C   . GLY A 1 129 ? 8.41331   3.86608   8.61311   1.000 50.81000 ? 129 GLY A C   1 
ATOM   1026 O O   . GLY A 1 129 ? 7.85830   2.97791   9.26634   1.000 49.48000 ? 129 GLY A O   1 
ATOM   1027 N N   . ALA A 1 130 ? 8.76604   3.67959   7.34224   1.000 46.56000 ? 130 ALA A N   1 
ATOM   1028 C CA  . ALA A 1 130 ? 8.27157   2.52949   6.59259   1.000 41.47000 ? 130 ALA A CA  1 
ATOM   1029 C C   . ALA A 1 130 ? 8.90051   1.22642   7.08602   1.000 42.25000 ? 130 ALA A C   1 
ATOM   1030 O O   . ALA A 1 130 ? 10.09660  1.16725   7.38008   1.000 45.13000 ? 130 ALA A O   1 
ATOM   1031 C CB  . ALA A 1 130 ? 8.54211   2.72012   5.10055   1.000 41.40000 ? 130 ALA A CB  1 
ATOM   1032 N N   . VAL A 1 131 ? 8.07250   0.17688   7.17342   1.000 38.87000 ? 131 VAL A N   1 
ATOM   1033 C CA  . VAL A 1 131 ? 8.44634   -1.14903  7.66579   1.000 36.86000 ? 131 VAL A CA  1 
ATOM   1034 C C   . VAL A 1 131 ? 8.95599   -1.05360  9.09682   1.000 40.07000 ? 131 VAL A C   1 
ATOM   1035 O O   . VAL A 1 131 ? 10.15108  -0.84476  9.33593   1.000 41.83000 ? 131 VAL A O   1 
ATOM   1036 C CB  . VAL A 1 131 ? 9.47025   -1.82514  6.74813   1.000 35.19000 ? 131 VAL A CB  1 
ATOM   1037 C CG1 . VAL A 1 131 ? 9.64074   -3.25705  7.15888   1.000 34.62000 ? 131 VAL A CG1 1 
ATOM   1038 C CG2 . VAL A 1 131 ? 8.99487   -1.75627  5.31096   1.000 33.12000 ? 131 VAL A CG2 1 
ATOM   1039 N N   . GLU A 1 132 ? 8.03886   -1.25308  10.04976  1.000 34.68000 ? 132 GLU A N   1 
ATOM   1040 C CA  . GLU A 1 132 ? 8.23458   -1.01669  11.47501  1.000 38.59000 ? 132 GLU A CA  1 
ATOM   1041 C C   . GLU A 1 132 ? 8.66006   -2.24032  12.28011  1.000 37.99000 ? 132 GLU A C   1 
ATOM   1042 O O   . GLU A 1 132 ? 9.20745   -2.06295  13.37225  1.000 39.98000 ? 132 GLU A O   1 
ATOM   1043 C CB  . GLU A 1 132 ? 6.93200   -0.49065  12.11163  1.000 41.07000 ? 132 GLU A CB  1 
ATOM   1044 C CG  . GLU A 1 132 ? 6.61072   0.96396   11.80711  1.000 43.62000 ? 132 GLU A CG  1 
ATOM   1045 C CD  . GLU A 1 132 ? 7.69705   1.92002   12.25985  1.000 48.10000 ? 132 GLU A CD  1 
ATOM   1046 N N   . THR A 1 133 ? 8.35983   -3.46473  11.83851  1.000 37.05000 ? 133 THR A N   1 
ATOM   1047 C CA  . THR A 1 133 ? 8.57124   -4.62833  12.69127  1.000 32.11000 ? 133 THR A CA  1 
ATOM   1048 C C   . THR A 1 133 ? 9.30294   -5.74141  11.94780  1.000 36.44000 ? 133 THR A C   1 
ATOM   1049 O O   . THR A 1 133 ? 9.32192   -5.80002  10.71795  1.000 31.37000 ? 133 THR A O   1 
ATOM   1050 C CB  . THR A 1 133 ? 7.25568   -5.18583  13.24222  1.000 35.59000 ? 133 THR A CB  1 
ATOM   1051 O OG1 . THR A 1 133 ? 6.54328   -5.82334  12.17853  1.000 37.78000 ? 133 THR A OG1 1 
ATOM   1052 C CG2 . THR A 1 133 ? 6.41586   -4.07893  13.82867  1.000 35.88000 ? 133 THR A CG2 1 
ATOM   1053 N N   . TYR A 1 134 ? 9.89412   -6.65719  12.73268  1.000 33.55000 ? 134 TYR A N   1 
ATOM   1054 C CA  . TYR A 1 134 ? 10.72767  -7.70374  12.15036  1.000 31.19000 ? 134 TYR A CA  1 
ATOM   1055 C C   . TYR A 1 134 ? 9.90807   -8.65035  11.28672  1.000 29.11000 ? 134 TYR A C   1 
ATOM   1056 O O   . TYR A 1 134 ? 10.40886  -9.16604  10.28232  1.000 32.07000 ? 134 TYR A O   1 
ATOM   1057 C CB  . TYR A 1 134 ? 11.43199  -8.49371  13.24706  1.000 36.07000 ? 134 TYR A CB  1 
ATOM   1058 C CG  . TYR A 1 134 ? 12.39944  -7.70134  14.08977  1.000 37.06000 ? 134 TYR A CG  1 
ATOM   1059 C CD1 . TYR A 1 134 ? 13.34277  -6.84928  13.51182  1.000 38.82000 ? 134 TYR A CD1 1 
ATOM   1060 C CD2 . TYR A 1 134 ? 12.38972  -7.82767  15.46441  1.000 40.94000 ? 134 TYR A CD2 1 
ATOM   1061 C CE1 . TYR A 1 134 ? 14.24138  -6.13712  14.30804  1.000 44.66000 ? 134 TYR A CE1 1 
ATOM   1062 C CE2 . TYR A 1 134 ? 13.27920  -7.13563  16.25971  1.000 41.42000 ? 134 TYR A CE2 1 
ATOM   1063 C CZ  . TYR A 1 134 ? 14.19490  -6.29184  15.68781  1.000 45.05000 ? 134 TYR A CZ  1 
ATOM   1064 O OH  . TYR A 1 134 ? 15.05995  -5.61825  16.51786  1.000 53.21000 ? 134 TYR A OH  1 
ATOM   1065 N N   . GLU A 1 135 ? 8.66406   -8.93477  11.68307  1.000 26.05000 ? 135 GLU A N   1 
ATOM   1066 C CA  . GLU A 1 135 ? 7.83196   -9.79278  10.84900  1.000 29.32000 ? 135 GLU A CA  1 
ATOM   1067 C C   . GLU A 1 135 ? 7.51946   -9.12019  9.52061   1.000 31.34000 ? 135 GLU A C   1 
ATOM   1068 O O   . GLU A 1 135 ? 7.40843   -9.79122  8.49469   1.000 28.60000 ? 135 GLU A O   1 
ATOM   1069 C CB  . GLU A 1 135 ? 6.53472   -10.15925 11.57252  1.000 29.56000 ? 135 GLU A CB  1 
ATOM   1070 C CG  . GLU A 1 135 ? 6.47869   -9.78432  13.04914  1.000 40.97000 ? 135 GLU A CG  1 
ATOM   1071 C CD  . GLU A 1 135 ? 5.09369   -9.23979  13.41533  1.000 52.85000 ? 135 GLU A CD  1 
ATOM   1072 O OE1 . GLU A 1 135 ? 4.80969   -8.06614  13.05581  1.000 41.77000 ? 135 GLU A OE1 1 
ATOM   1073 O OE2 . GLU A 1 135 ? 4.27534   -9.98699  14.01442  1.000 50.37000 ? 135 GLU A OE2 1 
ATOM   1074 N N   . GLN A 1 136 ? 7.33860   -7.79914  9.51721   1.000 25.40000 ? 136 GLN A N   1 
ATOM   1075 C CA  . GLN A 1 136 ? 7.17709   -7.09689  8.24483   1.000 30.21000 ? 136 GLN A CA  1 
ATOM   1076 C C   . GLN A 1 136 ? 8.41215   -7.27606  7.36181   1.000 28.88000 ? 136 GLN A C   1 
ATOM   1077 O O   . GLN A 1 136 ? 8.30087   -7.66823  6.19620   1.000 29.83000 ? 136 GLN A O   1 
ATOM   1078 C CB  . GLN A 1 136 ? 6.86266   -5.62074  8.50081   1.000 25.97000 ? 136 GLN A CB  1 
ATOM   1079 C CG  . GLN A 1 136 ? 5.43349   -5.45861  9.08828   1.000 29.69000 ? 136 GLN A CG  1 
ATOM   1080 C CD  . GLN A 1 136 ? 5.18439   -4.12037  9.76171   1.000 31.94000 ? 136 GLN A CD  1 
ATOM   1081 O OE1 . GLN A 1 136 ? 6.00596   -3.21961  9.70416   1.000 34.06000 ? 136 GLN A OE1 1 
ATOM   1082 N NE2 . GLN A 1 136 ? 4.03604   -3.99467  10.41200  1.000 37.45000 ? 136 GLN A NE2 1 
ATOM   1083 N N   . MET A 1 137 ? 9.60425   -7.02380  7.90959   1.000 27.44000 ? 137 MET A N   1 
ATOM   1084 C CA  . MET A 1 137 ? 10.83529  -7.25427  7.14559   1.000 30.01000 ? 137 MET A CA  1 
ATOM   1085 C C   . MET A 1 137 ? 10.93900  -8.70633  6.69690   1.000 32.10000 ? 137 MET A C   1 
ATOM   1086 O O   . MET A 1 137 ? 11.31807  -8.99517  5.55612   1.000 30.10000 ? 137 MET A O   1 
ATOM   1087 C CB  . MET A 1 137 ? 12.05048  -6.89817  7.99183   1.000 29.06000 ? 137 MET A CB  1 
ATOM   1088 C CG  . MET A 1 137 ? 13.33667  -7.00709  7.24282   1.000 42.00000 ? 137 MET A CG  1 
ATOM   1089 S SD  . MET A 1 137 ? 13.46487  -5.41808  6.44665   1.000 48.27000 ? 137 MET A SD  1 
ATOM   1090 C CE  . MET A 1 137 ? 13.50140  -4.38620  7.91799   1.000 47.36000 ? 137 MET A CE  1 
ATOM   1091 N N   . GLU A 1 138 ? 10.59102  -9.63873  7.58161   1.000 29.18000 ? 138 GLU A N   1 
ATOM   1092 C CA  . GLU A 1 138 ? 10.73019  -11.04946 7.23888   1.000 31.64000 ? 138 GLU A CA  1 
ATOM   1093 C C   . GLU A 1 138 ? 9.81396   -11.43202 6.07646   1.000 30.01000 ? 138 GLU A C   1 
ATOM   1094 O O   . GLU A 1 138 ? 10.21183  -12.19967 5.19324   1.000 31.17000 ? 138 GLU A O   1 
ATOM   1095 C CB  . GLU A 1 138 ? 10.45169  -11.92649 8.47193   1.000 28.30000 ? 138 GLU A CB  1 
ATOM   1096 C CG  . GLU A 1 138 ? 10.66124  -13.38803 8.19740   1.000 29.53000 ? 138 GLU A CG  1 
ATOM   1097 C CD  . GLU A 1 138 ? 12.06826  -13.70401 7.70053   1.000 33.53000 ? 138 GLU A CD  1 
ATOM   1098 O OE1 . GLU A 1 138 ? 13.04051  -13.03749 8.12962   1.000 34.79000 ? 138 GLU A OE1 1 
ATOM   1099 O OE2 . GLU A 1 138 ? 12.20155  -14.62979 6.87367   1.000 35.04000 ? 138 GLU A OE2 1 
ATOM   1100 N N   . VAL A 1 139 ? 8.57972   -10.91605 6.04675   1.000 25.43000 ? 139 VAL A N   1 
ATOM   1101 C CA  . VAL A 1 139 ? 7.72393   -11.30436 4.92468   1.000 27.94000 ? 139 VAL A CA  1 
ATOM   1102 C C   . VAL A 1 139 ? 8.30423   -10.76167 3.62041   1.000 27.50000 ? 139 VAL A C   1 
ATOM   1103 O O   . VAL A 1 139 ? 8.13343   -11.36717 2.55611   1.000 27.70000 ? 139 VAL A O   1 
ATOM   1104 C CB  . VAL A 1 139 ? 6.25119   -10.86600 5.12641   1.000 30.31000 ? 139 VAL A CB  1 
ATOM   1105 C CG1 . VAL A 1 139 ? 6.07193   -9.34939  4.91212   1.000 26.07000 ? 139 VAL A CG1 1 
ATOM   1106 C CG2 . VAL A 1 139 ? 5.35719   -11.61154 4.14788   1.000 28.28000 ? 139 VAL A CG2 1 
ATOM   1107 N N   . LEU A 1 140 ? 9.01352   -9.63060  3.68206   1.000 26.18000 ? 140 LEU A N   1 
ATOM   1108 C CA  . LEU A 1 140 ? 9.67120   -9.08933  2.49508   1.000 27.42000 ? 140 LEU A CA  1 
ATOM   1109 C C   . LEU A 1 140 ? 10.84035  -9.97340  2.07778   1.000 31.41000 ? 140 LEU A C   1 
ATOM   1110 O O   . LEU A 1 140 ? 11.04788  -10.21164 0.88506   1.000 32.25000 ? 140 LEU A O   1 
ATOM   1111 C CB  . LEU A 1 140 ? 10.14281  -7.66795  2.77528   1.000 23.59000 ? 140 LEU A CB  1 
ATOM   1112 C CG  . LEU A 1 140 ? 9.00082   -6.66840  3.00385   1.000 27.31000 ? 140 LEU A CG  1 
ATOM   1113 C CD1 . LEU A 1 140 ? 9.53418   -5.28985  3.38921   1.000 25.76000 ? 140 LEU A CD1 1 
ATOM   1114 C CD2 . LEU A 1 140 ? 8.17684   -6.56184  1.74741   1.000 23.81000 ? 140 LEU A CD2 1 
ATOM   1115 N N   . LYS A 1 141 ? 11.61263  -10.48323 3.04686   1.000 26.29000 ? 141 LYS A N   1 
ATOM   1116 C CA  . LYS A 1 141 ? 12.66046  -11.44364 2.70734   1.000 31.51000 ? 141 LYS A CA  1 
ATOM   1117 C C   . LYS A 1 141 ? 12.05736  -12.69503 2.07574   1.000 31.74000 ? 141 LYS A C   1 
ATOM   1118 O O   . LYS A 1 141 ? 12.58029  -13.21790 1.08499   1.000 30.49000 ? 141 LYS A O   1 
ATOM   1119 C CB  . LYS A 1 141 ? 13.47032  -11.79808 3.95155   1.000 30.66000 ? 141 LYS A CB  1 
ATOM   1120 C CG  . LYS A 1 141 ? 14.21339  -10.62965 4.58102   1.000 31.12000 ? 141 LYS A CG  1 
ATOM   1121 C CD  . LYS A 1 141 ? 14.85980  -11.02933 5.91579   1.000 40.27000 ? 141 LYS A CD  1 
ATOM   1122 C CE  . LYS A 1 141 ? 15.56087  -9.85377  6.57537   1.000 39.79000 ? 141 LYS A CE  1 
ATOM   1123 N NZ  . LYS A 1 141 ? 16.14133  -10.22899 7.88990   1.000 47.74000 ? 141 LYS A NZ  1 
ATOM   1124 N N   . GLU A 1 142 ? 10.92377  -13.15662 2.60474   1.000 30.30000 ? 142 GLU A N   1 
ATOM   1125 C CA  . GLU A 1 142 ? 10.22717  -14.28611 1.99718   1.000 31.08000 ? 142 GLU A CA  1 
ATOM   1126 C C   . GLU A 1 142 ? 9.77169   -13.96066 0.57885   1.000 31.15000 ? 142 GLU A C   1 
ATOM   1127 O O   . GLU A 1 142 ? 9.80616   -14.82036 -0.31186  1.000 31.57000 ? 142 GLU A O   1 
ATOM   1128 C CB  . GLU A 1 142 ? 9.03786   -14.68223 2.87016   1.000 31.21000 ? 142 GLU A CB  1 
ATOM   1129 C CG  . GLU A 1 142 ? 9.45720   -15.11911 4.26894   1.000 34.21000 ? 142 GLU A CG  1 
ATOM   1130 C CD  . GLU A 1 142 ? 8.27553   -15.34275 5.19456   1.000 37.54000 ? 142 GLU A CD  1 
ATOM   1131 O OE1 . GLU A 1 142 ? 7.11845   -15.23293 4.72950   1.000 38.34000 ? 142 GLU A OE1 1 
ATOM   1132 O OE2 . GLU A 1 142 ? 8.50944   -15.62986 6.39325   1.000 41.85000 ? 142 GLU A OE2 1 
ATOM   1133 N N   . LEU A 1 143 ? 9.31986   -12.73275 0.34886   1.000 28.57000 ? 143 LEU A N   1 
ATOM   1134 C CA  . LEU A 1 143 ? 8.90549   -12.36353 -1.00114  1.000 31.29000 ? 143 LEU A CA  1 
ATOM   1135 C C   . LEU A 1 143 ? 10.09064  -12.41289 -1.96171  1.000 30.89000 ? 143 LEU A C   1 
ATOM   1136 O O   . LEU A 1 143 ? 10.01150  -13.02346 -3.03154  1.000 32.26000 ? 143 LEU A O   1 
ATOM   1137 C CB  . LEU A 1 143 ? 8.25977   -10.97914 -0.98971  1.000 28.96000 ? 143 LEU A CB  1 
ATOM   1138 C CG  . LEU A 1 143 ? 7.92518   -10.39289 -2.36025  1.000 29.58000 ? 143 LEU A CG  1 
ATOM   1139 C CD1 . LEU A 1 143 ? 6.94080   -11.28667 -3.13144  1.000 29.37000 ? 143 LEU A CD1 1 
ATOM   1140 C CD2 . LEU A 1 143 ? 7.37039   -8.99346  -2.15983  1.000 27.37000 ? 143 LEU A CD2 1 
ATOM   1141 N N   . GLU A 1 144 ? 11.20917  -11.79327 -1.58359  1.000 29.87000 ? 144 GLU A N   1 
ATOM   1142 C CA  . GLU A 1 144 ? 12.42487  -11.87155 -2.39777  1.000 34.12000 ? 144 GLU A CA  1 
ATOM   1143 C C   . GLU A 1 144 ? 12.77930  -13.31522 -2.74505  1.000 36.65000 ? 144 GLU A C   1 
ATOM   1144 O O   . GLU A 1 144 ? 13.00219  -13.64540 -3.91422  1.000 32.91000 ? 144 GLU A O   1 
ATOM   1145 C CB  . GLU A 1 144 ? 13.58110  -11.19172 -1.66527  1.000 35.72000 ? 144 GLU A CB  1 
ATOM   1146 C CG  . GLU A 1 144 ? 14.81620  -10.92553 -2.52765  1.000 48.78000 ? 144 GLU A CG  1 
ATOM   1147 C CD  . GLU A 1 144 ? 15.91506  -10.22344 -1.74928  1.000 51.05000 ? 144 GLU A CD  1 
ATOM   1148 O OE1 . GLU A 1 144 ? 15.94228  -10.37236 -0.50919  1.000 53.58000 ? 144 GLU A OE1 1 
ATOM   1149 O OE2 . GLU A 1 144 ? 16.74721  -9.52216  -2.36446  1.000 52.59000 ? 144 GLU A OE2 1 
ATOM   1150 N N   . LYS A 1 145 ? 12.82629  -14.20043 -1.74259  1.000 33.60000 ? 145 LYS A N   1 
ATOM   1151 C CA  . LYS A 1 145 ? 13.09676  -15.60871 -2.02620  1.000 36.50000 ? 145 LYS A CA  1 
ATOM   1152 C C   . LYS A 1 145 ? 12.11825  -16.14169 -3.06332  1.000 40.30000 ? 145 LYS A C   1 
ATOM   1153 O O   . LYS A 1 145 ? 12.50790  -16.84103 -4.00964  1.000 39.14000 ? 145 LYS A O   1 
ATOM   1154 C CB  . LYS A 1 145 ? 13.03313  -16.43736 -0.73698  1.000 34.73000 ? 145 LYS A CB  1 
ATOM   1155 N N   . PHE A 1 146 ? 10.84518  -15.77524 -2.92413  1.000 37.71000 ? 146 PHE A N   1 
ATOM   1156 C CA  . PHE A 1 146 ? 9.81478   -16.25869 -3.83675  1.000 39.24000 ? 146 PHE A CA  1 
ATOM   1157 C C   . PHE A 1 146 ? 10.06335  -15.79318 -5.26610  1.000 37.54000 ? 146 PHE A C   1 
ATOM   1158 O O   . PHE A 1 146 ? 9.90905   -16.56845 -6.21911  1.000 39.56000 ? 146 PHE A O   1 
ATOM   1159 C CB  . PHE A 1 146 ? 8.44263   -15.78205 -3.36492  1.000 35.26000 ? 146 PHE A CB  1 
ATOM   1160 C CG  . PHE A 1 146 ? 7.32994   -16.17181 -4.28246  1.000 39.65000 ? 146 PHE A CG  1 
ATOM   1161 C CD1 . PHE A 1 146 ? 6.76223   -17.43153 -4.20688  1.000 43.77000 ? 146 PHE A CD1 1 
ATOM   1162 C CD2 . PHE A 1 146 ? 6.83942   -15.28117 -5.21397  1.000 37.65000 ? 146 PHE A CD2 1 
ATOM   1163 C CE1 . PHE A 1 146 ? 5.73368   -17.79184 -5.05225  1.000 43.45000 ? 146 PHE A CE1 1 
ATOM   1164 C CE2 . PHE A 1 146 ? 5.81370   -15.64196 -6.05847  1.000 38.79000 ? 146 PHE A CE2 1 
ATOM   1165 C CZ  . PHE A 1 146 ? 5.27132   -16.89757 -5.98371  1.000 40.37000 ? 146 PHE A CZ  1 
ATOM   1166 N N   . LEU A 1 147 ? 10.45289  -14.53548 -5.43652  1.000 37.07000 ? 147 LEU A N   1 
ATOM   1167 C CA  . LEU A 1 147 ? 10.58134  -13.99114 -6.78365  1.000 40.07000 ? 147 LEU A CA  1 
ATOM   1168 C C   . LEU A 1 147 ? 11.83438  -14.50770 -7.48821  1.000 43.70000 ? 147 LEU A C   1 
ATOM   1169 O O   . LEU A 1 147 ? 11.79295  -14.80560 -8.68656  1.000 45.80000 ? 147 LEU A O   1 
ATOM   1170 C CB  . LEU A 1 147 ? 10.54747  -12.45886 -6.72506  1.000 34.88000 ? 147 LEU A CB  1 
ATOM   1171 C CG  . LEU A 1 147 ? 9.22194   -11.86965 -6.18223  1.000 37.68000 ? 147 LEU A CG  1 
ATOM   1172 C CD1 . LEU A 1 147 ? 9.29354   -10.36014 -5.94300  1.000 33.51000 ? 147 LEU A CD1 1 
ATOM   1173 C CD2 . LEU A 1 147 ? 8.03421   -12.17105 -7.09902  1.000 40.46000 ? 147 LEU A CD2 1 
ATOM   1174 N N   . ARG A 1 148 ? 12.94383  -14.66207 -6.76696  1.000 42.21000 ? 148 ARG A N   1 
ATOM   1175 C CA  . ARG A 1 148 ? 14.17171  -15.15525 -7.38276  1.000 48.74000 ? 148 ARG A CA  1 
ATOM   1176 C C   . ARG A 1 148 ? 14.08778  -16.60981 -7.81898  1.000 51.11000 ? 148 ARG A C   1 
ATOM   1177 O O   . ARG A 1 148 ? 15.03302  -17.09234 -8.44625  1.000 53.60000 ? 148 ARG A O   1 
ATOM   1178 C CB  . ARG A 1 148 ? 15.34776  -14.98573 -6.42020  1.000 48.30000 ? 148 ARG A CB  1 
ATOM   1179 C CG  . ARG A 1 148 ? 15.64893  -13.53344 -6.14209  1.000 52.47000 ? 148 ARG A CG  1 
ATOM   1180 C CD  . ARG A 1 148 ? 16.93110  -13.33954 -5.37518  1.000 55.58000 ? 148 ARG A CD  1 
ATOM   1181 N NE  . ARG A 1 148 ? 17.14933  -11.92421 -5.10964  1.000 61.26000 ? 148 ARG A NE  1 
ATOM   1182 C CZ  . ARG A 1 148 ? 18.31080  -11.38792 -4.76065  1.000 64.66000 ? 148 ARG A CZ  1 
ATOM   1183 N NH1 . ARG A 1 148 ? 19.40952  -12.12210 -4.65281  1.000 68.56000 ? 148 ARG A NH1 1 
ATOM   1184 N NH2 . ARG A 1 148 ? 18.37212  -10.08129 -4.51910  1.000 62.70000 ? 148 ARG A NH2 1 
ATOM   1185 N N   . SER A 1 149 ? 12.99694  -17.31322 -7.51321  1.000 46.77000 ? 149 SER A N   1 
ATOM   1186 C CA  . SER A 1 149 ? 12.90279  -18.74505 -7.79719  1.000 45.55000 ? 149 SER A CA  1 
ATOM   1187 C C   . SER A 1 149 ? 11.96623  -19.06530 -8.95346  1.000 51.40000 ? 149 SER A C   1 
ATOM   1188 O O   . SER A 1 149 ? 11.42021  -18.16194 -9.59243  1.000 56.61000 ? 149 SER A O   1 
ATOM   1189 C CB  . SER A 1 149 ? 12.44646  -19.47983 -6.54881  1.000 49.68000 ? 149 SER A CB  1 
ATOM   1190 O OG  . SER A 1 149 ? 13.26732  -19.11165 -5.45631  1.000 56.86000 ? 149 SER A OG  1 
HETATM 1191 S S   . SO4 B 2 .   ? 21.06628  -7.98277  -6.72700  1.000 70.28000 ? 201 SO4 A S   1 
HETATM 1192 O O1  . SO4 B 2 .   ? 20.67791  -8.42827  -5.38569  1.000 57.02000 ? 201 SO4 A O1  1 
HETATM 1193 O O2  . SO4 B 2 .   ? 21.80091  -6.71681  -6.62999  1.000 59.85000 ? 201 SO4 A O2  1 
HETATM 1194 O O3  . SO4 B 2 .   ? 21.91158  -9.02439  -7.30115  1.000 63.75000 ? 201 SO4 A O3  1 
HETATM 1195 O O4  . SO4 B 2 .   ? 19.89501  -7.77517  -7.59106  1.000 62.51000 ? 201 SO4 A O4  1 
HETATM 1196 S S   . SO4 C 2 .   ? 23.39049  -1.63577  -3.80915  1.000 67.07000 ? 202 SO4 A S   1 
HETATM 1197 O O1  . SO4 C 2 .   ? 24.34480  -2.49007  -3.10148  1.000 64.16000 ? 202 SO4 A O1  1 
HETATM 1198 O O2  . SO4 C 2 .   ? 23.51963  -0.25372  -3.34845  1.000 61.72000 ? 202 SO4 A O2  1 
HETATM 1199 O O3  . SO4 C 2 .   ? 23.65090  -1.74527  -5.25186  1.000 64.79000 ? 202 SO4 A O3  1 
HETATM 1200 O O4  . SO4 C 2 .   ? 22.03306  -2.07829  -3.51328  1.000 59.21000 ? 202 SO4 A O4  1 
HETATM 1201 V V   . VO4 D 3 .   ? 1.81324   -0.54992  11.81801  1.000 56.21000 ? 203 VO4 A V   1 
HETATM 1202 O O1  . VO4 D 3 .   ? 0.42866   -1.13666  12.99415  1.000 50.16000 ? 203 VO4 A O1  1 
HETATM 1203 O O2  . VO4 D 3 .   ? 2.50584   1.11648   12.43502  1.000 60.56000 ? 203 VO4 A O2  1 
HETATM 1204 O O3  . VO4 D 3 .   ? 1.05882   -0.37563  10.08297  1.000 48.13000 ? 203 VO4 A O3  1 
HETATM 1205 O O4  . VO4 D 3 .   ? 3.18401   -1.87212  11.79932  1.000 44.65000 ? 203 VO4 A O4  1 
HETATM 1206 C C1  . GOL E 4 .   ? 6.17582   -14.98656 8.89881   1.000 44.17000 ? 204 GOL A C1  1 
HETATM 1207 O O1  . GOL E 4 .   ? 5.22348   -15.71767 8.11059   1.000 54.47000 ? 204 GOL A O1  1 
HETATM 1208 C C2  . GOL E 4 .   ? 5.76273   -13.47300 9.04143   1.000 47.63000 ? 204 GOL A C2  1 
HETATM 1209 O O2  . GOL E 4 .   ? 6.86454   -12.71563 9.41178   1.000 44.17000 ? 204 GOL A O2  1 
HETATM 1210 C C3  . GOL E 4 .   ? 5.15777   -13.17383 7.66607   1.000 42.05000 ? 204 GOL A C3  1 
HETATM 1211 O O3  . GOL E 4 .   ? 3.82956   -12.78503 7.85315   1.000 37.19000 ? 204 GOL A O3  1 
HETATM 1212 H H11 . GOL E 4 .   ? 6.26331   -15.35903 9.78974   1.000 53.06000 ? 204 GOL A H11 1 
HETATM 1213 H H12 . GOL E 4 .   ? 7.06349   -15.02027 8.50852   1.000 53.06000 ? 204 GOL A H12 1 
HETATM 1214 H HO1 . GOL E 4 .   ? 4.45837   -15.46921 8.35974   1.000 65.42000 ? 204 GOL A HO1 1 
HETATM 1215 H H2  . GOL E 4 .   ? 5.10740   -13.28172 9.73074   1.000 57.22000 ? 204 GOL A H2  1 
HETATM 1216 H HO2 . GOL E 4 .   ? 7.07395   -12.96162 10.21154  1.000 53.07000 ? 204 GOL A HO2 1 
HETATM 1217 H H31 . GOL E 4 .   ? 5.24956   -13.96433 7.11115   1.000 50.52000 ? 204 GOL A H31 1 
HETATM 1218 H H32 . GOL E 4 .   ? 5.69716   -12.49328 7.23281   1.000 50.52000 ? 204 GOL A H32 1 
HETATM 1219 H HO3 . GOL E 4 .   ? 3.37737   -13.13653 7.22214   1.000 44.69000 ? 204 GOL A HO3 1 
HETATM 1220 O O   . HOH F 5 .   ? 1.11175   -9.83892  -11.77868 1.000 45.88000 ? 301 HOH A O   1 
HETATM 1221 O O   . HOH F 5 .   ? 23.54997  -3.52259  -6.76724  1.000 49.44000 ? 302 HOH A O   1 
HETATM 1222 O O   . HOH F 5 .   ? 1.21197   13.16881  6.39013   1.000 44.91000 ? 303 HOH A O   1 
HETATM 1223 O O   . HOH F 5 .   ? -5.43623  -9.93711  0.22251   1.000 40.06000 ? 304 HOH A O   1 
HETATM 1224 O O   . HOH F 5 .   ? 9.48454   12.25213  1.70020   1.000 41.19000 ? 305 HOH A O   1 
HETATM 1225 O O   . HOH F 5 .   ? 19.27475  -2.85672  -8.73746  1.000 39.95000 ? 306 HOH A O   1 
HETATM 1226 O O   . HOH F 5 .   ? -5.53479  -4.50202  14.38764  1.000 44.89000 ? 307 HOH A O   1 
HETATM 1227 O O   . HOH F 5 .   ? -10.22878 4.28165   3.26858   1.000 24.53000 ? 308 HOH A O   1 
HETATM 1228 O O   . HOH F 5 .   ? 0.83487   10.43857  5.12652   1.000 36.97000 ? 309 HOH A O   1 
HETATM 1229 O O   . HOH F 5 .   ? -16.60233 -0.33514  5.53319   1.000 39.16000 ? 310 HOH A O   1 
HETATM 1230 O O   . HOH F 5 .   ? -19.47951 7.03224   6.20559   1.000 37.46000 ? 311 HOH A O   1 
HETATM 1231 O O   . HOH F 5 .   ? -1.51892  -8.15382  -14.88467 1.000 50.94000 ? 312 HOH A O   1 
HETATM 1232 O O   . HOH F 5 .   ? 3.81449   -16.24588 5.14133   1.000 43.00000 ? 313 HOH A O   1 
HETATM 1233 O O   . HOH F 5 .   ? -14.26428 -1.70238  -6.07616  1.000 42.43000 ? 314 HOH A O   1 
HETATM 1234 O O   . HOH F 5 .   ? -12.89446 -5.97731  7.99574   1.000 43.33000 ? 315 HOH A O   1 
HETATM 1235 O O   . HOH F 5 .   ? 18.88331  -7.59919  -0.56852  1.000 41.39000 ? 316 HOH A O   1 
HETATM 1236 O O   . HOH F 5 .   ? -19.53699 8.84351   7.51528   1.000 50.30000 ? 317 HOH A O   1 
HETATM 1237 O O   . HOH F 5 .   ? -0.73566  5.32980   -16.59585 1.000 47.13000 ? 318 HOH A O   1 
# 
